data_5YU0
#
_entry.id   5YU0
#
_cell.length_a   270.511
_cell.length_b   64.388
_cell.length_c   106.403
_cell.angle_alpha   90.00
_cell.angle_beta   104.10
_cell.angle_gamma   90.00
#
_symmetry.space_group_name_H-M   'C 1 2 1'
#
loop_
_entity.id
_entity.type
_entity.pdbx_description
1 polymer 'Lysine cyclodeaminase'
2 non-polymer 'SODIUM ION'
3 non-polymer NICOTINAMIDE-ADENINE-DINUCLEOTIDE
4 water water
#
_entity_poly.entity_id   1
_entity_poly.type   'polypeptide(L)'
_entity_poly.pdbx_seq_one_letter_code
;METWVLGRRDVAEVVAAVGRDELMRRIIDRLTGGLAEIGRGERHLSPLRGGLERSEPVPGIWEWMPHREPGDHITLKTVG
YSPANPARFGLPTILGTVARYDDTTGALTALMDGVLLTALRTGAASAVASRLLARPDSHTLGLIGTGAQAVTQLHALSLV
LPLQRALVWDTDPAHRESFARRAAFTGVSVEIAEPARIAAEADVISTATSVAVGQGPVLPDTGVREHLHINAVGADLVGK
TELPLGLLERAFVTADHPEQALREGECQQLSADRLGPQLAHLCADPAAAAGRQDTLSVFDSTGFAFEDALAMEVFLEAAA
ERDLGIRVGIEHHPGDALDPYALQ
;
_entity_poly.pdbx_strand_id   A,B,C,D
#
loop_
_chem_comp.id
_chem_comp.type
_chem_comp.name
_chem_comp.formula
NA non-polymer 'SODIUM ION' 'Na 1'
NAD non-polymer NICOTINAMIDE-ADENINE-DINUCLEOTIDE 'C21 H27 N7 O14 P2'
#
# COMPACT_ATOMS: atom_id res chain seq x y z
N MET A 1 19.56 -0.09 26.47
CA MET A 1 18.43 0.70 25.98
C MET A 1 18.69 1.23 24.58
N GLU A 2 17.78 0.95 23.66
CA GLU A 2 17.84 1.50 22.32
C GLU A 2 16.51 2.15 21.97
N THR A 3 16.56 3.06 21.00
CA THR A 3 15.36 3.75 20.54
C THR A 3 14.56 2.84 19.61
N TRP A 4 13.26 2.75 19.84
CA TRP A 4 12.37 2.00 18.96
C TRP A 4 11.97 2.91 17.80
N VAL A 5 12.46 2.61 16.60
CA VAL A 5 12.17 3.42 15.43
C VAL A 5 11.11 2.70 14.59
N LEU A 6 10.01 3.38 14.31
CA LEU A 6 9.01 2.91 13.35
C LEU A 6 9.27 3.62 12.03
N GLY A 7 9.86 2.91 11.07
CA GLY A 7 10.06 3.49 9.76
C GLY A 7 8.76 3.73 9.02
N ARG A 8 8.86 4.45 7.90
CA ARG A 8 7.70 4.64 7.02
C ARG A 8 7.09 3.30 6.64
N ARG A 9 7.92 2.27 6.47
CA ARG A 9 7.43 0.94 6.13
C ARG A 9 6.59 0.36 7.26
N ASP A 10 7.05 0.52 8.51
CA ASP A 10 6.32 -0.04 9.64
C ASP A 10 4.98 0.67 9.83
N VAL A 11 4.95 1.99 9.64
CA VAL A 11 3.71 2.74 9.74
C VAL A 11 2.74 2.30 8.64
N ALA A 12 3.25 2.11 7.42
CA ALA A 12 2.43 1.61 6.31
C ALA A 12 1.87 0.22 6.61
N GLU A 13 2.68 -0.64 7.23
CA GLU A 13 2.19 -1.98 7.55
C GLU A 13 1.12 -1.95 8.62
N VAL A 14 1.20 -1.02 9.57
CA VAL A 14 0.16 -0.90 10.59
C VAL A 14 -1.17 -0.54 9.94
N VAL A 15 -1.18 0.47 9.07
CA VAL A 15 -2.45 0.87 8.49
C VAL A 15 -2.93 -0.17 7.49
N ALA A 16 -2.02 -0.83 6.76
CA ALA A 16 -2.44 -1.90 5.86
C ALA A 16 -3.06 -3.07 6.62
N ALA A 17 -2.45 -3.49 7.74
CA ALA A 17 -2.98 -4.64 8.46
C ALA A 17 -4.30 -4.33 9.16
N VAL A 18 -4.38 -3.15 9.78
CA VAL A 18 -5.56 -2.77 10.56
C VAL A 18 -6.69 -2.25 9.66
N GLY A 19 -6.34 -1.58 8.57
CA GLY A 19 -7.33 -0.98 7.69
C GLY A 19 -7.52 0.49 8.00
N ARG A 20 -7.72 1.31 6.96
CA ARG A 20 -7.89 2.75 7.19
C ARG A 20 -9.09 3.04 8.08
N ASP A 21 -10.22 2.36 7.84
CA ASP A 21 -11.43 2.66 8.61
C ASP A 21 -11.24 2.36 10.08
N GLU A 22 -10.80 1.14 10.39
CA GLU A 22 -10.61 0.74 11.77
C GLU A 22 -9.56 1.62 12.47
N LEU A 23 -8.46 1.91 11.78
CA LEU A 23 -7.43 2.74 12.39
C LEU A 23 -7.95 4.14 12.69
N MET A 24 -8.67 4.74 11.73
CA MET A 24 -9.27 6.05 11.98
C MET A 24 -10.28 5.98 13.13
N ARG A 25 -11.09 4.92 13.20
CA ARG A 25 -12.05 4.79 14.29
C ARG A 25 -11.34 4.68 15.64
N ARG A 26 -10.24 3.91 15.70
CA ARG A 26 -9.48 3.80 16.94
C ARG A 26 -9.00 5.18 17.41
N ILE A 27 -8.53 5.99 16.47
CA ILE A 27 -7.99 7.31 16.82
C ILE A 27 -9.11 8.27 17.20
N ILE A 28 -10.24 8.22 16.47
CA ILE A 28 -11.42 8.97 16.91
C ILE A 28 -11.80 8.61 18.34
N ASP A 29 -11.91 7.32 18.64
CA ASP A 29 -12.33 6.89 19.98
C ASP A 29 -11.32 7.31 21.04
N ARG A 30 -10.02 7.19 20.75
CA ARG A 30 -8.99 7.59 21.71
C ARG A 30 -9.04 9.09 21.98
N LEU A 31 -9.15 9.88 20.91
CA LEU A 31 -9.23 11.34 21.08
C LEU A 31 -10.45 11.74 21.91
N THR A 32 -11.58 11.09 21.64
CA THR A 32 -12.81 11.39 22.38
C THR A 32 -12.62 11.17 23.87
N GLY A 33 -12.15 9.98 24.26
CA GLY A 33 -11.89 9.72 25.67
C GLY A 33 -10.84 10.66 26.25
N GLY A 34 -9.78 10.94 25.49
CA GLY A 34 -8.74 11.79 26.00
C GLY A 34 -9.18 13.24 26.18
N LEU A 35 -9.95 13.76 25.22
CA LEU A 35 -10.55 15.09 25.37
C LEU A 35 -11.47 15.15 26.59
N ALA A 36 -12.27 14.10 26.79
CA ALA A 36 -13.15 14.06 27.95
C ALA A 36 -12.34 14.07 29.25
N GLU A 37 -11.22 13.36 29.27
CA GLU A 37 -10.35 13.38 30.45
C GLU A 37 -9.83 14.80 30.73
N ILE A 38 -9.43 15.53 29.68
CA ILE A 38 -9.02 16.92 29.86
C ILE A 38 -10.18 17.73 30.42
N GLY A 39 -11.37 17.54 29.83
CA GLY A 39 -12.53 18.29 30.29
C GLY A 39 -12.89 18.02 31.73
N ARG A 40 -12.55 16.84 32.24
CA ARG A 40 -12.82 16.52 33.64
C ARG A 40 -11.70 16.94 34.56
N GLY A 41 -10.67 17.60 34.04
CA GLY A 41 -9.53 17.96 34.85
C GLY A 41 -8.64 16.80 35.25
N GLU A 42 -8.78 15.65 34.58
CA GLU A 42 -7.89 14.53 34.84
C GLU A 42 -6.59 14.65 34.07
N ARG A 43 -6.58 15.45 33.01
CA ARG A 43 -5.41 15.72 32.19
C ARG A 43 -5.40 17.20 31.83
N HIS A 44 -4.28 17.66 31.31
CA HIS A 44 -4.11 19.08 31.02
C HIS A 44 -3.87 19.29 29.54
N LEU A 45 -4.43 20.38 29.00
CA LEU A 45 -4.07 20.81 27.65
C LEU A 45 -2.56 20.93 27.53
N SER A 46 -2.06 20.64 26.32
CA SER A 46 -0.63 20.81 26.06
C SER A 46 -0.24 22.29 26.11
N PRO A 47 1.02 22.59 26.45
CA PRO A 47 1.49 23.97 26.32
C PRO A 47 1.41 24.44 24.86
N LEU A 48 1.45 25.76 24.69
CA LEU A 48 1.43 26.34 23.36
C LEU A 48 2.59 25.81 22.53
N ARG A 49 2.33 25.51 21.27
CA ARG A 49 3.45 25.16 20.40
C ARG A 49 4.28 26.40 20.07
N GLY A 50 5.50 26.17 19.62
CA GLY A 50 6.36 27.22 19.12
C GLY A 50 6.70 26.95 17.66
N GLY A 51 7.30 27.94 17.02
CA GLY A 51 7.61 27.79 15.61
C GLY A 51 8.60 28.80 15.10
N LEU A 52 9.17 28.47 13.93
CA LEU A 52 10.09 29.32 13.19
C LEU A 52 9.50 29.60 11.81
N GLU A 53 9.25 30.87 11.52
CA GLU A 53 8.74 31.25 10.20
C GLU A 53 9.82 31.14 9.13
N ARG A 54 9.42 30.72 7.93
CA ARG A 54 10.32 30.58 6.80
C ARG A 54 9.69 31.29 5.62
N SER A 55 10.46 32.12 4.92
CA SER A 55 9.87 32.94 3.87
C SER A 55 9.99 32.34 2.48
N GLU A 56 10.97 31.46 2.24
CA GLU A 56 11.20 30.95 0.90
C GLU A 56 10.95 29.45 0.83
N PRO A 57 10.49 28.93 -0.32
CA PRO A 57 10.15 29.65 -1.55
C PRO A 57 8.86 30.44 -1.43
N VAL A 58 7.98 29.99 -0.53
CA VAL A 58 6.79 30.75 -0.13
C VAL A 58 6.73 30.70 1.40
N PRO A 59 5.97 31.60 2.02
CA PRO A 59 5.93 31.62 3.49
C PRO A 59 5.43 30.30 4.06
N GLY A 60 6.19 29.76 5.00
CA GLY A 60 5.81 28.56 5.70
C GLY A 60 6.27 28.65 7.13
N ILE A 61 6.14 27.58 7.90
CA ILE A 61 6.55 27.57 9.30
C ILE A 61 6.98 26.16 9.67
N TRP A 62 7.88 26.07 10.65
CA TRP A 62 8.29 24.79 11.20
C TRP A 62 8.11 24.86 12.71
N GLU A 63 7.39 23.89 13.28
CA GLU A 63 6.86 24.02 14.63
C GLU A 63 7.20 22.81 15.47
N TRP A 64 7.27 23.03 16.79
CA TRP A 64 7.52 21.97 17.76
C TRP A 64 6.41 21.99 18.79
N MET A 65 6.01 20.81 19.25
CA MET A 65 4.79 20.62 20.04
C MET A 65 5.03 19.54 21.08
N PRO A 66 5.37 19.91 22.31
CA PRO A 66 5.51 18.91 23.38
C PRO A 66 4.22 18.65 24.15
N HIS A 67 4.12 17.43 24.66
CA HIS A 67 3.08 17.10 25.63
C HIS A 67 3.63 16.09 26.62
N ARG A 68 3.53 16.41 27.91
CA ARG A 68 4.08 15.58 28.97
C ARG A 68 2.97 14.83 29.69
N GLU A 69 3.16 13.53 29.88
CA GLU A 69 2.34 12.73 30.79
C GLU A 69 3.17 12.43 32.04
N PRO A 70 2.96 13.15 33.14
CA PRO A 70 3.94 13.17 34.22
C PRO A 70 4.19 11.78 34.80
N GLY A 71 5.47 11.45 34.96
CA GLY A 71 5.87 10.15 35.45
C GLY A 71 5.92 9.08 34.40
N ASP A 72 5.47 9.36 33.17
CA ASP A 72 5.41 8.33 32.13
C ASP A 72 6.29 8.72 30.95
N HIS A 73 5.86 9.65 30.10
CA HIS A 73 6.65 9.96 28.93
C HIS A 73 6.33 11.38 28.47
N ILE A 74 7.17 11.88 27.57
CA ILE A 74 6.97 13.17 26.93
C ILE A 74 6.91 12.91 25.43
N THR A 75 5.92 13.50 24.77
CA THR A 75 5.80 13.43 23.32
C THR A 75 6.24 14.76 22.73
N LEU A 76 7.04 14.70 21.67
CA LEU A 76 7.36 15.89 20.90
C LEU A 76 7.07 15.61 19.43
N LYS A 77 6.19 16.41 18.83
CA LYS A 77 6.04 16.41 17.39
C LYS A 77 6.75 17.63 16.81
N THR A 78 7.57 17.39 15.80
CA THR A 78 8.19 18.43 14.99
C THR A 78 7.56 18.34 13.60
N VAL A 79 7.09 19.46 13.08
CA VAL A 79 6.31 19.41 11.85
C VAL A 79 6.52 20.71 11.07
N GLY A 80 6.76 20.56 9.77
CA GLY A 80 6.88 21.69 8.89
C GLY A 80 5.62 21.90 8.06
N TYR A 81 5.33 23.17 7.79
CA TYR A 81 4.30 23.58 6.85
C TYR A 81 5.03 24.32 5.74
N SER A 82 5.04 23.74 4.54
CA SER A 82 5.81 24.25 3.42
C SER A 82 4.94 24.10 2.18
N PRO A 83 4.05 25.06 1.93
CA PRO A 83 2.97 24.83 0.95
C PRO A 83 3.44 24.82 -0.50
N ALA A 84 4.69 25.10 -0.79
CA ALA A 84 5.22 24.88 -2.13
C ALA A 84 5.74 23.47 -2.34
N ASN A 85 5.85 22.67 -1.27
CA ASN A 85 6.36 21.30 -1.37
C ASN A 85 5.71 20.49 -2.47
N PRO A 86 4.37 20.42 -2.60
CA PRO A 86 3.79 19.52 -3.62
C PRO A 86 4.17 19.89 -5.03
N ALA A 87 3.98 21.16 -5.42
CA ALA A 87 4.24 21.56 -6.80
C ALA A 87 5.74 21.59 -7.11
N ARG A 88 6.56 22.01 -6.13
CA ARG A 88 7.98 22.19 -6.37
C ARG A 88 8.80 20.92 -6.20
N PHE A 89 8.47 20.10 -5.21
CA PHE A 89 9.31 18.96 -4.88
C PHE A 89 8.56 17.63 -4.87
N GLY A 90 7.25 17.62 -5.10
CA GLY A 90 6.51 16.38 -4.98
C GLY A 90 6.49 15.85 -3.56
N LEU A 91 6.75 16.72 -2.56
CA LEU A 91 6.68 16.40 -1.15
C LEU A 91 5.38 16.94 -0.55
N PRO A 92 4.86 16.31 0.49
CA PRO A 92 3.69 16.87 1.17
C PRO A 92 4.02 18.21 1.81
N THR A 93 3.03 19.09 1.81
CA THR A 93 3.12 20.36 2.52
C THR A 93 3.45 20.15 4.00
N ILE A 94 2.80 19.17 4.63
CA ILE A 94 2.98 18.87 6.05
C ILE A 94 3.95 17.71 6.13
N LEU A 95 5.13 17.97 6.69
CA LEU A 95 6.17 16.96 6.86
C LEU A 95 6.60 16.97 8.33
N GLY A 96 6.49 15.83 9.00
CA GLY A 96 6.84 15.82 10.41
C GLY A 96 7.17 14.45 10.93
N THR A 97 7.60 14.43 12.19
CA THR A 97 7.97 13.23 12.91
C THR A 97 7.54 13.41 14.36
N VAL A 98 7.33 12.28 15.05
CA VAL A 98 6.84 12.27 16.42
C VAL A 98 7.78 11.41 17.26
N ALA A 99 8.24 11.96 18.37
CA ALA A 99 9.20 11.27 19.24
C ALA A 99 8.60 11.11 20.63
N ARG A 100 9.05 10.07 21.34
CA ARG A 100 8.64 9.83 22.71
C ARG A 100 9.89 9.69 23.58
N TYR A 101 9.86 10.33 24.74
CA TYR A 101 10.98 10.37 25.67
C TYR A 101 10.49 9.85 27.01
N ASP A 102 11.29 9.01 27.67
CA ASP A 102 10.96 8.54 29.00
C ASP A 102 10.99 9.71 29.98
N ASP A 103 9.91 9.88 30.74
CA ASP A 103 9.85 11.00 31.67
C ASP A 103 10.80 10.83 32.85
N THR A 104 11.15 9.59 33.19
CA THR A 104 12.00 9.38 34.35
C THR A 104 13.47 9.63 34.04
N THR A 105 13.97 9.08 32.93
CA THR A 105 15.38 9.20 32.57
C THR A 105 15.65 10.25 31.49
N GLY A 106 14.64 10.68 30.74
CA GLY A 106 14.84 11.54 29.60
C GLY A 106 15.20 10.83 28.31
N ALA A 107 15.35 9.51 28.33
CA ALA A 107 15.85 8.80 27.16
C ALA A 107 14.85 8.83 26.02
N LEU A 108 15.35 8.94 24.79
CA LEU A 108 14.53 8.81 23.58
C LEU A 108 14.13 7.35 23.39
N THR A 109 12.85 7.04 23.61
CA THR A 109 12.39 5.65 23.58
C THR A 109 11.72 5.25 22.26
N ALA A 110 11.13 6.20 21.53
CA ALA A 110 10.43 5.84 20.29
C ALA A 110 10.40 7.05 19.35
N LEU A 111 10.45 6.75 18.05
CA LEU A 111 10.45 7.75 17.00
C LEU A 111 9.68 7.19 15.80
N MET A 112 8.77 7.99 15.24
CA MET A 112 7.97 7.52 14.10
C MET A 112 7.61 8.67 13.17
N ASP A 113 7.23 8.29 11.94
CA ASP A 113 6.65 9.24 10.99
C ASP A 113 5.54 10.05 11.63
N GLY A 114 5.45 11.32 11.25
CA GLY A 114 4.34 12.15 11.67
C GLY A 114 3.43 12.58 10.52
N VAL A 115 3.75 12.22 9.28
CA VAL A 115 2.92 12.65 8.16
C VAL A 115 1.55 11.96 8.22
N LEU A 116 1.53 10.63 8.19
CA LEU A 116 0.26 9.90 8.26
C LEU A 116 -0.48 10.19 9.56
N LEU A 117 0.22 10.06 10.68
CA LEU A 117 -0.38 10.29 11.99
C LEU A 117 -1.04 11.68 12.06
N THR A 118 -0.37 12.71 11.53
CA THR A 118 -0.97 14.05 11.55
C THR A 118 -2.29 14.09 10.79
N ALA A 119 -2.31 13.52 9.58
CA ALA A 119 -3.54 13.54 8.79
C ALA A 119 -4.66 12.77 9.50
N LEU A 120 -4.32 11.62 10.11
CA LEU A 120 -5.31 10.81 10.83
C LEU A 120 -5.91 11.57 12.01
N ARG A 121 -5.07 12.12 12.89
CA ARG A 121 -5.66 12.71 14.09
C ARG A 121 -6.33 14.04 13.79
N THR A 122 -5.94 14.70 12.70
CA THR A 122 -6.60 15.95 12.32
C THR A 122 -7.99 15.67 11.76
N GLY A 123 -8.11 14.61 10.95
CA GLY A 123 -9.44 14.15 10.56
C GLY A 123 -10.25 13.71 11.77
N ALA A 124 -9.62 12.95 12.66
CA ALA A 124 -10.34 12.44 13.83
C ALA A 124 -10.87 13.58 14.68
N ALA A 125 -10.07 14.63 14.87
CA ALA A 125 -10.52 15.74 15.71
C ALA A 125 -11.77 16.40 15.12
N SER A 126 -11.75 16.66 13.81
CA SER A 126 -12.95 17.18 13.15
C SER A 126 -14.14 16.25 13.34
N ALA A 127 -13.91 14.93 13.30
CA ALA A 127 -14.99 13.97 13.50
C ALA A 127 -15.56 14.06 14.91
N VAL A 128 -14.69 14.18 15.92
CA VAL A 128 -15.16 14.33 17.30
C VAL A 128 -16.04 15.58 17.43
N ALA A 129 -15.55 16.71 16.91
CA ALA A 129 -16.31 17.96 17.01
C ALA A 129 -17.60 17.90 16.21
N SER A 130 -17.55 17.29 15.00
CA SER A 130 -18.73 17.30 14.14
C SER A 130 -19.80 16.34 14.64
N ARG A 131 -19.41 15.26 15.33
CA ARG A 131 -20.39 14.41 15.96
C ARG A 131 -21.20 15.19 16.98
N LEU A 132 -20.55 16.13 17.67
CA LEU A 132 -21.22 16.96 18.66
C LEU A 132 -22.05 18.07 18.02
N LEU A 133 -21.55 18.65 16.93
CA LEU A 133 -22.08 19.92 16.43
C LEU A 133 -22.70 19.87 15.04
N ALA A 134 -22.50 18.82 14.28
CA ALA A 134 -23.21 18.71 13.00
C ALA A 134 -24.50 17.94 13.20
N ARG A 135 -25.48 18.21 12.36
CA ARG A 135 -26.72 17.42 12.41
C ARG A 135 -26.39 15.95 12.18
N PRO A 136 -26.93 15.03 12.98
CA PRO A 136 -26.58 13.62 12.80
C PRO A 136 -27.09 13.03 11.50
N ASP A 137 -28.00 13.70 10.81
CA ASP A 137 -28.41 13.26 9.48
C ASP A 137 -27.72 14.06 8.38
N SER A 138 -26.60 14.72 8.69
CA SER A 138 -25.85 15.47 7.68
C SER A 138 -25.53 14.57 6.49
N HIS A 139 -25.80 15.09 5.30
CA HIS A 139 -25.75 14.34 4.06
C HIS A 139 -24.71 14.87 3.09
N THR A 140 -24.43 16.17 3.12
CA THR A 140 -23.60 16.84 2.13
C THR A 140 -22.44 17.52 2.82
N LEU A 141 -21.23 17.09 2.47
CA LEU A 141 -20.02 17.68 3.03
C LEU A 141 -19.46 18.68 2.02
N GLY A 142 -19.03 19.84 2.52
CA GLY A 142 -18.29 20.80 1.71
C GLY A 142 -16.83 20.79 2.11
N LEU A 143 -15.93 20.84 1.12
CA LEU A 143 -14.50 20.92 1.38
C LEU A 143 -13.94 22.10 0.60
N ILE A 144 -13.27 23.02 1.30
CA ILE A 144 -12.52 24.10 0.68
C ILE A 144 -11.05 23.82 0.94
N GLY A 145 -10.27 23.68 -0.13
CA GLY A 145 -8.95 23.07 -0.01
C GLY A 145 -9.08 21.58 -0.22
N THR A 146 -8.52 21.04 -1.31
CA THR A 146 -8.60 19.60 -1.53
C THR A 146 -7.20 19.02 -1.65
N GLY A 147 -6.34 19.35 -0.70
CA GLY A 147 -5.02 18.75 -0.61
C GLY A 147 -5.02 17.57 0.33
N ALA A 148 -3.93 17.44 1.10
CA ALA A 148 -3.74 16.25 1.91
C ALA A 148 -4.77 16.14 3.05
N GLN A 149 -4.96 17.22 3.81
CA GLN A 149 -5.87 17.12 4.96
C GLN A 149 -7.31 16.84 4.50
N ALA A 150 -7.70 17.38 3.34
CA ALA A 150 -9.06 17.16 2.83
C ALA A 150 -9.39 15.67 2.75
N VAL A 151 -8.39 14.84 2.41
CA VAL A 151 -8.63 13.41 2.29
C VAL A 151 -9.09 12.83 3.63
N THR A 152 -8.35 13.12 4.71
CA THR A 152 -8.77 12.55 5.99
C THR A 152 -9.91 13.31 6.65
N GLN A 153 -10.12 14.58 6.27
CA GLN A 153 -11.36 15.24 6.69
C GLN A 153 -12.56 14.46 6.16
N LEU A 154 -12.59 14.23 4.85
CA LEU A 154 -13.67 13.46 4.25
C LEU A 154 -13.76 12.06 4.86
N HIS A 155 -12.62 11.36 4.96
CA HIS A 155 -12.64 10.00 5.48
C HIS A 155 -13.21 9.94 6.91
N ALA A 156 -12.63 10.73 7.84
CA ALA A 156 -13.10 10.69 9.22
C ALA A 156 -14.57 11.06 9.32
N LEU A 157 -14.96 12.14 8.64
CA LEU A 157 -16.36 12.58 8.73
C LEU A 157 -17.31 11.54 8.15
N SER A 158 -16.88 10.81 7.11
CA SER A 158 -17.73 9.76 6.55
C SER A 158 -17.95 8.62 7.51
N LEU A 159 -17.09 8.46 8.53
CA LEU A 159 -17.30 7.39 9.50
C LEU A 159 -18.25 7.78 10.61
N VAL A 160 -18.51 9.07 10.81
CA VAL A 160 -19.36 9.50 11.92
C VAL A 160 -20.64 10.16 11.46
N LEU A 161 -20.76 10.54 10.19
CA LEU A 161 -21.99 11.09 9.63
C LEU A 161 -22.38 10.32 8.38
N PRO A 162 -23.69 10.24 8.07
CA PRO A 162 -24.15 9.52 6.86
C PRO A 162 -23.97 10.34 5.59
N LEU A 163 -22.72 10.72 5.31
CA LEU A 163 -22.45 11.55 4.15
C LEU A 163 -22.72 10.78 2.86
N GLN A 164 -23.43 11.41 1.93
CA GLN A 164 -23.67 10.87 0.61
C GLN A 164 -22.89 11.59 -0.48
N ARG A 165 -22.53 12.85 -0.28
CA ARG A 165 -21.79 13.55 -1.31
C ARG A 165 -20.90 14.61 -0.69
N ALA A 166 -19.88 14.97 -1.44
CA ALA A 166 -18.94 16.02 -1.06
C ALA A 166 -18.87 17.03 -2.20
N LEU A 167 -19.18 18.29 -1.90
CA LEU A 167 -18.98 19.42 -2.82
C LEU A 167 -17.64 20.06 -2.48
N VAL A 168 -16.75 20.16 -3.46
CA VAL A 168 -15.35 20.48 -3.16
C VAL A 168 -14.82 21.58 -4.08
N TRP A 169 -13.91 22.36 -3.53
CA TRP A 169 -13.28 23.45 -4.26
C TRP A 169 -11.83 23.56 -3.83
N ASP A 170 -10.98 23.89 -4.80
CA ASP A 170 -9.59 24.24 -4.58
C ASP A 170 -9.26 25.34 -5.58
N THR A 171 -8.36 26.24 -5.20
CA THR A 171 -7.95 27.29 -6.14
C THR A 171 -7.04 26.75 -7.23
N ASP A 172 -6.44 25.57 -7.01
CA ASP A 172 -5.64 24.92 -8.03
C ASP A 172 -6.51 23.94 -8.80
N PRO A 173 -6.76 24.17 -10.09
CA PRO A 173 -7.65 23.25 -10.84
C PRO A 173 -7.19 21.80 -10.81
N ALA A 174 -5.88 21.57 -10.89
CA ALA A 174 -5.36 20.20 -10.82
C ALA A 174 -5.70 19.55 -9.49
N HIS A 175 -5.62 20.31 -8.38
CA HIS A 175 -5.84 19.73 -7.06
C HIS A 175 -7.31 19.43 -6.81
N ARG A 176 -8.22 20.27 -7.31
CA ARG A 176 -9.64 19.92 -7.16
C ARG A 176 -10.03 18.79 -8.11
N GLU A 177 -9.46 18.73 -9.31
CA GLU A 177 -9.85 17.69 -10.26
C GLU A 177 -9.36 16.32 -9.83
N SER A 178 -8.27 16.25 -9.06
CA SER A 178 -7.74 14.96 -8.63
C SER A 178 -8.37 14.45 -7.34
N PHE A 179 -9.22 15.23 -6.68
CA PHE A 179 -9.70 14.84 -5.36
C PHE A 179 -10.61 13.61 -5.42
N ALA A 180 -11.47 13.52 -6.45
CA ALA A 180 -12.39 12.38 -6.54
C ALA A 180 -11.64 11.05 -6.49
N ARG A 181 -10.48 10.97 -7.16
CA ARG A 181 -9.74 9.71 -7.20
C ARG A 181 -9.14 9.39 -5.83
N ARG A 182 -8.59 10.39 -5.15
CA ARG A 182 -8.07 10.19 -3.79
C ARG A 182 -9.19 9.86 -2.80
N ALA A 183 -10.41 10.33 -3.04
CA ALA A 183 -11.53 10.11 -2.14
C ALA A 183 -12.31 8.83 -2.44
N ALA A 184 -12.02 8.15 -3.55
CA ALA A 184 -12.93 7.13 -4.07
C ALA A 184 -13.20 6.03 -3.06
N PHE A 185 -12.20 5.67 -2.26
CA PHE A 185 -12.35 4.52 -1.37
C PHE A 185 -13.46 4.72 -0.35
N THR A 186 -13.76 5.99 -0.02
CA THR A 186 -14.77 6.27 0.99
C THR A 186 -16.17 5.98 0.50
N GLY A 187 -16.38 5.91 -0.80
CA GLY A 187 -17.73 5.77 -1.32
C GLY A 187 -18.57 7.03 -1.30
N VAL A 188 -18.00 8.17 -0.94
CA VAL A 188 -18.72 9.44 -0.95
C VAL A 188 -18.51 10.08 -2.32
N SER A 189 -19.59 10.33 -3.06
CA SER A 189 -19.43 10.90 -4.39
C SER A 189 -18.95 12.34 -4.27
N VAL A 190 -18.06 12.72 -5.18
CA VAL A 190 -17.40 14.02 -5.15
C VAL A 190 -17.88 14.83 -6.34
N GLU A 191 -18.22 16.09 -6.09
CA GLU A 191 -18.59 17.02 -7.16
C GLU A 191 -17.85 18.33 -6.93
N ILE A 192 -17.18 18.84 -7.95
CA ILE A 192 -16.55 20.15 -7.86
C ILE A 192 -17.62 21.23 -7.84
N ALA A 193 -17.49 22.18 -6.91
CA ALA A 193 -18.48 23.24 -6.78
C ALA A 193 -17.79 24.49 -6.23
N GLU A 194 -18.20 25.66 -6.73
CA GLU A 194 -17.58 26.91 -6.28
C GLU A 194 -17.96 27.19 -4.83
N PRO A 195 -17.15 27.99 -4.12
CA PRO A 195 -17.37 28.16 -2.67
C PRO A 195 -18.76 28.69 -2.29
N ALA A 196 -19.34 29.59 -3.11
CA ALA A 196 -20.69 30.08 -2.82
C ALA A 196 -21.71 28.95 -2.87
N ARG A 197 -21.56 28.02 -3.82
CA ARG A 197 -22.47 26.89 -3.85
C ARG A 197 -22.25 25.96 -2.66
N ILE A 198 -20.99 25.75 -2.30
CA ILE A 198 -20.68 24.92 -1.12
C ILE A 198 -21.31 25.53 0.13
N ALA A 199 -21.15 26.84 0.32
CA ALA A 199 -21.76 27.53 1.46
C ALA A 199 -23.28 27.34 1.48
N ALA A 200 -23.93 27.41 0.32
CA ALA A 200 -25.38 27.31 0.27
C ALA A 200 -25.89 25.90 0.55
N GLU A 201 -25.16 24.86 0.12
CA GLU A 201 -25.72 23.52 0.10
C GLU A 201 -25.17 22.57 1.16
N ALA A 202 -24.03 22.86 1.77
CA ALA A 202 -23.38 21.89 2.65
C ALA A 202 -24.08 21.82 4.02
N ASP A 203 -24.15 20.60 4.58
CA ASP A 203 -24.53 20.44 5.98
C ASP A 203 -23.35 20.61 6.93
N VAL A 204 -22.16 20.22 6.49
CA VAL A 204 -20.93 20.37 7.25
C VAL A 204 -19.85 20.75 6.25
N ILE A 205 -18.92 21.61 6.67
CA ILE A 205 -17.81 22.02 5.82
C ILE A 205 -16.51 21.85 6.61
N SER A 206 -15.44 21.45 5.92
CA SER A 206 -14.09 21.58 6.44
C SER A 206 -13.30 22.50 5.52
N THR A 207 -12.68 23.54 6.09
CA THR A 207 -11.73 24.35 5.34
C THR A 207 -10.33 23.90 5.76
N ALA A 208 -9.49 23.59 4.77
CA ALA A 208 -8.14 23.10 5.04
C ALA A 208 -7.29 23.51 3.85
N THR A 209 -6.95 24.79 3.81
CA THR A 209 -6.23 25.38 2.70
C THR A 209 -4.84 25.85 3.13
N SER A 210 -3.97 25.99 2.13
CA SER A 210 -2.71 26.70 2.31
C SER A 210 -2.82 28.18 1.95
N VAL A 211 -3.97 28.80 2.20
CA VAL A 211 -4.12 30.23 1.88
C VAL A 211 -3.07 31.03 2.65
N ALA A 212 -2.53 32.06 2.00
CA ALA A 212 -1.53 32.92 2.63
C ALA A 212 -2.17 33.83 3.69
N VAL A 213 -1.32 34.31 4.59
CA VAL A 213 -1.71 35.33 5.57
C VAL A 213 -2.38 36.50 4.86
N GLY A 214 -3.54 36.91 5.38
CA GLY A 214 -4.21 38.09 4.87
C GLY A 214 -4.96 37.90 3.58
N GLN A 215 -5.05 36.68 3.07
CA GLN A 215 -5.70 36.42 1.79
C GLN A 215 -6.99 35.61 1.95
N GLY A 216 -7.49 35.44 3.18
CA GLY A 216 -8.82 34.92 3.37
C GLY A 216 -9.87 35.97 3.02
N PRO A 217 -11.15 35.60 3.10
CA PRO A 217 -11.62 34.27 3.47
C PRO A 217 -11.65 33.32 2.27
N VAL A 218 -11.66 32.01 2.53
CA VAL A 218 -11.72 31.02 1.46
C VAL A 218 -13.15 30.58 1.19
N LEU A 219 -14.07 30.91 2.07
CA LEU A 219 -15.50 30.70 1.96
C LEU A 219 -16.16 32.08 2.05
N PRO A 220 -17.03 32.46 1.12
CA PRO A 220 -17.57 33.81 1.14
C PRO A 220 -18.64 33.99 2.22
N ASP A 221 -18.77 35.23 2.67
CA ASP A 221 -19.82 35.63 3.62
C ASP A 221 -21.12 35.71 2.84
N THR A 222 -21.84 34.59 2.80
CA THR A 222 -23.10 34.51 2.08
C THR A 222 -24.02 33.56 2.82
N GLY A 223 -25.15 33.23 2.21
CA GLY A 223 -26.12 32.38 2.85
C GLY A 223 -25.56 30.98 3.09
N VAL A 224 -25.80 30.46 4.30
CA VAL A 224 -25.46 29.10 4.66
C VAL A 224 -26.71 28.47 5.24
N ARG A 225 -26.69 27.15 5.35
CA ARG A 225 -27.80 26.46 5.98
C ARG A 225 -27.81 26.77 7.47
N GLU A 226 -29.01 26.78 8.05
CA GLU A 226 -29.17 27.20 9.45
C GLU A 226 -28.33 26.34 10.38
N HIS A 227 -28.20 25.05 10.08
CA HIS A 227 -27.55 24.08 10.95
C HIS A 227 -26.08 23.86 10.60
N LEU A 228 -25.51 24.64 9.69
CA LEU A 228 -24.16 24.40 9.20
C LEU A 228 -23.16 24.26 10.35
N HIS A 229 -22.32 23.24 10.27
CA HIS A 229 -21.13 23.12 11.11
C HIS A 229 -19.88 23.20 10.26
N ILE A 230 -18.93 24.04 10.66
CA ILE A 230 -17.68 24.22 9.93
C ILE A 230 -16.54 23.75 10.82
N ASN A 231 -15.69 22.86 10.29
CA ASN A 231 -14.38 22.60 10.88
C ASN A 231 -13.38 23.52 10.17
N ALA A 232 -12.87 24.51 10.89
CA ALA A 232 -11.84 25.39 10.37
C ALA A 232 -10.50 24.77 10.73
N VAL A 233 -9.86 24.17 9.74
CA VAL A 233 -8.70 23.31 9.98
C VAL A 233 -7.40 23.96 9.54
N GLY A 234 -7.43 24.81 8.51
CA GLY A 234 -6.22 25.50 8.10
C GLY A 234 -5.63 26.29 9.26
N ALA A 235 -4.31 26.24 9.38
CA ALA A 235 -3.57 26.84 10.49
C ALA A 235 -2.09 26.66 10.25
N ASP A 236 -1.34 27.76 10.32
CA ASP A 236 0.11 27.73 10.19
C ASP A 236 0.72 29.00 10.79
N LEU A 237 0.71 30.08 10.00
CA LEU A 237 1.31 31.35 10.41
C LEU A 237 0.31 32.20 11.19
N VAL A 238 0.81 32.99 12.13
CA VAL A 238 0.00 34.07 12.70
C VAL A 238 -0.48 34.95 11.56
N GLY A 239 -1.77 35.28 11.58
CA GLY A 239 -2.37 36.09 10.54
C GLY A 239 -3.14 35.30 9.50
N LYS A 240 -3.01 33.97 9.48
CA LYS A 240 -3.69 33.13 8.50
C LYS A 240 -5.06 32.77 9.04
N THR A 241 -6.11 33.16 8.31
CA THR A 241 -7.48 32.76 8.62
C THR A 241 -8.17 32.31 7.34
N GLU A 242 -9.31 31.64 7.52
CA GLU A 242 -10.06 31.10 6.39
C GLU A 242 -11.52 31.55 6.32
N LEU A 243 -12.13 31.91 7.43
CA LEU A 243 -13.56 32.16 7.42
C LEU A 243 -13.85 33.66 7.43
N PRO A 244 -15.01 34.08 6.91
CA PRO A 244 -15.34 35.50 6.95
C PRO A 244 -15.76 35.91 8.35
N LEU A 245 -15.32 37.10 8.76
CA LEU A 245 -15.61 37.56 10.12
C LEU A 245 -17.12 37.57 10.40
N GLY A 246 -17.92 37.97 9.41
CA GLY A 246 -19.36 38.04 9.63
C GLY A 246 -19.95 36.69 9.98
N LEU A 247 -19.53 35.64 9.27
CA LEU A 247 -19.99 34.29 9.58
C LEU A 247 -19.54 33.86 10.97
N LEU A 248 -18.28 34.11 11.30
CA LEU A 248 -17.74 33.73 12.61
C LEU A 248 -18.47 34.42 13.73
N GLU A 249 -18.83 35.69 13.56
CA GLU A 249 -19.52 36.43 14.62
C GLU A 249 -20.92 35.90 14.86
N ARG A 250 -21.51 35.22 13.89
CA ARG A 250 -22.82 34.60 14.08
C ARG A 250 -22.74 33.17 14.61
N ALA A 251 -21.55 32.64 14.81
CA ALA A 251 -21.37 31.21 15.05
C ALA A 251 -21.14 30.92 16.53
N PHE A 252 -21.52 29.71 16.93
CA PHE A 252 -21.04 29.12 18.17
C PHE A 252 -19.66 28.54 17.91
N VAL A 253 -18.62 29.07 18.57
CA VAL A 253 -17.25 28.73 18.23
C VAL A 253 -16.62 27.97 19.39
N THR A 254 -16.20 26.73 19.13
CA THR A 254 -15.45 25.94 20.10
C THR A 254 -14.03 25.71 19.55
N ALA A 255 -13.04 26.01 20.37
CA ALA A 255 -11.65 25.82 19.95
C ALA A 255 -11.12 24.53 20.54
N ASP A 256 -10.21 23.87 19.80
CA ASP A 256 -9.56 22.73 20.41
C ASP A 256 -8.62 23.18 21.53
N HIS A 257 -8.05 24.37 21.41
CA HIS A 257 -7.05 24.86 22.35
C HIS A 257 -7.20 26.39 22.36
N PRO A 258 -7.94 26.93 23.32
CA PRO A 258 -8.29 28.36 23.24
C PRO A 258 -7.09 29.28 23.07
N GLU A 259 -6.05 29.10 23.87
CA GLU A 259 -4.93 30.04 23.78
C GLU A 259 -4.22 29.90 22.44
N GLN A 260 -4.14 28.68 21.93
CA GLN A 260 -3.51 28.49 20.63
C GLN A 260 -4.38 29.03 19.51
N ALA A 261 -5.70 28.84 19.63
CA ALA A 261 -6.61 29.31 18.58
C ALA A 261 -6.66 30.83 18.53
N LEU A 262 -6.53 31.49 19.68
CA LEU A 262 -6.52 32.95 19.66
C LEU A 262 -5.29 33.48 18.92
N ARG A 263 -4.21 32.71 18.87
CA ARG A 263 -2.99 33.11 18.18
C ARG A 263 -2.96 32.67 16.72
N GLU A 264 -3.46 31.46 16.43
CA GLU A 264 -3.26 30.84 15.13
C GLU A 264 -4.53 30.30 14.47
N GLY A 265 -5.67 30.31 15.15
CA GLY A 265 -6.91 29.82 14.58
C GLY A 265 -7.82 30.94 14.11
N GLU A 266 -9.07 30.56 13.79
CA GLU A 266 -10.06 31.58 13.43
C GLU A 266 -10.27 32.56 14.58
N CYS A 267 -10.03 32.11 15.81
CA CYS A 267 -10.25 32.96 16.97
C CYS A 267 -9.30 34.18 17.00
N GLN A 268 -8.28 34.20 16.13
CA GLN A 268 -7.56 35.45 15.91
C GLN A 268 -8.49 36.62 15.60
N GLN A 269 -9.64 36.34 14.98
CA GLN A 269 -10.58 37.37 14.54
C GLN A 269 -11.56 37.78 15.62
N LEU A 270 -11.63 37.05 16.72
CA LEU A 270 -12.68 37.21 17.72
C LEU A 270 -12.12 37.81 18.99
N SER A 271 -12.99 38.53 19.69
CA SER A 271 -12.71 38.89 21.08
C SER A 271 -12.69 37.63 21.93
N ALA A 272 -11.73 37.57 22.86
CA ALA A 272 -11.54 36.36 23.65
C ALA A 272 -12.76 36.03 24.50
N ASP A 273 -13.56 37.03 24.88
CA ASP A 273 -14.77 36.77 25.65
C ASP A 273 -15.91 36.21 24.82
N ARG A 274 -15.76 36.04 23.51
CA ARG A 274 -16.82 35.43 22.72
C ARG A 274 -16.59 33.97 22.37
N LEU A 275 -15.54 33.35 22.89
CA LEU A 275 -15.35 31.91 22.67
C LEU A 275 -16.38 31.10 23.43
N GLY A 276 -16.91 30.05 22.79
CA GLY A 276 -17.64 29.02 23.49
C GLY A 276 -16.70 28.12 24.26
N PRO A 277 -17.27 27.19 25.03
CA PRO A 277 -16.43 26.24 25.77
C PRO A 277 -15.60 25.41 24.79
N GLN A 278 -14.36 25.14 25.18
CA GLN A 278 -13.43 24.40 24.31
C GLN A 278 -13.90 22.97 24.09
N LEU A 279 -13.31 22.32 23.08
CA LEU A 279 -13.79 21.00 22.68
C LEU A 279 -13.74 20.01 23.83
N ALA A 280 -12.66 20.03 24.62
CA ALA A 280 -12.53 19.08 25.73
C ALA A 280 -13.69 19.21 26.70
N HIS A 281 -14.16 20.45 26.94
CA HIS A 281 -15.29 20.62 27.84
C HIS A 281 -16.57 20.05 27.23
N LEU A 282 -16.77 20.24 25.91
CA LEU A 282 -17.93 19.63 25.26
C LEU A 282 -17.89 18.11 25.37
N CYS A 283 -16.70 17.52 25.25
CA CYS A 283 -16.59 16.07 25.34
C CYS A 283 -16.91 15.58 26.74
N ALA A 284 -16.50 16.32 27.78
CA ALA A 284 -16.75 15.88 29.14
C ALA A 284 -18.18 16.20 29.58
N ASP A 285 -18.75 17.30 29.09
CA ASP A 285 -20.07 17.74 29.53
C ASP A 285 -20.79 18.29 28.30
N PRO A 286 -21.63 17.48 27.65
CA PRO A 286 -22.31 17.92 26.42
C PRO A 286 -23.40 18.96 26.62
N ALA A 287 -23.70 19.37 27.86
CA ALA A 287 -24.66 20.46 28.09
C ALA A 287 -24.31 21.69 27.27
N ALA A 288 -23.01 21.97 27.13
CA ALA A 288 -22.57 23.17 26.42
C ALA A 288 -22.83 23.09 24.93
N ALA A 289 -22.95 21.89 24.37
CA ALA A 289 -23.25 21.71 22.96
C ALA A 289 -24.73 21.49 22.68
N ALA A 290 -25.56 21.33 23.71
CA ALA A 290 -26.95 20.92 23.50
C ALA A 290 -27.70 21.98 22.71
N GLY A 291 -28.30 21.57 21.59
CA GLY A 291 -28.99 22.48 20.70
C GLY A 291 -28.13 23.16 19.66
N ARG A 292 -26.80 23.13 19.80
CA ARG A 292 -25.94 23.84 18.86
C ARG A 292 -25.84 23.13 17.50
N GLN A 293 -26.32 21.89 17.39
CA GLN A 293 -26.33 21.24 16.08
C GLN A 293 -27.21 21.99 15.11
N ASP A 294 -28.29 22.60 15.58
CA ASP A 294 -29.29 23.19 14.70
C ASP A 294 -29.05 24.65 14.39
N THR A 295 -27.96 25.23 14.87
CA THR A 295 -27.58 26.58 14.51
C THR A 295 -26.13 26.58 14.04
N LEU A 296 -25.66 27.73 13.57
CA LEU A 296 -24.31 27.80 12.97
C LEU A 296 -23.24 27.53 14.02
N SER A 297 -22.30 26.64 13.69
CA SER A 297 -21.23 26.30 14.62
C SER A 297 -19.91 26.20 13.87
N VAL A 298 -18.82 26.54 14.57
CA VAL A 298 -17.48 26.47 14.04
C VAL A 298 -16.59 25.77 15.07
N PHE A 299 -15.93 24.69 14.64
CA PHE A 299 -14.85 24.08 15.39
C PHE A 299 -13.55 24.69 14.88
N ASP A 300 -12.89 25.46 15.74
CA ASP A 300 -11.64 26.12 15.40
C ASP A 300 -10.51 25.16 15.75
N SER A 301 -9.92 24.54 14.72
CA SER A 301 -8.93 23.50 14.91
C SER A 301 -7.54 24.04 14.58
N THR A 302 -6.65 23.99 15.57
CA THR A 302 -5.23 24.25 15.36
C THR A 302 -4.37 23.00 15.52
N GLY A 303 -4.89 21.96 16.17
CA GLY A 303 -4.09 20.79 16.51
C GLY A 303 -3.24 21.06 17.74
N PHE A 304 -3.10 20.08 18.62
CA PHE A 304 -2.21 20.25 19.75
C PHE A 304 -1.61 18.90 20.11
N ALA A 305 -0.50 18.95 20.86
CA ALA A 305 0.40 17.80 20.95
C ALA A 305 -0.23 16.60 21.63
N PHE A 306 -1.20 16.82 22.53
CA PHE A 306 -1.91 15.69 23.14
C PHE A 306 -2.53 14.78 22.08
N GLU A 307 -3.06 15.38 21.01
CA GLU A 307 -3.65 14.57 19.94
C GLU A 307 -2.59 13.69 19.28
N ASP A 308 -1.39 14.23 19.10
CA ASP A 308 -0.29 13.44 18.54
C ASP A 308 0.15 12.35 19.49
N ALA A 309 0.20 12.65 20.80
CA ALA A 309 0.56 11.61 21.77
C ALA A 309 -0.44 10.47 21.76
N LEU A 310 -1.73 10.80 21.67
CA LEU A 310 -2.77 9.77 21.65
C LEU A 310 -2.71 8.94 20.38
N ALA A 311 -2.59 9.60 19.23
CA ALA A 311 -2.47 8.86 17.98
C ALA A 311 -1.19 8.02 17.96
N MET A 312 -0.10 8.55 18.52
CA MET A 312 1.13 7.76 18.60
C MET A 312 0.91 6.50 19.43
N GLU A 313 0.18 6.62 20.55
CA GLU A 313 -0.10 5.44 21.37
C GLU A 313 -0.87 4.37 20.59
N VAL A 314 -1.84 4.78 19.77
CA VAL A 314 -2.55 3.82 18.93
C VAL A 314 -1.57 3.08 18.01
N PHE A 315 -0.68 3.82 17.37
CA PHE A 315 0.30 3.21 16.48
C PHE A 315 1.25 2.29 17.25
N LEU A 316 1.71 2.70 18.43
CA LEU A 316 2.67 1.89 19.17
C LEU A 316 2.03 0.62 19.72
N GLU A 317 0.76 0.69 20.12
CA GLU A 317 0.07 -0.51 20.54
C GLU A 317 0.01 -1.52 19.40
N ALA A 318 -0.39 -1.07 18.21
CA ALA A 318 -0.45 -1.95 17.05
C ALA A 318 0.93 -2.49 16.70
N ALA A 319 1.93 -1.60 16.69
CA ALA A 319 3.29 -2.01 16.35
C ALA A 319 3.87 -2.97 17.39
N ALA A 320 3.60 -2.74 18.68
CA ALA A 320 4.09 -3.65 19.71
C ALA A 320 3.46 -5.03 19.57
N GLU A 321 2.16 -5.09 19.32
CA GLU A 321 1.48 -6.37 19.05
C GLU A 321 2.15 -7.14 17.92
N ARG A 322 2.60 -6.43 16.90
CA ARG A 322 3.11 -7.05 15.69
C ARG A 322 4.63 -7.12 15.64
N ASP A 323 5.30 -6.69 16.72
CA ASP A 323 6.76 -6.64 16.78
C ASP A 323 7.35 -5.87 15.59
N LEU A 324 6.70 -4.78 15.20
CA LEU A 324 7.16 -3.96 14.09
C LEU A 324 8.21 -2.95 14.56
N GLY A 325 8.98 -2.43 13.60
CA GLY A 325 10.00 -1.44 13.89
C GLY A 325 11.37 -2.04 14.14
N ILE A 326 12.36 -1.16 14.30
CA ILE A 326 13.73 -1.56 14.59
C ILE A 326 14.23 -0.84 15.84
N ARG A 327 15.29 -1.39 16.42
CA ARG A 327 15.95 -0.81 17.58
C ARG A 327 17.27 -0.21 17.14
N VAL A 328 17.46 1.07 17.40
CA VAL A 328 18.69 1.78 17.06
C VAL A 328 19.27 2.39 18.33
N GLY A 329 20.53 2.09 18.62
CA GLY A 329 21.22 2.76 19.70
C GLY A 329 21.64 4.13 19.19
N ILE A 330 20.88 5.16 19.51
CA ILE A 330 21.17 6.49 18.99
C ILE A 330 21.91 7.28 20.07
N GLU A 331 21.30 7.37 21.24
CA GLU A 331 21.93 8.02 22.37
C GLU A 331 23.20 7.27 22.77
N HIS A 332 24.24 8.02 23.11
CA HIS A 332 25.45 7.43 23.66
C HIS A 332 25.27 7.26 25.16
N HIS A 333 25.31 6.01 25.62
CA HIS A 333 25.21 5.70 27.05
C HIS A 333 26.57 5.15 27.47
N PRO A 334 27.49 6.00 27.92
CA PRO A 334 28.84 5.51 28.29
C PRO A 334 28.78 4.51 29.43
N GLY A 335 29.68 3.52 29.36
CA GLY A 335 29.78 2.55 30.44
C GLY A 335 29.99 3.22 31.80
N ASP A 336 30.71 4.32 31.81
CA ASP A 336 30.85 5.19 32.97
C ASP A 336 29.96 6.41 32.73
N ALA A 337 28.89 6.54 33.53
CA ALA A 337 27.91 7.61 33.31
C ALA A 337 28.52 8.99 33.47
N LEU A 338 29.68 9.10 34.11
CA LEU A 338 30.35 10.38 34.33
C LEU A 338 31.44 10.66 33.33
N ASP A 339 31.59 9.82 32.30
CA ASP A 339 32.67 9.95 31.34
C ASP A 339 32.10 10.02 29.94
N PRO A 340 31.92 11.22 29.38
CA PRO A 340 31.39 11.33 28.02
C PRO A 340 32.23 10.60 27.00
N TYR A 341 33.53 10.44 27.24
CA TYR A 341 34.42 9.78 26.28
C TYR A 341 34.50 8.26 26.45
N ALA A 342 33.84 7.69 27.45
CA ALA A 342 33.83 6.24 27.61
C ALA A 342 32.85 5.66 26.59
N LEU A 343 33.34 5.49 25.36
CA LEU A 343 32.43 5.25 24.25
C LEU A 343 32.01 3.78 24.14
N GLN A 344 31.94 3.09 25.28
CA GLN A 344 31.33 1.77 25.38
C GLN A 344 29.96 1.74 24.72
N MET B 1 14.64 9.87 -0.49
CA MET B 1 15.01 10.63 0.70
C MET B 1 14.87 9.80 1.97
N GLU B 2 15.99 9.59 2.67
CA GLU B 2 15.99 8.90 3.95
C GLU B 2 16.82 9.70 4.95
N THR B 3 16.52 9.48 6.23
CA THR B 3 17.23 10.18 7.30
C THR B 3 18.57 9.49 7.58
N TRP B 4 19.62 10.29 7.64
CA TRP B 4 20.94 9.81 8.02
C TRP B 4 21.03 9.75 9.54
N VAL B 5 21.22 8.57 10.10
CA VAL B 5 21.26 8.38 11.54
C VAL B 5 22.66 7.98 11.94
N LEU B 6 23.28 8.78 12.82
CA LEU B 6 24.56 8.42 13.45
C LEU B 6 24.25 7.86 14.83
N GLY B 7 24.46 6.55 14.98
CA GLY B 7 24.24 5.90 16.26
C GLY B 7 25.43 6.07 17.20
N ARG B 8 25.25 5.52 18.41
CA ARG B 8 26.33 5.53 19.40
C ARG B 8 27.62 4.99 18.81
N ARG B 9 27.54 3.92 18.01
CA ARG B 9 28.76 3.33 17.46
C ARG B 9 29.43 4.23 16.43
N ASP B 10 28.66 5.01 15.68
CA ASP B 10 29.27 5.90 14.70
C ASP B 10 29.93 7.09 15.38
N VAL B 11 29.27 7.65 16.40
CA VAL B 11 29.87 8.72 17.19
C VAL B 11 31.17 8.26 17.83
N ALA B 12 31.19 7.04 18.37
CA ALA B 12 32.41 6.50 18.95
C ALA B 12 33.52 6.38 17.91
N GLU B 13 33.15 5.97 16.69
CA GLU B 13 34.15 5.82 15.63
C GLU B 13 34.68 7.16 15.17
N VAL B 14 33.85 8.20 15.16
CA VAL B 14 34.34 9.54 14.84
C VAL B 14 35.43 9.95 15.82
N VAL B 15 35.18 9.74 17.11
CA VAL B 15 36.17 10.10 18.13
C VAL B 15 37.44 9.28 17.95
N ALA B 16 37.28 7.99 17.74
CA ALA B 16 38.44 7.11 17.57
C ALA B 16 39.26 7.52 16.34
N ALA B 17 38.59 7.87 15.24
CA ALA B 17 39.31 8.16 14.01
C ALA B 17 39.91 9.56 14.01
N VAL B 18 39.17 10.56 14.50
CA VAL B 18 39.66 11.93 14.47
C VAL B 18 40.62 12.21 15.61
N GLY B 19 40.38 11.62 16.78
CA GLY B 19 41.14 11.93 17.98
C GLY B 19 40.43 12.95 18.87
N ARG B 20 40.54 12.80 20.19
CA ARG B 20 39.81 13.70 21.09
C ARG B 20 40.28 15.14 20.96
N ASP B 21 41.60 15.36 20.97
CA ASP B 21 42.11 16.73 20.89
C ASP B 21 41.69 17.40 19.59
N GLU B 22 41.87 16.70 18.47
CA GLU B 22 41.51 17.27 17.17
C GLU B 22 40.01 17.54 17.08
N LEU B 23 39.19 16.59 17.55
CA LEU B 23 37.75 16.81 17.52
C LEU B 23 37.36 18.02 18.37
N MET B 24 37.86 18.09 19.60
CA MET B 24 37.58 19.26 20.44
C MET B 24 38.06 20.54 19.78
N ARG B 25 39.26 20.52 19.17
CA ARG B 25 39.76 21.75 18.54
C ARG B 25 38.87 22.17 17.38
N ARG B 26 38.38 21.21 16.60
CA ARG B 26 37.49 21.58 15.50
C ARG B 26 36.23 22.26 16.02
N ILE B 27 35.70 21.76 17.14
CA ILE B 27 34.48 22.34 17.68
C ILE B 27 34.75 23.71 18.31
N ILE B 28 35.88 23.86 18.99
CA ILE B 28 36.29 25.18 19.48
C ILE B 28 36.40 26.17 18.31
N ASP B 29 37.05 25.76 17.23
CA ASP B 29 37.24 26.65 16.09
C ASP B 29 35.89 27.03 15.45
N ARG B 30 34.99 26.04 15.30
CA ARG B 30 33.68 26.35 14.73
C ARG B 30 32.87 27.28 15.63
N LEU B 31 32.92 27.04 16.94
CA LEU B 31 32.16 27.88 17.87
C LEU B 31 32.69 29.31 17.87
N THR B 32 34.02 29.47 17.87
CA THR B 32 34.56 30.82 17.90
C THR B 32 34.16 31.62 16.67
N GLY B 33 34.23 31.00 15.49
CA GLY B 33 33.81 31.68 14.28
C GLY B 33 32.32 31.98 14.26
N GLY B 34 31.50 30.99 14.64
CA GLY B 34 30.05 31.20 14.66
C GLY B 34 29.63 32.30 15.61
N LEU B 35 30.22 32.32 16.81
CA LEU B 35 29.93 33.38 17.77
C LEU B 35 30.37 34.75 17.23
N ALA B 36 31.56 34.81 16.63
CA ALA B 36 31.96 36.06 15.99
C ALA B 36 30.95 36.50 14.93
N GLU B 37 30.40 35.56 14.17
CA GLU B 37 29.42 35.91 13.16
C GLU B 37 28.16 36.50 13.78
N ILE B 38 27.74 35.98 14.94
CA ILE B 38 26.63 36.58 15.67
C ILE B 38 27.02 37.97 16.15
N GLY B 39 28.22 38.09 16.71
CA GLY B 39 28.70 39.38 17.20
C GLY B 39 28.79 40.44 16.12
N ARG B 40 28.85 40.02 14.86
CA ARG B 40 28.93 40.94 13.73
C ARG B 40 27.61 41.08 12.99
N GLY B 41 26.53 40.50 13.53
CA GLY B 41 25.23 40.59 12.90
C GLY B 41 25.05 39.77 11.65
N GLU B 42 25.96 38.85 11.35
CA GLU B 42 25.80 37.95 10.21
C GLU B 42 24.93 36.75 10.53
N ARG B 43 24.86 36.38 11.80
CA ARG B 43 23.98 35.32 12.28
C ARG B 43 23.33 35.81 13.56
N HIS B 44 22.38 35.04 14.06
CA HIS B 44 21.56 35.52 15.15
C HIS B 44 21.44 34.47 16.25
N LEU B 45 21.30 34.96 17.48
CA LEU B 45 21.09 34.09 18.62
C LEU B 45 19.86 33.22 18.40
N SER B 46 19.98 31.95 18.76
CA SER B 46 18.85 31.03 18.72
C SER B 46 17.73 31.58 19.59
N PRO B 47 16.49 31.18 19.31
CA PRO B 47 15.38 31.51 20.22
C PRO B 47 15.58 30.86 21.58
N LEU B 48 14.88 31.41 22.57
CA LEU B 48 14.83 30.83 23.91
C LEU B 48 14.49 29.34 23.87
N ARG B 49 15.29 28.53 24.57
CA ARG B 49 14.87 27.15 24.68
C ARG B 49 13.60 27.05 25.53
N GLY B 50 12.89 25.95 25.36
CA GLY B 50 11.73 25.66 26.20
C GLY B 50 11.99 24.45 27.07
N GLY B 51 11.18 24.21 28.08
CA GLY B 51 11.44 23.08 28.97
C GLY B 51 10.23 22.69 29.79
N LEU B 52 10.29 21.47 30.31
CA LEU B 52 9.25 20.88 31.17
C LEU B 52 9.90 20.34 32.43
N GLU B 53 9.56 20.94 33.57
CA GLU B 53 10.10 20.47 34.85
C GLU B 53 9.52 19.11 35.22
N ARG B 54 10.36 18.27 35.83
CA ARG B 54 9.92 16.99 36.35
C ARG B 54 10.32 16.92 37.82
N SER B 55 9.49 16.29 38.64
CA SER B 55 9.75 16.26 40.08
C SER B 55 10.31 14.94 40.57
N GLU B 56 10.11 13.84 39.83
CA GLU B 56 10.50 12.51 40.25
C GLU B 56 11.57 11.94 39.33
N PRO B 57 12.55 11.21 39.87
CA PRO B 57 12.71 10.86 41.28
C PRO B 57 13.34 12.00 42.09
N VAL B 58 14.04 12.87 41.39
CA VAL B 58 14.52 14.15 41.93
C VAL B 58 14.21 15.21 40.90
N PRO B 59 14.15 16.48 41.29
CA PRO B 59 13.78 17.53 40.32
C PRO B 59 14.76 17.59 39.16
N GLY B 60 14.20 17.56 37.95
CA GLY B 60 14.99 17.77 36.74
C GLY B 60 14.17 18.49 35.69
N ILE B 61 14.67 18.51 34.45
CA ILE B 61 13.98 19.23 33.38
C ILE B 61 14.28 18.54 32.06
N TRP B 62 13.34 18.66 31.14
CA TRP B 62 13.54 18.17 29.78
C TRP B 62 13.28 19.33 28.85
N GLU B 63 14.24 19.61 27.96
CA GLU B 63 14.23 20.86 27.22
C GLU B 63 14.37 20.60 25.72
N TRP B 64 13.81 21.53 24.93
CA TRP B 64 13.97 21.53 23.49
C TRP B 64 14.60 22.85 23.07
N MET B 65 15.51 22.78 22.09
CA MET B 65 16.35 23.91 21.72
C MET B 65 16.45 23.93 20.20
N PRO B 66 15.66 24.77 19.54
CA PRO B 66 15.76 24.89 18.08
C PRO B 66 16.73 25.98 17.64
N HIS B 67 17.29 25.78 16.45
CA HIS B 67 18.08 26.82 15.80
C HIS B 67 17.92 26.69 14.28
N ARG B 68 17.74 27.83 13.62
CA ARG B 68 17.47 27.88 12.20
C ARG B 68 18.62 28.56 11.46
N GLU B 69 19.14 27.88 10.43
CA GLU B 69 20.04 28.53 9.47
C GLU B 69 19.25 28.73 8.18
N PRO B 70 18.75 29.94 7.94
CA PRO B 70 17.74 30.14 6.88
C PRO B 70 18.24 29.69 5.52
N GLY B 71 17.38 28.97 4.81
CA GLY B 71 17.69 28.39 3.52
C GLY B 71 18.53 27.14 3.56
N ASP B 72 19.11 26.80 4.71
CA ASP B 72 19.90 25.58 4.84
C ASP B 72 19.16 24.55 5.68
N HIS B 73 19.25 24.67 7.00
CA HIS B 73 18.65 23.65 7.84
C HIS B 73 18.24 24.21 9.18
N ILE B 74 17.41 23.43 9.85
CA ILE B 74 16.96 23.69 11.21
C ILE B 74 17.55 22.60 12.09
N THR B 75 18.13 22.99 13.21
CA THR B 75 18.64 22.06 14.20
C THR B 75 17.71 22.08 15.40
N LEU B 76 17.42 20.91 15.95
CA LEU B 76 16.69 20.84 17.21
C LEU B 76 17.38 19.84 18.12
N LYS B 77 17.78 20.30 19.31
CA LYS B 77 18.28 19.38 20.31
C LYS B 77 17.21 19.18 21.37
N THR B 78 16.97 17.92 21.71
CA THR B 78 16.10 17.56 22.82
C THR B 78 16.98 16.94 23.89
N VAL B 79 16.90 17.45 25.11
CA VAL B 79 17.89 17.07 26.12
C VAL B 79 17.24 17.04 27.51
N GLY B 80 17.47 15.95 28.22
CA GLY B 80 17.02 15.84 29.59
C GLY B 80 18.16 16.10 30.57
N TYR B 81 17.79 16.70 31.69
CA TYR B 81 18.64 16.81 32.87
C TYR B 81 17.95 15.99 33.95
N SER B 82 18.56 14.87 34.32
CA SER B 82 17.96 13.96 35.29
C SER B 82 19.05 13.51 36.24
N PRO B 83 19.31 14.29 37.30
CA PRO B 83 20.56 14.11 38.06
C PRO B 83 20.60 12.83 38.89
N ALA B 84 19.49 12.10 39.03
CA ALA B 84 19.52 10.78 39.65
C ALA B 84 19.91 9.68 38.66
N ASN B 85 20.07 10.00 37.38
CA ASN B 85 20.40 8.97 36.39
C ASN B 85 21.67 8.19 36.73
N PRO B 86 22.79 8.82 37.09
CA PRO B 86 24.00 8.02 37.35
C PRO B 86 23.83 7.00 38.47
N ALA B 87 23.37 7.44 39.64
CA ALA B 87 23.29 6.53 40.79
C ALA B 87 22.15 5.52 40.61
N ARG B 88 21.03 5.95 40.03
CA ARG B 88 19.85 5.10 39.99
C ARG B 88 19.85 4.16 38.79
N PHE B 89 20.36 4.60 37.65
CA PHE B 89 20.21 3.83 36.42
C PHE B 89 21.52 3.59 35.69
N GLY B 90 22.64 4.14 36.15
CA GLY B 90 23.87 4.02 35.39
C GLY B 90 23.83 4.76 34.08
N LEU B 91 22.93 5.72 33.93
CA LEU B 91 22.77 6.57 32.78
C LEU B 91 23.35 7.95 33.06
N PRO B 92 23.82 8.64 32.02
CA PRO B 92 24.26 10.04 32.22
C PRO B 92 23.10 10.92 32.68
N THR B 93 23.45 11.91 33.52
CA THR B 93 22.47 12.94 33.90
C THR B 93 21.90 13.64 32.66
N ILE B 94 22.76 13.97 31.71
CA ILE B 94 22.38 14.68 30.50
C ILE B 94 22.21 13.64 29.40
N LEU B 95 20.98 13.50 28.92
CA LEU B 95 20.63 12.54 27.88
C LEU B 95 19.91 13.30 26.78
N GLY B 96 20.44 13.24 25.56
CA GLY B 96 19.80 14.02 24.51
C GLY B 96 20.17 13.53 23.14
N THR B 97 19.52 14.15 22.14
CA THR B 97 19.67 13.82 20.73
C THR B 97 19.55 15.12 19.93
N VAL B 98 20.18 15.14 18.76
CA VAL B 98 20.18 16.31 17.90
C VAL B 98 19.66 15.91 16.53
N ALA B 99 18.64 16.63 16.06
CA ALA B 99 18.04 16.36 14.76
C ALA B 99 18.28 17.54 13.83
N ARG B 100 18.40 17.25 12.53
CA ARG B 100 18.58 18.27 11.51
C ARG B 100 17.47 18.15 10.48
N TYR B 101 16.83 19.28 10.16
CA TYR B 101 15.74 19.33 9.20
C TYR B 101 16.14 20.25 8.05
N ASP B 102 15.81 19.85 6.83
CA ASP B 102 16.00 20.72 5.68
C ASP B 102 15.10 21.94 5.84
N ASP B 103 15.69 23.13 5.71
CA ASP B 103 14.90 24.34 5.93
C ASP B 103 13.93 24.60 4.80
N THR B 104 14.26 24.19 3.57
CA THR B 104 13.38 24.44 2.44
C THR B 104 12.12 23.58 2.54
N THR B 105 12.28 22.29 2.78
CA THR B 105 11.14 21.37 2.71
C THR B 105 10.60 20.97 4.08
N GLY B 106 11.40 21.13 5.14
CA GLY B 106 11.07 20.59 6.45
C GLY B 106 11.49 19.15 6.70
N ALA B 107 12.07 18.46 5.71
CA ALA B 107 12.35 17.04 5.85
C ALA B 107 13.45 16.77 6.88
N LEU B 108 13.24 15.74 7.70
CA LEU B 108 14.25 15.28 8.65
C LEU B 108 15.40 14.63 7.89
N THR B 109 16.57 15.25 7.89
CA THR B 109 17.69 14.77 7.10
C THR B 109 18.75 14.04 7.92
N ALA B 110 18.86 14.32 9.22
CA ALA B 110 19.92 13.70 10.00
C ALA B 110 19.50 13.66 11.46
N LEU B 111 20.00 12.66 12.18
CA LEU B 111 19.72 12.48 13.60
C LEU B 111 20.92 11.80 14.25
N MET B 112 21.33 12.31 15.42
CA MET B 112 22.51 11.75 16.07
C MET B 112 22.40 11.88 17.58
N ASP B 113 23.26 11.13 18.27
CA ASP B 113 23.43 11.29 19.71
C ASP B 113 23.73 12.74 20.06
N GLY B 114 23.19 13.20 21.17
CA GLY B 114 23.54 14.49 21.71
C GLY B 114 24.32 14.44 23.01
N VAL B 115 24.58 13.25 23.55
CA VAL B 115 25.27 13.14 24.84
C VAL B 115 26.71 13.61 24.70
N LEU B 116 27.46 12.99 23.80
CA LEU B 116 28.85 13.38 23.61
C LEU B 116 28.95 14.78 23.02
N LEU B 117 28.16 15.03 21.96
CA LEU B 117 28.13 16.36 21.35
C LEU B 117 27.89 17.45 22.40
N THR B 118 26.97 17.22 23.34
CA THR B 118 26.69 18.24 24.33
C THR B 118 27.92 18.51 25.18
N ALA B 119 28.59 17.44 25.64
CA ALA B 119 29.77 17.62 26.48
C ALA B 119 30.88 18.35 25.73
N LEU B 120 31.08 18.00 24.46
CA LEU B 120 32.10 18.65 23.65
C LEU B 120 31.84 20.14 23.47
N ARG B 121 30.62 20.54 23.04
CA ARG B 121 30.48 21.96 22.74
C ARG B 121 30.37 22.78 24.02
N THR B 122 29.98 22.16 25.12
CA THR B 122 29.93 22.88 26.39
C THR B 122 31.33 23.16 26.92
N GLY B 123 32.23 22.18 26.79
CA GLY B 123 33.63 22.44 27.08
C GLY B 123 34.20 23.48 26.12
N ALA B 124 33.89 23.33 24.83
CA ALA B 124 34.39 24.27 23.84
C ALA B 124 33.96 25.69 24.14
N ALA B 125 32.70 25.89 24.55
CA ALA B 125 32.23 27.25 24.82
C ALA B 125 32.99 27.87 25.99
N SER B 126 33.22 27.09 27.06
CA SER B 126 34.04 27.59 28.17
C SER B 126 35.44 27.94 27.70
N ALA B 127 36.03 27.12 26.81
CA ALA B 127 37.36 27.42 26.29
C ALA B 127 37.36 28.69 25.47
N VAL B 128 36.30 28.93 24.70
CA VAL B 128 36.24 30.17 23.92
C VAL B 128 36.20 31.36 24.85
N ALA B 129 35.33 31.30 25.87
CA ALA B 129 35.19 32.43 26.79
C ALA B 129 36.45 32.60 27.62
N SER B 130 37.07 31.50 28.05
CA SER B 130 38.22 31.61 28.94
C SER B 130 39.47 32.08 28.20
N ARG B 131 39.61 31.70 26.93
CA ARG B 131 40.68 32.27 26.12
C ARG B 131 40.58 33.79 26.08
N LEU B 132 39.36 34.32 26.04
CA LEU B 132 39.14 35.77 26.00
C LEU B 132 39.33 36.43 27.36
N LEU B 133 38.89 35.77 28.44
CA LEU B 133 38.74 36.44 29.72
C LEU B 133 39.67 35.94 30.82
N ALA B 134 40.38 34.84 30.62
CA ALA B 134 41.32 34.36 31.63
C ALA B 134 42.71 34.86 31.27
N ARG B 135 43.54 35.02 32.29
CA ARG B 135 44.93 35.35 32.04
C ARG B 135 45.56 34.30 31.13
N PRO B 136 46.27 34.69 30.07
CA PRO B 136 46.84 33.69 29.14
C PRO B 136 47.88 32.79 29.78
N ASP B 137 48.39 33.13 30.97
CA ASP B 137 49.34 32.29 31.67
C ASP B 137 48.69 31.51 32.82
N SER B 138 47.36 31.41 32.83
CA SER B 138 46.65 30.63 33.83
C SER B 138 47.23 29.22 33.93
N HIS B 139 47.64 28.83 35.13
CA HIS B 139 48.22 27.52 35.38
C HIS B 139 47.29 26.56 36.12
N THR B 140 46.35 27.07 36.92
CA THR B 140 45.56 26.24 37.82
C THR B 140 44.10 26.40 37.48
N LEU B 141 43.46 25.29 37.10
CA LEU B 141 42.03 25.24 36.86
C LEU B 141 41.35 24.69 38.11
N GLY B 142 40.27 25.34 38.54
CA GLY B 142 39.40 24.80 39.58
C GLY B 142 38.15 24.22 38.96
N LEU B 143 37.69 23.08 39.51
CA LEU B 143 36.45 22.45 39.05
C LEU B 143 35.58 22.16 40.26
N ILE B 144 34.38 22.72 40.28
CA ILE B 144 33.37 22.38 41.28
C ILE B 144 32.31 21.54 40.57
N GLY B 145 32.15 20.30 41.02
CA GLY B 145 31.40 19.32 40.26
C GLY B 145 32.35 18.56 39.36
N THR B 146 32.48 17.26 39.58
CA THR B 146 33.38 16.47 38.74
C THR B 146 32.61 15.33 38.10
N GLY B 147 31.46 15.67 37.51
CA GLY B 147 30.68 14.69 36.76
C GLY B 147 31.05 14.72 35.30
N ALA B 148 30.06 14.53 34.41
CA ALA B 148 30.34 14.43 32.98
C ALA B 148 30.92 15.73 32.40
N GLN B 149 30.30 16.88 32.73
CA GLN B 149 30.73 18.13 32.10
C GLN B 149 32.16 18.48 32.51
N ALA B 150 32.54 18.20 33.76
CA ALA B 150 33.89 18.52 34.22
C ALA B 150 34.96 17.93 33.32
N VAL B 151 34.70 16.72 32.78
CA VAL B 151 35.69 16.06 31.93
C VAL B 151 36.01 16.93 30.72
N THR B 152 34.98 17.41 30.00
CA THR B 152 35.26 18.23 28.83
C THR B 152 35.59 19.68 29.19
N GLN B 153 35.16 20.16 30.36
CA GLN B 153 35.64 21.46 30.82
C GLN B 153 37.16 21.43 30.93
N LEU B 154 37.70 20.44 31.63
CA LEU B 154 39.15 20.31 31.76
C LEU B 154 39.80 20.09 30.41
N HIS B 155 39.24 19.19 29.58
CA HIS B 155 39.86 18.91 28.28
C HIS B 155 39.94 20.16 27.43
N ALA B 156 38.82 20.86 27.26
CA ALA B 156 38.81 22.01 26.36
C ALA B 156 39.71 23.12 26.88
N LEU B 157 39.68 23.37 28.20
CA LEU B 157 40.47 24.46 28.73
C LEU B 157 41.96 24.13 28.68
N SER B 158 42.32 22.85 28.79
CA SER B 158 43.72 22.46 28.64
C SER B 158 44.23 22.70 27.23
N LEU B 159 43.34 22.79 26.25
CA LEU B 159 43.77 23.05 24.88
C LEU B 159 44.00 24.52 24.59
N VAL B 160 43.46 25.44 25.41
CA VAL B 160 43.62 26.87 25.14
C VAL B 160 44.41 27.59 26.23
N LEU B 161 44.69 26.98 27.37
CA LEU B 161 45.47 27.58 28.44
C LEU B 161 46.58 26.63 28.87
N PRO B 162 47.69 27.17 29.37
CA PRO B 162 48.83 26.32 29.80
C PRO B 162 48.61 25.68 31.17
N LEU B 163 47.52 24.91 31.28
CA LEU B 163 47.16 24.33 32.57
C LEU B 163 48.20 23.31 33.04
N GLN B 164 48.61 23.43 34.30
CA GLN B 164 49.49 22.47 34.96
C GLN B 164 48.78 21.67 36.04
N ARG B 165 47.61 22.12 36.48
CA ARG B 165 47.05 21.62 37.73
C ARG B 165 45.55 21.86 37.68
N ALA B 166 44.77 20.88 38.15
CA ALA B 166 43.34 21.07 38.31
C ALA B 166 42.97 20.72 39.75
N LEU B 167 42.45 21.69 40.48
CA LEU B 167 41.93 21.50 41.82
C LEU B 167 40.44 21.26 41.74
N VAL B 168 39.97 20.12 42.24
CA VAL B 168 38.63 19.67 41.94
C VAL B 168 37.90 19.25 43.22
N TRP B 169 36.58 19.46 43.20
CA TRP B 169 35.70 19.12 44.31
C TRP B 169 34.37 18.61 43.78
N ASP B 170 33.82 17.63 44.48
CA ASP B 170 32.48 17.14 44.28
C ASP B 170 31.94 16.74 45.65
N THR B 171 30.64 16.94 45.85
CA THR B 171 30.03 16.52 47.12
C THR B 171 29.95 15.00 47.23
N ASP B 172 30.07 14.27 46.13
CA ASP B 172 30.05 12.82 46.17
C ASP B 172 31.49 12.30 46.18
N PRO B 173 31.94 11.66 47.27
CA PRO B 173 33.36 11.25 47.31
C PRO B 173 33.77 10.33 46.19
N ALA B 174 32.90 9.40 45.78
CA ALA B 174 33.25 8.52 44.68
C ALA B 174 33.44 9.30 43.37
N HIS B 175 32.67 10.37 43.18
CA HIS B 175 32.78 11.14 41.94
C HIS B 175 34.07 11.97 41.93
N ARG B 176 34.51 12.49 43.07
CA ARG B 176 35.78 13.20 43.01
C ARG B 176 36.96 12.24 42.96
N GLU B 177 36.83 11.05 43.55
CA GLU B 177 37.91 10.07 43.49
C GLU B 177 38.14 9.58 42.06
N SER B 178 37.06 9.41 41.29
CA SER B 178 37.23 8.84 39.97
C SER B 178 37.63 9.87 38.91
N PHE B 179 37.59 11.17 39.24
CA PHE B 179 37.80 12.17 38.20
C PHE B 179 39.18 12.08 37.59
N ALA B 180 40.21 11.82 38.42
CA ALA B 180 41.57 11.78 37.89
C ALA B 180 41.72 10.71 36.81
N ARG B 181 41.08 9.56 36.99
CA ARG B 181 41.16 8.53 35.95
C ARG B 181 40.45 8.98 34.67
N ARG B 182 39.27 9.57 34.81
CA ARG B 182 38.56 10.11 33.65
C ARG B 182 39.31 11.26 32.99
N ALA B 183 40.19 11.95 33.73
CA ALA B 183 40.92 13.10 33.21
C ALA B 183 42.32 12.75 32.71
N ALA B 184 42.75 11.49 32.86
CA ALA B 184 44.16 11.15 32.64
C ALA B 184 44.61 11.50 31.23
N PHE B 185 43.73 11.33 30.24
CA PHE B 185 44.11 11.58 28.85
C PHE B 185 44.55 13.02 28.62
N THR B 186 44.15 13.96 29.48
CA THR B 186 44.54 15.35 29.29
C THR B 186 45.97 15.63 29.74
N GLY B 187 46.55 14.79 30.59
CA GLY B 187 47.88 15.05 31.12
C GLY B 187 47.95 16.05 32.26
N VAL B 188 46.85 16.72 32.59
CA VAL B 188 46.85 17.75 33.63
C VAL B 188 46.73 17.07 34.98
N SER B 189 47.67 17.36 35.90
CA SER B 189 47.61 16.77 37.23
C SER B 189 46.36 17.23 37.99
N VAL B 190 45.57 16.27 38.45
CA VAL B 190 44.35 16.53 39.21
C VAL B 190 44.64 16.40 40.70
N GLU B 191 44.18 17.37 41.51
CA GLU B 191 44.17 17.30 42.96
C GLU B 191 42.78 17.52 43.49
N ILE B 192 42.37 16.73 44.47
CA ILE B 192 41.15 17.02 45.21
C ILE B 192 41.39 18.19 46.16
N ALA B 193 40.46 19.13 46.19
CA ALA B 193 40.61 20.33 47.02
C ALA B 193 39.22 20.84 47.37
N GLU B 194 39.05 21.26 48.62
CA GLU B 194 37.76 21.77 49.06
C GLU B 194 37.48 23.12 48.42
N PRO B 195 36.21 23.52 48.34
CA PRO B 195 35.86 24.74 47.59
C PRO B 195 36.63 26.00 48.01
N ALA B 196 36.85 26.22 49.31
CA ALA B 196 37.57 27.42 49.73
C ALA B 196 39.01 27.41 49.22
N ARG B 197 39.64 26.23 49.16
CA ARG B 197 40.99 26.18 48.58
C ARG B 197 40.96 26.47 47.09
N ILE B 198 39.95 25.95 46.39
CA ILE B 198 39.82 26.21 44.95
C ILE B 198 39.62 27.70 44.69
N ALA B 199 38.75 28.35 45.47
CA ALA B 199 38.51 29.78 45.32
C ALA B 199 39.80 30.57 45.56
N ALA B 200 40.62 30.14 46.52
CA ALA B 200 41.83 30.90 46.85
C ALA B 200 42.95 30.69 45.84
N GLU B 201 43.00 29.53 45.18
CA GLU B 201 44.18 29.15 44.41
C GLU B 201 43.99 29.18 42.89
N ALA B 202 42.76 29.09 42.40
CA ALA B 202 42.55 28.88 40.97
C ALA B 202 42.72 30.17 40.18
N ASP B 203 43.28 30.03 38.96
CA ASP B 203 43.29 31.10 37.96
C ASP B 203 42.01 31.13 37.15
N VAL B 204 41.40 29.96 36.95
CA VAL B 204 40.16 29.81 36.21
C VAL B 204 39.39 28.70 36.89
N ILE B 205 38.07 28.84 36.98
CA ILE B 205 37.21 27.83 37.59
C ILE B 205 36.04 27.57 36.64
N SER B 206 35.62 26.31 36.55
CA SER B 206 34.31 26.00 36.01
C SER B 206 33.48 25.36 37.11
N THR B 207 32.26 25.84 37.28
CA THR B 207 31.29 25.19 38.15
C THR B 207 30.30 24.45 37.25
N ALA B 208 30.12 23.15 37.53
CA ALA B 208 29.25 22.38 36.66
C ALA B 208 28.64 21.27 37.52
N THR B 209 27.69 21.65 38.36
CA THR B 209 27.13 20.76 39.36
C THR B 209 25.66 20.50 39.10
N SER B 210 25.17 19.40 39.66
CA SER B 210 23.75 19.13 39.76
C SER B 210 23.14 19.68 41.05
N VAL B 211 23.67 20.79 41.56
CA VAL B 211 23.13 21.37 42.80
C VAL B 211 21.66 21.69 42.61
N ALA B 212 20.88 21.46 43.66
CA ALA B 212 19.44 21.65 43.58
C ALA B 212 19.09 23.14 43.64
N VAL B 213 17.88 23.46 43.20
CA VAL B 213 17.37 24.83 43.25
C VAL B 213 17.48 25.37 44.67
N GLY B 214 18.03 26.57 44.81
CA GLY B 214 18.14 27.23 46.09
C GLY B 214 19.17 26.66 47.03
N GLN B 215 19.98 25.71 46.61
CA GLN B 215 20.97 25.08 47.47
C GLN B 215 22.40 25.57 47.19
N GLY B 216 22.57 26.59 46.35
CA GLY B 216 23.87 27.21 46.18
C GLY B 216 24.20 28.16 47.31
N PRO B 217 25.40 28.76 47.26
CA PRO B 217 26.40 28.51 46.21
C PRO B 217 27.24 27.26 46.44
N VAL B 218 27.91 26.83 45.36
CA VAL B 218 28.84 25.71 45.42
C VAL B 218 30.27 26.16 45.61
N LEU B 219 30.52 27.47 45.58
CA LEU B 219 31.82 28.07 45.78
C LEU B 219 31.62 29.20 46.79
N PRO B 220 32.40 29.24 47.86
CA PRO B 220 32.18 30.28 48.88
C PRO B 220 32.72 31.62 48.43
N ASP B 221 32.07 32.68 48.89
CA ASP B 221 32.50 34.06 48.64
C ASP B 221 33.62 34.41 49.61
N THR B 222 34.83 33.97 49.28
CA THR B 222 36.00 34.21 50.12
C THR B 222 37.07 34.77 49.20
N GLY B 223 38.31 34.90 49.67
CA GLY B 223 39.40 35.38 48.86
C GLY B 223 39.50 34.62 47.56
N VAL B 224 39.41 35.34 46.45
CA VAL B 224 39.76 34.80 45.15
C VAL B 224 40.91 35.63 44.61
N ARG B 225 41.62 35.06 43.66
CA ARG B 225 42.67 35.83 43.01
C ARG B 225 42.03 36.93 42.17
N GLU B 226 42.73 38.07 42.09
CA GLU B 226 42.20 39.26 41.42
C GLU B 226 41.73 38.98 40.00
N HIS B 227 42.45 38.12 39.29
CA HIS B 227 42.23 37.88 37.87
C HIS B 227 41.31 36.70 37.60
N LEU B 228 40.71 36.13 38.65
CA LEU B 228 39.93 34.89 38.48
C LEU B 228 38.90 35.04 37.38
N HIS B 229 38.82 34.01 36.52
CA HIS B 229 37.73 33.88 35.56
C HIS B 229 36.92 32.64 35.90
N ILE B 230 35.60 32.77 35.95
CA ILE B 230 34.73 31.65 36.26
C ILE B 230 33.83 31.35 35.06
N ASN B 231 33.80 30.09 34.64
CA ASN B 231 32.74 29.57 33.78
C ASN B 231 31.65 28.99 34.69
N ALA B 232 30.52 29.68 34.76
CA ALA B 232 29.34 29.17 35.46
C ALA B 232 28.56 28.31 34.47
N VAL B 233 28.71 26.99 34.57
CA VAL B 233 28.20 26.09 33.56
C VAL B 233 26.94 25.35 34.00
N GLY B 234 26.79 25.04 35.29
CA GLY B 234 25.56 24.42 35.77
C GLY B 234 24.34 25.22 35.33
N ALA B 235 23.33 24.53 34.83
CA ALA B 235 22.11 25.19 34.36
C ALA B 235 21.07 24.13 34.09
N ASP B 236 19.87 24.29 34.65
CA ASP B 236 18.80 23.35 34.45
C ASP B 236 17.47 24.00 34.81
N LEU B 237 17.08 23.91 36.08
CA LEU B 237 15.81 24.47 36.54
C LEU B 237 15.91 25.96 36.80
N VAL B 238 14.78 26.65 36.61
CA VAL B 238 14.68 28.03 37.09
C VAL B 238 14.87 28.02 38.60
N GLY B 239 15.70 28.94 39.09
CA GLY B 239 16.04 28.99 40.50
C GLY B 239 17.39 28.38 40.86
N LYS B 240 18.02 27.65 39.94
CA LYS B 240 19.30 26.98 40.22
C LYS B 240 20.45 27.91 39.91
N THR B 241 21.32 28.14 40.91
CA THR B 241 22.50 28.97 40.76
C THR B 241 23.65 28.30 41.50
N GLU B 242 24.87 28.76 41.20
CA GLU B 242 26.07 28.13 41.74
C GLU B 242 27.03 29.12 42.38
N LEU B 243 27.00 30.41 42.01
CA LEU B 243 27.94 31.40 42.51
C LEU B 243 27.33 32.23 43.63
N PRO B 244 28.15 32.74 44.54
CA PRO B 244 27.62 33.64 45.57
C PRO B 244 27.32 35.01 44.99
N LEU B 245 26.24 35.62 45.47
CA LEU B 245 25.77 36.87 44.89
C LEU B 245 26.82 37.96 45.01
N GLY B 246 27.52 38.03 46.14
CA GLY B 246 28.51 39.08 46.33
C GLY B 246 29.65 39.00 45.33
N LEU B 247 30.08 37.78 45.01
CA LEU B 247 31.08 37.59 43.96
C LEU B 247 30.54 38.04 42.62
N LEU B 248 29.33 37.60 42.26
CA LEU B 248 28.71 37.97 41.00
C LEU B 248 28.62 39.48 40.84
N GLU B 249 28.26 40.18 41.91
CA GLU B 249 28.07 41.63 41.82
C GLU B 249 29.38 42.39 41.65
N ARG B 250 30.51 41.79 42.01
CA ARG B 250 31.83 42.37 41.79
C ARG B 250 32.41 42.06 40.42
N ALA B 251 31.83 41.14 39.67
CA ALA B 251 32.46 40.59 38.48
C ALA B 251 32.01 41.32 37.22
N PHE B 252 32.87 41.26 36.20
CA PHE B 252 32.45 41.45 34.82
C PHE B 252 31.74 40.17 34.36
N VAL B 253 30.49 40.28 33.92
CA VAL B 253 29.66 39.12 33.60
C VAL B 253 29.28 39.17 32.13
N THR B 254 29.54 38.08 31.42
CA THR B 254 29.12 37.93 30.03
C THR B 254 28.33 36.64 29.91
N ALA B 255 27.14 36.72 29.30
CA ALA B 255 26.30 35.55 29.08
C ALA B 255 26.48 35.05 27.66
N ASP B 256 26.30 33.74 27.46
CA ASP B 256 26.24 33.25 26.09
C ASP B 256 24.94 33.68 25.42
N HIS B 257 23.86 33.70 26.18
CA HIS B 257 22.51 33.97 25.67
C HIS B 257 21.81 34.78 26.75
N PRO B 258 21.82 36.12 26.64
CA PRO B 258 21.35 36.95 27.77
C PRO B 258 19.96 36.60 28.27
N GLU B 259 19.02 36.37 27.36
CA GLU B 259 17.65 36.11 27.79
C GLU B 259 17.55 34.75 28.47
N GLN B 260 18.28 33.74 27.97
CA GLN B 260 18.33 32.45 28.66
C GLN B 260 19.02 32.58 30.02
N ALA B 261 20.13 33.33 30.07
CA ALA B 261 20.89 33.45 31.31
C ALA B 261 20.08 34.18 32.39
N LEU B 262 19.31 35.19 32.00
CA LEU B 262 18.43 35.84 32.97
C LEU B 262 17.41 34.89 33.55
N ARG B 263 17.05 33.83 32.81
CA ARG B 263 16.06 32.88 33.30
C ARG B 263 16.70 31.68 34.01
N GLU B 264 17.85 31.21 33.53
CA GLU B 264 18.42 29.94 33.96
C GLU B 264 19.90 30.00 34.36
N GLY B 265 20.58 31.12 34.14
CA GLY B 265 21.97 31.26 34.49
C GLY B 265 22.15 31.96 35.83
N GLU B 266 23.43 32.27 36.13
CA GLU B 266 23.74 33.11 37.28
C GLU B 266 23.06 34.48 37.18
N CYS B 267 22.79 34.95 35.97
CA CYS B 267 22.16 36.25 35.79
C CYS B 267 20.74 36.30 36.36
N GLN B 268 20.16 35.15 36.77
CA GLN B 268 18.96 35.17 37.62
C GLN B 268 19.17 36.02 38.86
N GLN B 269 20.40 36.07 39.36
CA GLN B 269 20.73 36.80 40.58
C GLN B 269 20.93 38.29 40.34
N LEU B 270 21.01 38.72 39.09
CA LEU B 270 21.43 40.07 38.74
C LEU B 270 20.28 40.83 38.11
N SER B 271 20.32 42.15 38.25
CA SER B 271 19.42 42.99 37.49
C SER B 271 19.74 42.88 36.00
N ALA B 272 18.69 42.95 35.18
CA ALA B 272 18.89 42.87 33.74
C ALA B 272 19.85 43.95 33.23
N ASP B 273 19.89 45.11 33.91
CA ASP B 273 20.71 46.24 33.47
C ASP B 273 22.19 46.05 33.74
N ARG B 274 22.62 44.93 34.33
CA ARG B 274 23.96 44.80 34.90
C ARG B 274 24.93 44.00 34.03
N LEU B 275 24.45 43.34 32.98
CA LEU B 275 25.28 42.45 32.18
C LEU B 275 26.20 43.21 31.22
N GLY B 276 27.36 42.64 30.95
CA GLY B 276 28.19 43.12 29.87
C GLY B 276 27.71 42.65 28.52
N PRO B 277 28.45 43.01 27.47
CA PRO B 277 28.23 42.39 26.15
C PRO B 277 28.23 40.88 26.27
N GLN B 278 27.44 40.22 25.42
CA GLN B 278 27.39 38.77 25.43
C GLN B 278 28.64 38.19 24.77
N LEU B 279 28.81 36.87 24.90
CA LEU B 279 30.04 36.22 24.44
C LEU B 279 30.28 36.47 22.95
N ALA B 280 29.23 36.36 22.14
CA ALA B 280 29.34 36.62 20.69
C ALA B 280 30.00 37.97 20.42
N HIS B 281 29.62 39.01 21.18
CA HIS B 281 30.22 40.31 20.94
C HIS B 281 31.70 40.33 21.34
N LEU B 282 32.06 39.59 22.38
CA LEU B 282 33.47 39.50 22.76
C LEU B 282 34.30 38.73 21.73
N CYS B 283 33.72 37.71 21.10
CA CYS B 283 34.42 37.01 20.03
C CYS B 283 34.64 37.91 18.82
N ALA B 284 33.63 38.71 18.47
CA ALA B 284 33.77 39.60 17.33
C ALA B 284 34.74 40.74 17.61
N ASP B 285 34.78 41.22 18.86
CA ASP B 285 35.60 42.36 19.25
C ASP B 285 36.29 42.04 20.56
N PRO B 286 37.40 41.30 20.50
CA PRO B 286 38.02 40.84 21.76
C PRO B 286 38.65 41.97 22.56
N ALA B 287 38.79 43.17 21.98
CA ALA B 287 39.26 44.32 22.73
C ALA B 287 38.40 44.57 23.97
N ALA B 288 37.12 44.22 23.92
CA ALA B 288 36.27 44.40 25.08
C ALA B 288 36.53 43.37 26.17
N ALA B 289 37.24 42.28 25.86
CA ALA B 289 37.52 41.24 26.84
C ALA B 289 38.96 41.25 27.34
N ALA B 290 39.90 41.73 26.52
CA ALA B 290 41.31 41.73 26.93
C ALA B 290 41.51 42.48 28.25
N GLY B 291 40.88 43.65 28.39
CA GLY B 291 41.00 44.45 29.60
C GLY B 291 40.36 43.85 30.82
N ARG B 292 39.68 42.71 30.69
CA ARG B 292 39.07 42.04 31.85
C ARG B 292 39.79 40.76 32.22
N GLN B 293 40.91 40.46 31.56
CA GLN B 293 41.68 39.28 31.91
C GLN B 293 42.23 39.37 33.33
N ASP B 294 42.57 40.57 33.80
CA ASP B 294 43.22 40.74 35.08
C ASP B 294 42.28 41.18 36.19
N THR B 295 40.97 41.11 35.97
CA THR B 295 40.00 41.42 37.00
C THR B 295 39.00 40.28 37.07
N LEU B 296 38.12 40.27 38.06
CA LEU B 296 37.22 39.15 38.25
C LEU B 296 36.19 39.10 37.10
N SER B 297 36.09 37.94 36.44
CA SER B 297 35.13 37.77 35.35
C SER B 297 34.36 36.47 35.51
N VAL B 298 33.12 36.49 35.00
CA VAL B 298 32.22 35.33 35.00
C VAL B 298 31.67 35.17 33.58
N PHE B 299 31.86 33.99 32.98
CA PHE B 299 31.13 33.59 31.79
C PHE B 299 29.91 32.82 32.28
N ASP B 300 28.73 33.38 32.03
CA ASP B 300 27.48 32.75 32.44
C ASP B 300 27.00 31.87 31.30
N SER B 301 27.12 30.55 31.45
CA SER B 301 26.88 29.61 30.38
C SER B 301 25.59 28.85 30.61
N THR B 302 24.67 28.97 29.66
CA THR B 302 23.45 28.16 29.65
C THR B 302 23.41 27.14 28.52
N GLY B 303 24.21 27.34 27.46
CA GLY B 303 24.15 26.51 26.28
C GLY B 303 23.02 26.97 25.38
N PHE B 304 23.25 27.05 24.07
CA PHE B 304 22.14 27.39 23.18
C PHE B 304 22.32 26.66 21.86
N ALA B 305 21.21 26.56 21.12
CA ALA B 305 21.08 25.55 20.07
C ALA B 305 22.08 25.76 18.95
N PHE B 306 22.50 27.00 18.70
CA PHE B 306 23.50 27.27 17.68
C PHE B 306 24.77 26.46 17.92
N GLU B 307 25.18 26.33 19.19
CA GLU B 307 26.36 25.51 19.51
C GLU B 307 26.16 24.06 19.12
N ASP B 308 24.94 23.56 19.30
CA ASP B 308 24.65 22.18 18.92
C ASP B 308 24.68 22.00 17.41
N ALA B 309 24.16 22.98 16.67
CA ALA B 309 24.19 22.91 15.22
C ALA B 309 25.62 22.91 14.69
N LEU B 310 26.46 23.79 15.24
CA LEU B 310 27.85 23.85 14.81
C LEU B 310 28.60 22.56 15.13
N ALA B 311 28.43 22.05 16.35
CA ALA B 311 29.08 20.78 16.71
C ALA B 311 28.55 19.62 15.86
N MET B 312 27.25 19.63 15.55
CA MET B 312 26.71 18.58 14.70
C MET B 312 27.35 18.60 13.32
N GLU B 313 27.58 19.79 12.77
CA GLU B 313 28.24 19.91 11.47
C GLU B 313 29.62 19.26 11.51
N VAL B 314 30.40 19.48 12.58
CA VAL B 314 31.70 18.84 12.74
C VAL B 314 31.56 17.32 12.67
N PHE B 315 30.59 16.76 13.39
CA PHE B 315 30.41 15.32 13.38
C PHE B 315 29.95 14.80 12.02
N LEU B 316 29.07 15.55 11.33
CA LEU B 316 28.57 15.07 10.04
C LEU B 316 29.67 15.10 8.98
N GLU B 317 30.51 16.14 9.01
CA GLU B 317 31.65 16.21 8.10
C GLU B 317 32.57 15.01 8.30
N ALA B 318 32.88 14.68 9.56
CA ALA B 318 33.79 13.57 9.83
C ALA B 318 33.15 12.23 9.51
N ALA B 319 31.84 12.10 9.77
CA ALA B 319 31.13 10.85 9.48
C ALA B 319 30.98 10.63 7.98
N ALA B 320 30.73 11.70 7.22
CA ALA B 320 30.64 11.58 5.77
C ALA B 320 31.97 11.11 5.19
N GLU B 321 33.08 11.72 5.62
CA GLU B 321 34.39 11.33 5.11
C GLU B 321 34.65 9.84 5.30
N ARG B 322 34.08 9.24 6.34
CA ARG B 322 34.34 7.85 6.68
C ARG B 322 33.15 6.94 6.39
N ASP B 323 32.16 7.43 5.66
CA ASP B 323 31.00 6.64 5.26
C ASP B 323 30.33 5.99 6.48
N LEU B 324 30.24 6.74 7.57
CA LEU B 324 29.63 6.20 8.77
C LEU B 324 28.13 6.47 8.81
N GLY B 325 27.44 5.75 9.68
CA GLY B 325 26.01 5.93 9.86
C GLY B 325 25.16 5.02 9.02
N ILE B 326 23.85 5.11 9.23
CA ILE B 326 22.87 4.34 8.47
C ILE B 326 21.84 5.31 7.91
N ARG B 327 21.07 4.83 6.94
CA ARG B 327 19.99 5.59 6.33
C ARG B 327 18.68 4.88 6.67
N VAL B 328 17.76 5.62 7.30
CA VAL B 328 16.48 5.07 7.72
C VAL B 328 15.37 5.92 7.12
N GLY B 329 14.44 5.30 6.41
CA GLY B 329 13.28 6.02 5.95
C GLY B 329 12.28 6.17 7.09
N ILE B 330 12.26 7.33 7.72
CA ILE B 330 11.38 7.57 8.86
C ILE B 330 10.11 8.31 8.43
N GLU B 331 10.27 9.42 7.73
CA GLU B 331 9.13 10.19 7.23
C GLU B 331 8.43 9.48 6.09
N HIS B 332 7.13 9.60 6.05
CA HIS B 332 6.31 9.07 4.98
C HIS B 332 6.21 10.14 3.89
N HIS B 333 6.76 9.84 2.71
CA HIS B 333 6.63 10.71 1.55
C HIS B 333 5.71 10.00 0.57
N PRO B 334 4.41 10.28 0.61
CA PRO B 334 3.48 9.55 -0.26
C PRO B 334 3.81 9.80 -1.73
N GLY B 335 3.58 8.76 -2.54
CA GLY B 335 3.80 8.90 -3.97
C GLY B 335 2.99 10.03 -4.57
N ASP B 336 1.87 10.34 -3.96
CA ASP B 336 1.04 11.49 -4.33
C ASP B 336 1.10 12.43 -3.14
N ALA B 337 1.68 13.62 -3.34
CA ALA B 337 1.90 14.57 -2.26
C ALA B 337 0.60 15.01 -1.59
N LEU B 338 -0.54 14.86 -2.27
CA LEU B 338 -1.83 15.29 -1.74
C LEU B 338 -2.62 14.14 -1.14
N ASP B 339 -2.01 12.98 -0.99
CA ASP B 339 -2.74 11.79 -0.55
C ASP B 339 -1.99 11.17 0.62
N PRO B 340 -2.35 11.48 1.86
CA PRO B 340 -1.64 10.88 3.01
C PRO B 340 -1.68 9.37 3.02
N TYR B 341 -2.70 8.76 2.39
CA TYR B 341 -2.83 7.30 2.34
C TYR B 341 -2.03 6.68 1.21
N ALA B 342 -1.33 7.49 0.41
CA ALA B 342 -0.58 6.96 -0.73
C ALA B 342 0.79 6.47 -0.24
N LEU B 343 0.78 5.40 0.52
CA LEU B 343 2.01 4.87 1.08
C LEU B 343 2.83 4.27 -0.08
N GLN B 344 3.93 4.96 -0.43
CA GLN B 344 4.73 4.70 -1.64
C GLN B 344 5.05 3.22 -1.87
N MET C 1 -26.38 -2.91 -20.59
CA MET C 1 -25.59 -3.88 -19.82
C MET C 1 -24.11 -3.70 -20.08
N GLU C 2 -23.33 -3.49 -19.02
CA GLU C 2 -21.89 -3.27 -19.13
C GLU C 2 -21.18 -4.12 -18.08
N THR C 3 -19.95 -4.49 -18.40
CA THR C 3 -19.15 -5.30 -17.47
C THR C 3 -18.58 -4.41 -16.37
N TRP C 4 -18.74 -4.85 -15.13
CA TRP C 4 -18.17 -4.18 -13.97
C TRP C 4 -16.72 -4.64 -13.81
N VAL C 5 -15.77 -3.73 -14.04
CA VAL C 5 -14.35 -4.07 -13.99
C VAL C 5 -13.77 -3.47 -12.72
N LEU C 6 -13.16 -4.31 -11.88
CA LEU C 6 -12.38 -3.82 -10.75
C LEU C 6 -10.91 -3.74 -11.17
N GLY C 7 -10.39 -2.53 -11.33
CA GLY C 7 -8.98 -2.37 -11.61
C GLY C 7 -8.11 -2.74 -10.41
N ARG C 8 -6.80 -2.93 -10.68
CA ARG C 8 -5.83 -3.11 -9.59
C ARG C 8 -5.96 -2.01 -8.55
N ARG C 9 -6.28 -0.80 -8.98
CA ARG C 9 -6.44 0.31 -8.04
C ARG C 9 -7.67 0.13 -7.16
N ASP C 10 -8.77 -0.38 -7.73
CA ASP C 10 -9.97 -0.63 -6.93
C ASP C 10 -9.74 -1.75 -5.92
N VAL C 11 -9.07 -2.84 -6.33
CA VAL C 11 -8.73 -3.91 -5.41
C VAL C 11 -7.84 -3.38 -4.28
N ALA C 12 -6.85 -2.56 -4.64
CA ALA C 12 -5.97 -1.95 -3.63
C ALA C 12 -6.75 -1.13 -2.61
N GLU C 13 -7.72 -0.34 -3.09
CA GLU C 13 -8.47 0.50 -2.16
C GLU C 13 -9.39 -0.32 -1.27
N VAL C 14 -9.93 -1.44 -1.77
CA VAL C 14 -10.70 -2.34 -0.92
C VAL C 14 -9.83 -2.85 0.24
N VAL C 15 -8.66 -3.43 -0.08
CA VAL C 15 -7.86 -4.02 0.99
C VAL C 15 -7.33 -2.93 1.92
N ALA C 16 -7.07 -1.74 1.39
CA ALA C 16 -6.58 -0.65 2.23
C ALA C 16 -7.65 -0.18 3.20
N ALA C 17 -8.89 0.02 2.70
CA ALA C 17 -9.95 0.49 3.57
C ALA C 17 -10.35 -0.54 4.61
N VAL C 18 -10.49 -1.80 4.19
CA VAL C 18 -10.99 -2.85 5.06
C VAL C 18 -9.88 -3.40 5.95
N GLY C 19 -8.65 -3.43 5.46
CA GLY C 19 -7.53 -3.98 6.19
C GLY C 19 -7.24 -5.41 5.79
N ARG C 20 -5.96 -5.80 5.87
CA ARG C 20 -5.59 -7.18 5.55
C ARG C 20 -6.22 -8.17 6.51
N ASP C 21 -6.19 -7.88 7.83
CA ASP C 21 -6.68 -8.85 8.80
C ASP C 21 -8.17 -9.13 8.60
N GLU C 22 -8.96 -8.06 8.47
CA GLU C 22 -10.41 -8.23 8.35
C GLU C 22 -10.77 -8.90 7.03
N LEU C 23 -10.08 -8.51 5.95
CA LEU C 23 -10.38 -9.10 4.65
C LEU C 23 -10.00 -10.59 4.62
N MET C 24 -8.86 -10.95 5.22
CA MET C 24 -8.53 -12.37 5.33
C MET C 24 -9.55 -13.10 6.20
N ARG C 25 -9.95 -12.48 7.31
CA ARG C 25 -10.93 -13.13 8.18
C ARG C 25 -12.24 -13.37 7.44
N ARG C 26 -12.69 -12.39 6.66
CA ARG C 26 -13.93 -12.56 5.89
C ARG C 26 -13.83 -13.75 4.94
N ILE C 27 -12.69 -13.89 4.27
CA ILE C 27 -12.53 -14.97 3.30
C ILE C 27 -12.43 -16.31 4.01
N ILE C 28 -11.73 -16.35 5.15
CA ILE C 28 -11.72 -17.58 5.95
C ILE C 28 -13.13 -17.98 6.36
N ASP C 29 -13.91 -17.02 6.85
CA ASP C 29 -15.28 -17.34 7.26
C ASP C 29 -16.13 -17.78 6.07
N ARG C 30 -16.01 -17.09 4.93
CA ARG C 30 -16.84 -17.47 3.78
C ARG C 30 -16.46 -18.85 3.24
N LEU C 31 -15.15 -19.14 3.18
CA LEU C 31 -14.71 -20.47 2.74
C LEU C 31 -15.21 -21.55 3.68
N THR C 32 -15.13 -21.31 4.99
CA THR C 32 -15.59 -22.28 5.97
C THR C 32 -17.06 -22.61 5.75
N GLY C 33 -17.90 -21.58 5.65
CA GLY C 33 -19.31 -21.80 5.44
C GLY C 33 -19.61 -22.45 4.10
N GLY C 34 -18.90 -22.03 3.05
CA GLY C 34 -19.12 -22.63 1.75
C GLY C 34 -18.69 -24.08 1.70
N LEU C 35 -17.54 -24.39 2.30
CA LEU C 35 -17.09 -25.78 2.32
C LEU C 35 -18.03 -26.66 3.15
N ALA C 36 -18.58 -26.11 4.24
CA ALA C 36 -19.56 -26.87 4.99
C ALA C 36 -20.82 -27.11 4.17
N GLU C 37 -21.24 -26.12 3.38
CA GLU C 37 -22.36 -26.33 2.47
C GLU C 37 -22.08 -27.48 1.51
N ILE C 38 -20.88 -27.51 0.92
CA ILE C 38 -20.53 -28.63 0.07
C ILE C 38 -20.58 -29.93 0.86
N GLY C 39 -20.08 -29.91 2.10
CA GLY C 39 -20.07 -31.09 2.93
C GLY C 39 -21.44 -31.59 3.31
N ARG C 40 -22.46 -30.74 3.22
CA ARG C 40 -23.83 -31.16 3.42
C ARG C 40 -24.57 -31.46 2.12
N GLY C 41 -23.88 -31.37 0.98
CA GLY C 41 -24.54 -31.59 -0.30
C GLY C 41 -25.38 -30.44 -0.79
N GLU C 42 -25.29 -29.27 -0.15
CA GLU C 42 -26.06 -28.09 -0.59
C GLU C 42 -25.42 -27.37 -1.76
N ARG C 43 -24.13 -27.59 -2.00
CA ARG C 43 -23.39 -27.08 -3.14
C ARG C 43 -22.40 -28.16 -3.53
N HIS C 44 -21.73 -27.99 -4.66
CA HIS C 44 -20.90 -29.05 -5.21
C HIS C 44 -19.51 -28.56 -5.61
N LEU C 45 -18.53 -29.46 -5.49
CA LEU C 45 -17.18 -29.19 -5.97
C LEU C 45 -17.20 -28.73 -7.43
N SER C 46 -16.29 -27.80 -7.74
CA SER C 46 -16.08 -27.35 -9.10
C SER C 46 -15.62 -28.51 -9.99
N PRO C 47 -15.81 -28.40 -11.29
CA PRO C 47 -15.20 -29.37 -12.22
C PRO C 47 -13.70 -29.26 -12.14
N LEU C 48 -13.03 -30.28 -12.66
CA LEU C 48 -11.58 -30.29 -12.76
C LEU C 48 -11.12 -29.12 -13.61
N ARG C 49 -10.05 -28.45 -13.19
CA ARG C 49 -9.53 -27.40 -14.04
C ARG C 49 -8.80 -28.00 -15.25
N GLY C 50 -8.53 -27.15 -16.24
CA GLY C 50 -7.73 -27.53 -17.39
C GLY C 50 -6.55 -26.59 -17.54
N GLY C 51 -5.60 -26.99 -18.37
CA GLY C 51 -4.42 -26.16 -18.53
C GLY C 51 -3.61 -26.50 -19.75
N LEU C 52 -2.73 -25.56 -20.12
CA LEU C 52 -1.79 -25.68 -21.22
C LEU C 52 -0.39 -25.60 -20.66
N GLU C 53 0.40 -26.66 -20.83
CA GLU C 53 1.78 -26.65 -20.36
C GLU C 53 2.64 -25.75 -21.24
N ARG C 54 3.56 -25.02 -20.61
CA ARG C 54 4.50 -24.17 -21.31
C ARG C 54 5.91 -24.54 -20.89
N SER C 55 6.78 -24.80 -21.87
CA SER C 55 8.11 -25.32 -21.56
C SER C 55 9.10 -24.22 -21.22
N GLU C 56 8.94 -23.03 -21.79
CA GLU C 56 9.88 -21.95 -21.60
C GLU C 56 9.20 -20.72 -21.04
N PRO C 57 9.94 -19.83 -20.35
CA PRO C 57 11.39 -19.81 -20.07
C PRO C 57 11.83 -21.04 -19.28
N VAL C 58 10.99 -21.43 -18.33
CA VAL C 58 11.09 -22.69 -17.61
C VAL C 58 9.70 -23.29 -17.55
N PRO C 59 9.58 -24.58 -17.26
CA PRO C 59 8.27 -25.22 -17.32
C PRO C 59 7.24 -24.56 -16.40
N GLY C 60 6.11 -24.22 -16.99
CA GLY C 60 5.01 -23.63 -16.25
C GLY C 60 3.72 -24.10 -16.87
N ILE C 61 2.60 -23.53 -16.45
CA ILE C 61 1.31 -23.94 -16.96
C ILE C 61 0.39 -22.73 -16.90
N TRP C 62 -0.56 -22.68 -17.81
CA TRP C 62 -1.58 -21.65 -17.77
C TRP C 62 -2.92 -22.36 -17.69
N GLU C 63 -3.74 -22.02 -16.68
CA GLU C 63 -4.89 -22.85 -16.36
C GLU C 63 -6.19 -22.05 -16.36
N TRP C 64 -7.29 -22.74 -16.65
CA TRP C 64 -8.63 -22.19 -16.55
C TRP C 64 -9.43 -23.01 -15.56
N MET C 65 -10.22 -22.33 -14.72
CA MET C 65 -10.90 -22.97 -13.60
C MET C 65 -12.32 -22.44 -13.51
N PRO C 66 -13.31 -23.17 -14.04
CA PRO C 66 -14.70 -22.73 -13.92
C PRO C 66 -15.39 -23.24 -12.67
N HIS C 67 -16.40 -22.47 -12.23
CA HIS C 67 -17.33 -22.91 -11.19
C HIS C 67 -18.70 -22.33 -11.52
N ARG C 68 -19.72 -23.17 -11.51
CA ARG C 68 -21.06 -22.74 -11.88
C ARG C 68 -21.99 -22.82 -10.68
N GLU C 69 -22.75 -21.76 -10.45
CA GLU C 69 -23.89 -21.81 -9.54
C GLU C 69 -25.14 -21.76 -10.40
N PRO C 70 -25.83 -22.88 -10.61
CA PRO C 70 -26.84 -22.95 -11.67
C PRO C 70 -27.96 -21.92 -11.48
N GLY C 71 -28.31 -21.22 -12.55
CA GLY C 71 -29.31 -20.18 -12.49
C GLY C 71 -28.80 -18.84 -12.00
N ASP C 72 -27.56 -18.78 -11.51
CA ASP C 72 -27.02 -17.55 -10.97
C ASP C 72 -25.86 -17.07 -11.83
N HIS C 73 -24.67 -17.60 -11.61
CA HIS C 73 -23.53 -17.13 -12.39
C HIS C 73 -22.50 -18.23 -12.55
N ILE C 74 -21.59 -18.01 -13.49
CA ILE C 74 -20.41 -18.84 -13.72
C ILE C 74 -19.20 -17.99 -13.39
N THR C 75 -18.27 -18.55 -12.60
CA THR C 75 -16.99 -17.92 -12.31
C THR C 75 -15.91 -18.63 -13.10
N LEU C 76 -15.02 -17.87 -13.73
CA LEU C 76 -13.86 -18.44 -14.41
C LEU C 76 -12.61 -17.70 -13.96
N LYS C 77 -11.67 -18.43 -13.36
CA LYS C 77 -10.34 -17.89 -13.09
C LYS C 77 -9.38 -18.39 -14.15
N THR C 78 -8.62 -17.48 -14.75
CA THR C 78 -7.57 -17.82 -15.69
C THR C 78 -6.27 -17.40 -15.03
N VAL C 79 -5.32 -18.33 -14.92
CA VAL C 79 -4.18 -18.08 -14.05
C VAL C 79 -2.96 -18.81 -14.60
N GLY C 80 -1.85 -18.10 -14.70
CA GLY C 80 -0.60 -18.68 -15.13
C GLY C 80 0.28 -19.00 -13.94
N TYR C 81 1.04 -20.08 -14.07
CA TYR C 81 2.14 -20.38 -13.18
C TYR C 81 3.41 -20.29 -14.04
N SER C 82 4.25 -19.30 -13.75
CA SER C 82 5.45 -19.01 -14.55
C SER C 82 6.56 -18.71 -13.57
N PRO C 83 7.25 -19.74 -13.06
CA PRO C 83 8.12 -19.54 -11.89
C PRO C 83 9.39 -18.73 -12.18
N ALA C 84 9.68 -18.39 -13.44
CA ALA C 84 10.76 -17.48 -13.76
C ALA C 84 10.34 -16.02 -13.73
N ASN C 85 9.04 -15.75 -13.59
CA ASN C 85 8.53 -14.37 -13.61
C ASN C 85 9.21 -13.46 -12.60
N PRO C 86 9.38 -13.83 -11.32
CA PRO C 86 9.98 -12.86 -10.38
C PRO C 86 11.40 -12.45 -10.76
N ALA C 87 12.28 -13.41 -11.03
CA ALA C 87 13.68 -13.07 -11.31
C ALA C 87 13.83 -12.42 -12.67
N ARG C 88 13.12 -12.92 -13.68
CA ARG C 88 13.35 -12.44 -15.04
C ARG C 88 12.53 -11.21 -15.40
N PHE C 89 11.33 -11.03 -14.85
CA PHE C 89 10.47 -9.93 -15.24
C PHE C 89 10.03 -9.05 -14.08
N GLY C 90 10.33 -9.41 -12.84
CA GLY C 90 9.75 -8.68 -11.75
C GLY C 90 8.25 -8.86 -11.61
N LEU C 91 7.68 -9.92 -12.21
CA LEU C 91 6.26 -10.24 -12.10
C LEU C 91 6.05 -11.40 -11.13
N PRO C 92 4.87 -11.55 -10.55
CA PRO C 92 4.62 -12.72 -9.72
C PRO C 92 4.56 -13.99 -10.57
N THR C 93 5.00 -15.08 -9.96
CA THR C 93 4.86 -16.40 -10.55
C THR C 93 3.41 -16.70 -10.93
N ILE C 94 2.49 -16.38 -10.01
CA ILE C 94 1.07 -16.61 -10.19
C ILE C 94 0.44 -15.30 -10.65
N LEU C 95 -0.08 -15.30 -11.87
CA LEU C 95 -0.62 -14.11 -12.50
C LEU C 95 -1.97 -14.48 -13.10
N GLY C 96 -3.04 -13.81 -12.69
CA GLY C 96 -4.32 -14.21 -13.24
C GLY C 96 -5.41 -13.20 -12.95
N THR C 97 -6.60 -13.55 -13.43
CA THR C 97 -7.80 -12.71 -13.36
C THR C 97 -8.99 -13.62 -13.12
N VAL C 98 -10.06 -13.06 -12.55
CA VAL C 98 -11.29 -13.79 -12.28
C VAL C 98 -12.46 -13.06 -12.96
N ALA C 99 -13.24 -13.80 -13.73
CA ALA C 99 -14.39 -13.26 -14.43
C ALA C 99 -15.66 -13.92 -13.91
N ARG C 100 -16.77 -13.16 -13.95
CA ARG C 100 -18.08 -13.68 -13.60
C ARG C 100 -19.01 -13.46 -14.78
N TYR C 101 -19.81 -14.48 -15.08
CA TYR C 101 -20.75 -14.46 -16.20
C TYR C 101 -22.14 -14.75 -15.69
N ASP C 102 -23.15 -14.10 -16.28
CA ASP C 102 -24.52 -14.45 -15.94
C ASP C 102 -24.83 -15.86 -16.44
N ASP C 103 -25.34 -16.71 -15.56
CA ASP C 103 -25.56 -18.10 -15.97
C ASP C 103 -26.68 -18.22 -17.00
N THR C 104 -27.68 -17.35 -16.92
CA THR C 104 -28.84 -17.46 -17.79
C THR C 104 -28.51 -17.06 -19.22
N THR C 105 -27.82 -15.93 -19.38
CA THR C 105 -27.57 -15.34 -20.70
C THR C 105 -26.14 -15.56 -21.18
N GLY C 106 -25.21 -15.90 -20.28
CA GLY C 106 -23.81 -15.94 -20.62
C GLY C 106 -23.06 -14.62 -20.55
N ALA C 107 -23.74 -13.51 -20.24
CA ALA C 107 -23.11 -12.20 -20.36
C ALA C 107 -22.02 -12.04 -19.30
N LEU C 108 -20.89 -11.45 -19.72
CA LEU C 108 -19.79 -11.15 -18.82
C LEU C 108 -20.21 -9.99 -17.91
N THR C 109 -20.35 -10.26 -16.61
CA THR C 109 -20.86 -9.22 -15.72
C THR C 109 -19.79 -8.56 -14.86
N ALA C 110 -18.69 -9.25 -14.54
CA ALA C 110 -17.68 -8.66 -13.68
C ALA C 110 -16.32 -9.27 -13.98
N LEU C 111 -15.27 -8.50 -13.72
CA LEU C 111 -13.90 -8.90 -14.03
C LEU C 111 -12.97 -8.21 -13.05
N MET C 112 -12.02 -8.96 -12.47
CA MET C 112 -11.14 -8.36 -11.48
C MET C 112 -9.80 -9.10 -11.44
N ASP C 113 -8.84 -8.46 -10.78
CA ASP C 113 -7.54 -9.09 -10.51
C ASP C 113 -7.72 -10.43 -9.82
N GLY C 114 -6.86 -11.38 -10.18
CA GLY C 114 -6.81 -12.66 -9.50
C GLY C 114 -5.56 -12.86 -8.66
N VAL C 115 -4.57 -11.96 -8.77
CA VAL C 115 -3.31 -12.16 -8.05
C VAL C 115 -3.53 -12.11 -6.55
N LEU C 116 -4.07 -10.99 -6.05
CA LEU C 116 -4.26 -10.89 -4.60
C LEU C 116 -5.31 -11.88 -4.13
N LEU C 117 -6.44 -11.97 -4.85
CA LEU C 117 -7.50 -12.89 -4.49
C LEU C 117 -6.98 -14.31 -4.33
N THR C 118 -6.13 -14.75 -5.26
CA THR C 118 -5.58 -16.10 -5.18
C THR C 118 -4.79 -16.28 -3.90
N ALA C 119 -3.86 -15.36 -3.62
CA ALA C 119 -3.06 -15.49 -2.41
C ALA C 119 -3.95 -15.51 -1.17
N LEU C 120 -5.02 -14.71 -1.16
CA LEU C 120 -5.88 -14.65 0.01
C LEU C 120 -6.62 -15.96 0.25
N ARG C 121 -7.31 -16.48 -0.78
CA ARG C 121 -8.11 -17.67 -0.53
C ARG C 121 -7.24 -18.91 -0.36
N THR C 122 -5.99 -18.86 -0.84
CA THR C 122 -5.09 -20.00 -0.66
C THR C 122 -4.56 -20.04 0.77
N GLY C 123 -4.20 -18.88 1.32
CA GLY C 123 -3.96 -18.80 2.74
C GLY C 123 -5.18 -19.21 3.54
N ALA C 124 -6.35 -18.74 3.14
CA ALA C 124 -7.56 -19.01 3.94
C ALA C 124 -7.88 -20.49 3.98
N ALA C 125 -7.67 -21.19 2.87
CA ALA C 125 -7.95 -22.62 2.83
C ALA C 125 -7.05 -23.39 3.80
N SER C 126 -5.76 -23.02 3.85
CA SER C 126 -4.85 -23.63 4.84
C SER C 126 -5.30 -23.34 6.27
N ALA C 127 -5.78 -22.13 6.53
CA ALA C 127 -6.29 -21.81 7.86
C ALA C 127 -7.51 -22.66 8.19
N VAL C 128 -8.42 -22.83 7.24
CA VAL C 128 -9.59 -23.68 7.48
C VAL C 128 -9.15 -25.10 7.84
N ALA C 129 -8.29 -25.70 7.01
CA ALA C 129 -7.86 -27.07 7.26
C ALA C 129 -7.07 -27.17 8.54
N SER C 130 -6.25 -26.16 8.85
CA SER C 130 -5.37 -26.25 10.02
C SER C 130 -6.12 -26.03 11.32
N ARG C 131 -7.12 -25.16 11.31
CA ARG C 131 -8.03 -25.07 12.46
C ARG C 131 -8.60 -26.44 12.81
N LEU C 132 -8.91 -27.25 11.79
CA LEU C 132 -9.47 -28.57 11.99
C LEU C 132 -8.43 -29.60 12.41
N LEU C 133 -7.25 -29.55 11.82
CA LEU C 133 -6.32 -30.67 11.90
C LEU C 133 -5.04 -30.38 12.67
N ALA C 134 -4.75 -29.13 12.98
CA ALA C 134 -3.59 -28.81 13.81
C ALA C 134 -4.02 -28.78 15.28
N ARG C 135 -3.06 -29.06 16.16
CA ARG C 135 -3.30 -28.82 17.58
C ARG C 135 -3.70 -27.37 17.82
N PRO C 136 -4.73 -27.11 18.63
CA PRO C 136 -5.14 -25.72 18.84
C PRO C 136 -4.11 -24.89 19.57
N ASP C 137 -3.12 -25.50 20.24
CA ASP C 137 -2.04 -24.77 20.86
C ASP C 137 -0.78 -24.74 20.01
N SER C 138 -0.89 -25.03 18.71
CA SER C 138 0.28 -24.96 17.83
C SER C 138 1.00 -23.61 17.97
N HIS C 139 2.31 -23.69 18.18
CA HIS C 139 3.17 -22.56 18.49
C HIS C 139 4.16 -22.23 17.39
N THR C 140 4.66 -23.25 16.69
CA THR C 140 5.73 -23.09 15.71
C THR C 140 5.23 -23.51 14.34
N LEU C 141 5.26 -22.60 13.39
CA LEU C 141 4.93 -22.87 12.00
C LEU C 141 6.21 -23.04 11.21
N GLY C 142 6.28 -24.07 10.38
CA GLY C 142 7.34 -24.20 9.39
C GLY C 142 6.81 -23.78 8.02
N LEU C 143 7.65 -23.05 7.27
CA LEU C 143 7.33 -22.67 5.91
C LEU C 143 8.46 -23.13 5.00
N ILE C 144 8.14 -23.97 4.02
CA ILE C 144 9.10 -24.36 3.00
C ILE C 144 8.66 -23.73 1.70
N GLY C 145 9.53 -22.93 1.11
CA GLY C 145 9.13 -22.01 0.06
C GLY C 145 8.68 -20.71 0.71
N THR C 146 9.44 -19.63 0.51
CA THR C 146 9.10 -18.33 1.10
C THR C 146 8.87 -17.31 0.01
N GLY C 147 8.09 -17.68 -1.01
CA GLY C 147 7.69 -16.74 -2.04
C GLY C 147 6.36 -16.08 -1.73
N ALA C 148 5.52 -15.91 -2.73
CA ALA C 148 4.30 -15.12 -2.54
C ALA C 148 3.27 -15.86 -1.69
N GLN C 149 3.03 -17.15 -1.98
CA GLN C 149 2.02 -17.85 -1.18
C GLN C 149 2.42 -17.93 0.29
N ALA C 150 3.72 -18.04 0.58
CA ALA C 150 4.15 -18.15 1.98
C ALA C 150 3.68 -16.97 2.82
N VAL C 151 3.60 -15.78 2.22
CA VAL C 151 3.16 -14.58 2.95
C VAL C 151 1.74 -14.76 3.47
N THR C 152 0.80 -15.19 2.61
CA THR C 152 -0.56 -15.37 3.10
C THR C 152 -0.77 -16.69 3.83
N GLN C 153 0.05 -17.71 3.59
CA GLN C 153 0.05 -18.87 4.49
C GLN C 153 0.28 -18.43 5.93
N LEU C 154 1.35 -17.67 6.15
CA LEU C 154 1.66 -17.24 7.51
C LEU C 154 0.56 -16.33 8.05
N HIS C 155 0.13 -15.35 7.24
CA HIS C 155 -0.90 -14.42 7.69
C HIS C 155 -2.17 -15.16 8.10
N ALA C 156 -2.72 -15.98 7.20
CA ALA C 156 -3.96 -16.66 7.54
C ALA C 156 -3.80 -17.57 8.75
N LEU C 157 -2.69 -18.33 8.81
CA LEU C 157 -2.54 -19.25 9.93
C LEU C 157 -2.36 -18.51 11.25
N SER C 158 -1.69 -17.34 11.22
CA SER C 158 -1.56 -16.52 12.42
C SER C 158 -2.90 -16.02 12.94
N LEU C 159 -3.93 -15.96 12.07
CA LEU C 159 -5.24 -15.56 12.53
C LEU C 159 -6.01 -16.67 13.22
N VAL C 160 -5.69 -17.95 12.98
CA VAL C 160 -6.48 -19.03 13.56
C VAL C 160 -5.72 -19.88 14.56
N LEU C 161 -4.41 -19.69 14.71
CA LEU C 161 -3.64 -20.47 15.66
C LEU C 161 -2.73 -19.54 16.44
N PRO C 162 -2.36 -19.89 17.70
CA PRO C 162 -1.54 -19.02 18.53
C PRO C 162 -0.05 -19.09 18.19
N LEU C 163 0.26 -18.93 16.90
CA LEU C 163 1.64 -19.02 16.44
C LEU C 163 2.51 -17.94 17.06
N GLN C 164 3.65 -18.36 17.60
CA GLN C 164 4.66 -17.43 18.10
C GLN C 164 5.89 -17.35 17.22
N ARG C 165 6.21 -18.38 16.44
CA ARG C 165 7.37 -18.26 15.57
C ARG C 165 7.17 -19.07 14.31
N ALA C 166 7.85 -18.64 13.26
CA ALA C 166 7.85 -19.30 11.96
C ALA C 166 9.30 -19.64 11.63
N LEU C 167 9.56 -20.91 11.37
CA LEU C 167 10.87 -21.39 10.93
C LEU C 167 10.78 -21.59 9.42
N VAL C 168 11.63 -20.92 8.65
CA VAL C 168 11.39 -20.80 7.21
C VAL C 168 12.62 -21.20 6.42
N TRP C 169 12.37 -21.78 5.25
CA TRP C 169 13.43 -22.17 4.33
C TRP C 169 12.99 -21.93 2.89
N ASP C 170 13.96 -21.57 2.07
CA ASP C 170 13.80 -21.45 0.63
C ASP C 170 15.14 -21.86 0.04
N THR C 171 15.12 -22.51 -1.12
CA THR C 171 16.36 -22.85 -1.80
C THR C 171 17.07 -21.63 -2.38
N ASP C 172 16.36 -20.50 -2.53
CA ASP C 172 16.98 -19.26 -3.00
C ASP C 172 17.32 -18.42 -1.80
N PRO C 173 18.61 -18.15 -1.52
CA PRO C 173 18.97 -17.44 -0.28
C PRO C 173 18.36 -16.06 -0.17
N ALA C 174 18.29 -15.31 -1.27
CA ALA C 174 17.68 -13.99 -1.23
C ALA C 174 16.20 -14.07 -0.86
N HIS C 175 15.52 -15.14 -1.30
CA HIS C 175 14.08 -15.24 -1.03
C HIS C 175 13.81 -15.60 0.43
N ARG C 176 14.62 -16.47 1.02
CA ARG C 176 14.44 -16.76 2.44
C ARG C 176 14.85 -15.57 3.30
N GLU C 177 15.84 -14.79 2.85
CA GLU C 177 16.32 -13.68 3.66
C GLU C 177 15.41 -12.46 3.60
N SER C 178 14.62 -12.32 2.53
CA SER C 178 13.68 -11.20 2.44
C SER C 178 12.33 -11.50 3.08
N PHE C 179 12.10 -12.72 3.55
CA PHE C 179 10.76 -13.08 4.01
C PHE C 179 10.39 -12.37 5.29
N ALA C 180 11.34 -12.20 6.22
CA ALA C 180 11.02 -11.55 7.49
C ALA C 180 10.40 -10.18 7.27
N ARG C 181 10.93 -9.42 6.31
CA ARG C 181 10.39 -8.08 6.05
C ARG C 181 9.00 -8.17 5.42
N ARG C 182 8.80 -9.12 4.50
CA ARG C 182 7.49 -9.29 3.90
C ARG C 182 6.47 -9.78 4.93
N ALA C 183 6.91 -10.51 5.94
CA ALA C 183 6.00 -11.12 6.89
C ALA C 183 5.89 -10.34 8.19
N ALA C 184 6.61 -9.23 8.32
CA ALA C 184 6.74 -8.58 9.62
C ALA C 184 5.38 -8.21 10.21
N PHE C 185 4.44 -7.75 9.36
CA PHE C 185 3.17 -7.26 9.89
C PHE C 185 2.39 -8.32 10.64
N THR C 186 2.62 -9.61 10.37
CA THR C 186 1.83 -10.66 11.02
C THR C 186 2.16 -10.80 12.50
N GLY C 187 3.30 -10.27 12.94
CA GLY C 187 3.70 -10.37 14.32
C GLY C 187 4.33 -11.68 14.72
N VAL C 188 4.46 -12.64 13.81
CA VAL C 188 5.04 -13.95 14.11
C VAL C 188 6.54 -13.85 13.84
N SER C 189 7.35 -14.12 14.84
CA SER C 189 8.80 -13.99 14.66
C SER C 189 9.32 -15.00 13.65
N VAL C 190 10.14 -14.54 12.71
CA VAL C 190 10.65 -15.35 11.61
C VAL C 190 12.10 -15.70 11.87
N GLU C 191 12.44 -16.98 11.74
CA GLU C 191 13.83 -17.43 11.78
C GLU C 191 14.09 -18.34 10.59
N ILE C 192 15.18 -18.11 9.88
CA ILE C 192 15.58 -19.04 8.83
C ILE C 192 16.08 -20.33 9.48
N ALA C 193 15.60 -21.47 8.96
CA ALA C 193 15.94 -22.77 9.53
C ALA C 193 15.96 -23.83 8.43
N GLU C 194 16.99 -24.68 8.46
CA GLU C 194 17.05 -25.80 7.51
C GLU C 194 15.81 -26.68 7.62
N PRO C 195 15.43 -27.33 6.53
CA PRO C 195 14.27 -28.24 6.58
C PRO C 195 14.33 -29.29 7.68
N ALA C 196 15.50 -29.89 7.95
CA ALA C 196 15.57 -30.87 9.03
C ALA C 196 15.22 -30.25 10.38
N ARG C 197 15.58 -28.98 10.59
CA ARG C 197 15.19 -28.32 11.84
C ARG C 197 13.70 -28.02 11.86
N ILE C 198 13.14 -27.62 10.72
CA ILE C 198 11.69 -27.46 10.62
C ILE C 198 10.97 -28.76 10.96
N ALA C 199 11.48 -29.90 10.45
CA ALA C 199 10.86 -31.18 10.76
C ALA C 199 10.85 -31.46 12.27
N ALA C 200 11.93 -31.08 12.96
CA ALA C 200 12.03 -31.38 14.38
C ALA C 200 11.11 -30.51 15.22
N GLU C 201 10.93 -29.24 14.83
CA GLU C 201 10.34 -28.25 15.72
C GLU C 201 8.93 -27.81 15.35
N ALA C 202 8.48 -28.02 14.12
CA ALA C 202 7.22 -27.43 13.69
C ALA C 202 6.01 -28.21 14.18
N ASP C 203 4.99 -27.48 14.64
CA ASP C 203 3.67 -28.03 14.93
C ASP C 203 2.78 -28.05 13.70
N VAL C 204 3.01 -27.12 12.78
CA VAL C 204 2.31 -27.00 11.50
C VAL C 204 3.35 -26.63 10.47
N ILE C 205 3.20 -27.15 9.25
CA ILE C 205 4.05 -26.77 8.13
C ILE C 205 3.18 -26.43 6.92
N SER C 206 3.52 -25.37 6.20
CA SER C 206 3.02 -25.20 4.84
C SER C 206 4.19 -25.34 3.87
N THR C 207 4.05 -26.22 2.89
CA THR C 207 4.98 -26.24 1.75
C THR C 207 4.33 -25.51 0.58
N ALA C 208 5.01 -24.51 0.04
CA ALA C 208 4.45 -23.72 -1.06
C ALA C 208 5.63 -23.29 -1.94
N THR C 209 6.15 -24.24 -2.72
CA THR C 209 7.35 -24.04 -3.53
C THR C 209 7.03 -24.11 -5.01
N SER C 210 7.89 -23.45 -5.78
CA SER C 210 7.92 -23.65 -7.22
C SER C 210 8.83 -24.80 -7.64
N VAL C 211 8.97 -25.84 -6.80
CA VAL C 211 9.86 -26.94 -7.16
C VAL C 211 9.43 -27.55 -8.50
N ALA C 212 10.41 -27.92 -9.31
CA ALA C 212 10.14 -28.53 -10.60
C ALA C 212 9.73 -30.00 -10.45
N VAL C 213 9.00 -30.49 -11.45
CA VAL C 213 8.77 -31.93 -11.57
C VAL C 213 10.12 -32.64 -11.57
N GLY C 214 10.24 -33.69 -10.76
CA GLY C 214 11.48 -34.45 -10.68
C GLY C 214 12.51 -33.87 -9.73
N GLN C 215 12.22 -32.76 -9.07
CA GLN C 215 13.09 -32.26 -8.01
C GLN C 215 12.37 -32.41 -6.67
N GLY C 216 12.99 -31.90 -5.62
CA GLY C 216 12.52 -32.22 -4.30
C GLY C 216 12.83 -33.66 -3.95
N PRO C 217 12.17 -34.20 -2.90
CA PRO C 217 11.20 -33.54 -2.01
C PRO C 217 11.76 -32.32 -1.29
N VAL C 218 10.89 -31.44 -0.82
CA VAL C 218 11.34 -30.20 -0.20
C VAL C 218 11.57 -30.34 1.30
N LEU C 219 11.22 -31.48 1.89
CA LEU C 219 11.56 -31.87 3.26
C LEU C 219 12.38 -33.16 3.19
N PRO C 220 13.35 -33.35 4.09
CA PRO C 220 14.06 -34.64 4.13
C PRO C 220 13.15 -35.76 4.60
N ASP C 221 13.53 -36.98 4.24
CA ASP C 221 12.73 -38.16 4.57
C ASP C 221 13.05 -38.54 6.02
N THR C 222 12.45 -37.81 6.95
CA THR C 222 12.82 -37.94 8.36
C THR C 222 11.57 -38.01 9.22
N GLY C 223 11.79 -38.06 10.55
CA GLY C 223 10.68 -38.02 11.47
C GLY C 223 10.18 -36.60 11.69
N VAL C 224 8.93 -36.50 12.12
CA VAL C 224 8.29 -35.23 12.42
C VAL C 224 7.62 -35.35 13.78
N ARG C 225 7.13 -34.22 14.29
CA ARG C 225 6.38 -34.27 15.53
C ARG C 225 5.11 -35.10 15.33
N GLU C 226 4.74 -35.85 16.37
CA GLU C 226 3.61 -36.78 16.27
C GLU C 226 2.35 -36.09 15.76
N HIS C 227 2.10 -34.86 16.21
CA HIS C 227 0.86 -34.15 15.92
C HIS C 227 0.95 -33.24 14.71
N LEU C 228 2.07 -33.28 13.97
CA LEU C 228 2.29 -32.34 12.88
C LEU C 228 1.11 -32.31 11.92
N HIS C 229 0.73 -31.10 11.52
CA HIS C 229 -0.18 -30.91 10.40
C HIS C 229 0.57 -30.19 9.29
N ILE C 230 0.46 -30.72 8.07
CA ILE C 230 1.10 -30.14 6.88
C ILE C 230 0.03 -29.66 5.93
N ASN C 231 0.15 -28.40 5.47
CA ASN C 231 -0.58 -27.93 4.29
C ASN C 231 0.36 -28.04 3.11
N ALA C 232 0.10 -29.00 2.22
CA ALA C 232 0.89 -29.15 0.99
C ALA C 232 0.21 -28.29 -0.07
N VAL C 233 0.77 -27.11 -0.32
CA VAL C 233 0.12 -26.06 -1.09
C VAL C 233 0.67 -25.97 -2.50
N GLY C 234 1.96 -26.23 -2.67
CA GLY C 234 2.53 -26.23 -4.01
C GLY C 234 1.79 -27.20 -4.92
N ALA C 235 1.55 -26.75 -6.15
CA ALA C 235 0.77 -27.46 -7.14
C ALA C 235 0.79 -26.68 -8.45
N ASP C 236 1.03 -27.36 -9.56
CA ASP C 236 1.06 -26.69 -10.86
C ASP C 236 0.99 -27.74 -11.97
N LEU C 237 2.14 -28.34 -12.26
CA LEU C 237 2.25 -29.33 -13.33
C LEU C 237 1.94 -30.74 -12.82
N VAL C 238 1.37 -31.56 -13.70
CA VAL C 238 1.27 -32.98 -13.42
C VAL C 238 2.68 -33.52 -13.23
N GLY C 239 2.87 -34.30 -12.18
CA GLY C 239 4.17 -34.76 -11.80
C GLY C 239 4.77 -34.05 -10.61
N LYS C 240 4.27 -32.87 -10.26
CA LYS C 240 4.92 -32.04 -9.25
C LYS C 240 4.36 -32.39 -7.87
N THR C 241 5.25 -32.79 -6.96
CA THR C 241 4.89 -33.05 -5.57
C THR C 241 5.99 -32.46 -4.68
N GLU C 242 5.74 -32.41 -3.37
CA GLU C 242 6.69 -31.77 -2.46
C GLU C 242 7.13 -32.64 -1.29
N LEU C 243 6.28 -33.61 -0.90
CA LEU C 243 6.61 -34.34 0.32
C LEU C 243 7.30 -35.68 0.01
N PRO C 244 8.16 -36.13 0.92
CA PRO C 244 8.68 -37.52 0.81
C PRO C 244 7.52 -38.51 0.86
N LEU C 245 7.63 -39.54 0.02
CA LEU C 245 6.54 -40.50 -0.11
C LEU C 245 6.25 -41.20 1.22
N GLY C 246 7.30 -41.60 1.95
CA GLY C 246 7.09 -42.26 3.22
C GLY C 246 6.34 -41.41 4.23
N LEU C 247 6.57 -40.10 4.21
CA LEU C 247 5.84 -39.19 5.10
C LEU C 247 4.36 -39.16 4.74
N LEU C 248 4.06 -38.95 3.46
CA LEU C 248 2.67 -38.93 3.00
C LEU C 248 1.97 -40.25 3.29
N GLU C 249 2.69 -41.36 3.15
CA GLU C 249 2.06 -42.66 3.32
C GLU C 249 1.69 -42.96 4.77
N ARG C 250 2.33 -42.33 5.74
CA ARG C 250 1.95 -42.56 7.13
C ARG C 250 1.07 -41.43 7.69
N ALA C 251 0.53 -40.59 6.84
CA ALA C 251 -0.29 -39.46 7.28
C ALA C 251 -1.77 -39.74 7.03
N PHE C 252 -2.61 -39.09 7.84
CA PHE C 252 -4.01 -38.90 7.48
C PHE C 252 -4.09 -37.78 6.44
N VAL C 253 -4.66 -38.07 5.27
CA VAL C 253 -4.64 -37.13 4.16
C VAL C 253 -6.06 -36.70 3.84
N THR C 254 -6.29 -35.39 3.80
CA THR C 254 -7.54 -34.81 3.30
C THR C 254 -7.22 -33.87 2.14
N ALA C 255 -7.95 -34.03 1.03
CA ALA C 255 -7.77 -33.16 -0.12
C ALA C 255 -8.85 -32.10 -0.15
N ASP C 256 -8.52 -30.91 -0.68
CA ASP C 256 -9.57 -29.93 -0.89
C ASP C 256 -10.52 -30.41 -1.98
N HIS C 257 -10.01 -31.13 -2.95
CA HIS C 257 -10.76 -31.52 -4.14
C HIS C 257 -10.16 -32.85 -4.56
N PRO C 258 -10.77 -33.97 -4.18
CA PRO C 258 -10.07 -35.27 -4.34
C PRO C 258 -9.65 -35.57 -5.76
N GLU C 259 -10.53 -35.43 -6.76
CA GLU C 259 -10.12 -35.76 -8.12
C GLU C 259 -9.03 -34.82 -8.62
N GLN C 260 -9.09 -33.55 -8.21
CA GLN C 260 -8.03 -32.65 -8.62
C GLN C 260 -6.72 -32.99 -7.95
N ALA C 261 -6.76 -33.31 -6.65
CA ALA C 261 -5.54 -33.64 -5.93
C ALA C 261 -4.91 -34.93 -6.43
N LEU C 262 -5.72 -35.91 -6.85
CA LEU C 262 -5.10 -37.11 -7.39
C LEU C 262 -4.39 -36.85 -8.70
N ARG C 263 -4.74 -35.77 -9.40
CA ARG C 263 -4.06 -35.43 -10.65
C ARG C 263 -2.89 -34.48 -10.45
N GLU C 264 -3.01 -33.53 -9.50
CA GLU C 264 -2.03 -32.45 -9.39
C GLU C 264 -1.57 -32.15 -7.98
N GLY C 265 -2.08 -32.83 -6.96
CA GLY C 265 -1.65 -32.63 -5.59
C GLY C 265 -0.63 -33.66 -5.15
N GLU C 266 -0.30 -33.62 -3.86
CA GLU C 266 0.46 -34.71 -3.24
C GLU C 266 -0.18 -36.07 -3.53
N CYS C 267 -1.51 -36.11 -3.62
CA CYS C 267 -2.21 -37.38 -3.78
C CYS C 267 -1.88 -38.06 -5.11
N GLN C 268 -1.19 -37.37 -6.02
CA GLN C 268 -0.57 -38.04 -7.16
C GLN C 268 0.26 -39.24 -6.73
N GLN C 269 0.88 -39.16 -5.55
CA GLN C 269 1.70 -40.23 -4.99
C GLN C 269 0.88 -41.39 -4.43
N LEU C 270 -0.44 -41.23 -4.32
CA LEU C 270 -1.30 -42.20 -3.64
C LEU C 270 -2.38 -42.71 -4.60
N SER C 271 -3.15 -43.68 -4.11
CA SER C 271 -4.37 -44.14 -4.79
C SER C 271 -5.60 -43.53 -4.12
N ALA C 272 -6.69 -43.47 -4.88
CA ALA C 272 -7.90 -42.78 -4.41
C ALA C 272 -8.44 -43.38 -3.12
N ASP C 273 -8.26 -44.70 -2.93
CA ASP C 273 -8.77 -45.35 -1.74
C ASP C 273 -7.99 -44.98 -0.49
N ARG C 274 -6.77 -44.46 -0.62
CA ARG C 274 -5.98 -44.10 0.54
C ARG C 274 -6.27 -42.68 1.01
N LEU C 275 -7.05 -41.91 0.25
CA LEU C 275 -7.48 -40.60 0.73
C LEU C 275 -8.46 -40.76 1.87
N GLY C 276 -8.45 -39.80 2.77
CA GLY C 276 -9.45 -39.72 3.80
C GLY C 276 -10.61 -38.90 3.30
N PRO C 277 -11.49 -38.52 4.22
CA PRO C 277 -12.60 -37.65 3.84
C PRO C 277 -12.07 -36.33 3.32
N GLN C 278 -12.77 -35.77 2.33
CA GLN C 278 -12.32 -34.51 1.76
C GLN C 278 -12.55 -33.36 2.76
N LEU C 279 -11.91 -32.22 2.47
CA LEU C 279 -11.97 -31.09 3.39
C LEU C 279 -13.41 -30.66 3.66
N ALA C 280 -14.27 -30.66 2.62
CA ALA C 280 -15.66 -30.26 2.82
C ALA C 280 -16.37 -31.13 3.85
N HIS C 281 -16.06 -32.43 3.87
CA HIS C 281 -16.66 -33.34 4.84
C HIS C 281 -16.28 -32.95 6.26
N LEU C 282 -14.99 -32.63 6.48
CA LEU C 282 -14.50 -32.22 7.78
C LEU C 282 -15.10 -30.87 8.21
N CYS C 283 -15.31 -29.96 7.26
CA CYS C 283 -15.97 -28.70 7.59
C CYS C 283 -17.40 -28.93 8.05
N ALA C 284 -18.10 -29.86 7.41
CA ALA C 284 -19.49 -30.13 7.77
C ALA C 284 -19.59 -30.92 9.06
N ASP C 285 -18.56 -31.67 9.40
CA ASP C 285 -18.56 -32.52 10.60
C ASP C 285 -17.17 -32.44 11.22
N PRO C 286 -16.90 -31.37 11.96
CA PRO C 286 -15.55 -31.18 12.51
C PRO C 286 -15.11 -32.27 13.46
N ALA C 287 -16.05 -32.99 14.08
CA ALA C 287 -15.65 -34.09 14.98
C ALA C 287 -14.91 -35.18 14.22
N ALA C 288 -15.16 -35.33 12.92
CA ALA C 288 -14.38 -36.26 12.12
C ALA C 288 -12.91 -35.87 12.06
N ALA C 289 -12.59 -34.59 12.26
CA ALA C 289 -11.20 -34.12 12.20
C ALA C 289 -10.54 -34.06 13.56
N ALA C 290 -11.30 -33.78 14.63
CA ALA C 290 -10.70 -33.53 15.93
C ALA C 290 -9.79 -34.67 16.37
N GLY C 291 -10.21 -35.92 16.12
CA GLY C 291 -9.39 -37.07 16.46
C GLY C 291 -8.09 -37.19 15.68
N ARG C 292 -7.87 -36.34 14.68
CA ARG C 292 -6.68 -36.39 13.85
C ARG C 292 -5.71 -35.25 14.17
N GLN C 293 -6.06 -34.39 15.12
CA GLN C 293 -5.16 -33.30 15.48
C GLN C 293 -3.87 -33.82 16.12
N ASP C 294 -3.95 -34.95 16.83
CA ASP C 294 -2.83 -35.43 17.61
C ASP C 294 -1.95 -36.45 16.87
N THR C 295 -2.26 -36.78 15.63
CA THR C 295 -1.42 -37.64 14.80
C THR C 295 -1.05 -36.87 13.53
N LEU C 296 -0.29 -37.52 12.64
CA LEU C 296 0.21 -36.83 11.45
C LEU C 296 -0.92 -36.60 10.44
N SER C 297 -1.06 -35.36 9.99
CA SER C 297 -2.11 -35.04 9.02
C SER C 297 -1.50 -34.22 7.90
N VAL C 298 -2.04 -34.42 6.69
CA VAL C 298 -1.69 -33.62 5.52
C VAL C 298 -2.96 -33.11 4.87
N PHE C 299 -3.03 -31.81 4.65
CA PHE C 299 -4.06 -31.20 3.82
C PHE C 299 -3.44 -31.00 2.44
N ASP C 300 -3.94 -31.75 1.46
CA ASP C 300 -3.47 -31.66 0.09
C ASP C 300 -4.29 -30.57 -0.61
N SER C 301 -3.66 -29.43 -0.87
CA SER C 301 -4.32 -28.26 -1.42
C SER C 301 -3.90 -28.05 -2.87
N THR C 302 -4.89 -28.09 -3.78
CA THR C 302 -4.72 -27.71 -5.19
C THR C 302 -5.36 -26.38 -5.53
N GLY C 303 -6.33 -25.93 -4.74
CA GLY C 303 -7.16 -24.78 -5.07
C GLY C 303 -8.26 -25.24 -6.00
N PHE C 304 -9.46 -24.68 -5.85
CA PHE C 304 -10.49 -24.93 -6.85
C PHE C 304 -11.40 -23.72 -6.95
N ALA C 305 -12.12 -23.65 -8.07
CA ALA C 305 -12.70 -22.39 -8.52
C ALA C 305 -13.78 -21.87 -7.58
N PHE C 306 -14.47 -22.77 -6.87
CA PHE C 306 -15.42 -22.34 -5.84
C PHE C 306 -14.76 -21.39 -4.84
N GLU C 307 -13.48 -21.63 -4.50
CA GLU C 307 -12.79 -20.73 -3.59
C GLU C 307 -12.62 -19.34 -4.19
N ASP C 308 -12.36 -19.30 -5.50
CA ASP C 308 -12.21 -18.02 -6.17
C ASP C 308 -13.53 -17.28 -6.26
N ALA C 309 -14.62 -18.01 -6.51
CA ALA C 309 -15.94 -17.37 -6.55
C ALA C 309 -16.30 -16.78 -5.20
N LEU C 310 -16.05 -17.53 -4.11
CA LEU C 310 -16.37 -17.01 -2.78
C LEU C 310 -15.55 -15.79 -2.46
N ALA C 311 -14.24 -15.85 -2.74
CA ALA C 311 -13.38 -14.70 -2.49
C ALA C 311 -13.77 -13.52 -3.37
N MET C 312 -14.14 -13.78 -4.62
CA MET C 312 -14.55 -12.68 -5.51
C MET C 312 -15.80 -11.99 -4.97
N GLU C 313 -16.74 -12.78 -4.42
CA GLU C 313 -17.93 -12.21 -3.83
C GLU C 313 -17.60 -11.26 -2.68
N VAL C 314 -16.63 -11.64 -1.84
CA VAL C 314 -16.20 -10.75 -0.76
C VAL C 314 -15.70 -9.43 -1.32
N PHE C 315 -14.90 -9.47 -2.39
CA PHE C 315 -14.42 -8.23 -2.98
C PHE C 315 -15.57 -7.44 -3.63
N LEU C 316 -16.49 -8.12 -4.30
CA LEU C 316 -17.57 -7.41 -4.98
C LEU C 316 -18.49 -6.72 -3.98
N GLU C 317 -18.76 -7.36 -2.84
CA GLU C 317 -19.58 -6.72 -1.80
C GLU C 317 -18.92 -5.43 -1.30
N ALA C 318 -17.63 -5.50 -0.98
CA ALA C 318 -16.94 -4.31 -0.49
C ALA C 318 -16.87 -3.23 -1.56
N ALA C 319 -16.59 -3.61 -2.81
CA ALA C 319 -16.50 -2.63 -3.88
C ALA C 319 -17.86 -2.01 -4.21
N ALA C 320 -18.92 -2.81 -4.15
CA ALA C 320 -20.25 -2.27 -4.40
C ALA C 320 -20.64 -1.25 -3.32
N GLU C 321 -20.36 -1.60 -2.06
CA GLU C 321 -20.58 -0.70 -0.93
C GLU C 321 -19.94 0.66 -1.13
N ARG C 322 -18.78 0.70 -1.78
CA ARG C 322 -18.01 1.93 -1.94
C ARG C 322 -18.08 2.49 -3.35
N ASP C 323 -18.92 1.92 -4.22
CA ASP C 323 -19.06 2.38 -5.59
C ASP C 323 -17.73 2.40 -6.34
N LEU C 324 -16.91 1.35 -6.13
CA LEU C 324 -15.61 1.25 -6.78
C LEU C 324 -15.73 0.52 -8.11
N GLY C 325 -14.73 0.73 -8.96
CA GLY C 325 -14.69 0.08 -10.26
C GLY C 325 -15.28 0.94 -11.35
N ILE C 326 -15.25 0.38 -12.56
CA ILE C 326 -15.76 1.08 -13.74
C ILE C 326 -16.66 0.13 -14.52
N ARG C 327 -17.51 0.71 -15.36
CA ARG C 327 -18.35 -0.03 -16.28
C ARG C 327 -17.79 0.10 -17.69
N VAL C 328 -17.55 -1.03 -18.35
CA VAL C 328 -17.02 -1.05 -19.70
C VAL C 328 -17.95 -1.92 -20.54
N GLY C 329 -18.46 -1.36 -21.64
CA GLY C 329 -19.21 -2.16 -22.57
C GLY C 329 -18.26 -2.97 -23.45
N ILE C 330 -17.97 -4.21 -23.06
CA ILE C 330 -17.00 -5.03 -23.78
C ILE C 330 -17.74 -5.84 -24.83
N GLU C 331 -18.74 -6.60 -24.38
CA GLU C 331 -19.57 -7.38 -25.28
C GLU C 331 -20.38 -6.47 -26.21
N HIS C 332 -20.47 -6.87 -27.47
CA HIS C 332 -21.31 -6.22 -28.46
C HIS C 332 -22.72 -6.80 -28.31
N HIS C 333 -23.68 -5.97 -27.90
CA HIS C 333 -25.08 -6.37 -27.80
C HIS C 333 -25.83 -5.67 -28.93
N PRO C 334 -25.92 -6.26 -30.12
CA PRO C 334 -26.53 -5.54 -31.25
C PRO C 334 -27.98 -5.18 -30.96
N GLY C 335 -28.39 -3.99 -31.45
CA GLY C 335 -29.75 -3.55 -31.25
C GLY C 335 -30.76 -4.56 -31.76
N ASP C 336 -30.36 -5.36 -32.74
CA ASP C 336 -31.11 -6.50 -33.23
C ASP C 336 -30.26 -7.74 -32.89
N ALA C 337 -30.77 -8.59 -31.99
CA ALA C 337 -30.01 -9.75 -31.52
C ALA C 337 -29.60 -10.70 -32.63
N LEU C 338 -30.25 -10.64 -33.79
CA LEU C 338 -29.92 -11.55 -34.89
C LEU C 338 -29.04 -10.91 -35.94
N ASP C 339 -28.49 -9.73 -35.65
CA ASP C 339 -27.70 -8.98 -36.63
C ASP C 339 -26.35 -8.61 -36.02
N PRO C 340 -25.33 -9.45 -36.22
CA PRO C 340 -24.01 -9.12 -35.65
C PRO C 340 -23.44 -7.80 -36.15
N TYR C 341 -23.95 -7.26 -37.26
CA TYR C 341 -23.46 -5.99 -37.77
C TYR C 341 -24.24 -4.79 -37.25
N ALA C 342 -25.31 -4.99 -36.47
CA ALA C 342 -26.08 -3.88 -35.92
C ALA C 342 -25.28 -3.24 -34.79
N LEU C 343 -24.27 -2.47 -35.19
CA LEU C 343 -23.27 -1.96 -34.26
C LEU C 343 -23.62 -0.53 -33.80
N GLN C 344 -22.76 -0.03 -32.89
CA GLN C 344 -22.59 1.36 -32.42
C GLN C 344 -22.98 1.48 -30.95
N MET D 1 2.47 -2.48 -17.17
CA MET D 1 1.66 -3.23 -18.13
C MET D 1 0.18 -3.07 -17.81
N GLU D 2 -0.62 -2.78 -18.82
CA GLU D 2 -2.06 -2.71 -18.69
C GLU D 2 -2.70 -3.53 -19.78
N THR D 3 -3.94 -3.96 -19.54
CA THR D 3 -4.66 -4.74 -20.54
C THR D 3 -5.28 -3.79 -21.55
N TRP D 4 -5.12 -4.11 -22.82
CA TRP D 4 -5.70 -3.35 -23.91
C TRP D 4 -7.11 -3.88 -24.16
N VAL D 5 -8.12 -3.05 -23.90
CA VAL D 5 -9.52 -3.47 -23.97
C VAL D 5 -10.15 -2.79 -25.17
N LEU D 6 -10.75 -3.57 -26.05
CA LEU D 6 -11.50 -3.05 -27.18
C LEU D 6 -12.98 -3.14 -26.83
N GLY D 7 -13.60 -1.98 -26.58
CA GLY D 7 -15.01 -1.97 -26.27
C GLY D 7 -15.90 -2.20 -27.49
N ARG D 8 -17.21 -2.38 -27.21
CA ARG D 8 -18.18 -2.51 -28.28
C ARG D 8 -18.09 -1.32 -29.24
N ARG D 9 -17.86 -0.12 -28.71
CA ARG D 9 -17.73 1.05 -29.57
C ARG D 9 -16.46 0.97 -30.42
N ASP D 10 -15.38 0.38 -29.88
CA ASP D 10 -14.15 0.28 -30.66
C ASP D 10 -14.29 -0.74 -31.78
N VAL D 11 -14.98 -1.85 -31.51
CA VAL D 11 -15.27 -2.83 -32.54
C VAL D 11 -16.09 -2.20 -33.67
N ALA D 12 -17.11 -1.43 -33.32
CA ALA D 12 -17.91 -0.74 -34.33
C ALA D 12 -17.06 0.23 -35.13
N GLU D 13 -16.20 0.97 -34.45
CA GLU D 13 -15.27 1.87 -35.13
C GLU D 13 -14.41 1.12 -36.15
N VAL D 14 -13.88 -0.04 -35.78
CA VAL D 14 -13.08 -0.84 -36.72
C VAL D 14 -13.90 -1.15 -37.97
N VAL D 15 -15.14 -1.60 -37.79
CA VAL D 15 -15.96 -1.99 -38.94
C VAL D 15 -16.25 -0.78 -39.83
N ALA D 16 -16.59 0.35 -39.22
CA ALA D 16 -16.89 1.56 -39.98
C ALA D 16 -15.65 2.03 -40.75
N ALA D 17 -14.48 1.93 -40.13
CA ALA D 17 -13.26 2.44 -40.76
C ALA D 17 -12.74 1.48 -41.82
N VAL D 18 -12.76 0.18 -41.57
CA VAL D 18 -12.19 -0.77 -42.51
C VAL D 18 -13.21 -1.18 -43.57
N GLY D 19 -14.49 -1.20 -43.24
CA GLY D 19 -15.52 -1.67 -44.15
C GLY D 19 -15.83 -3.14 -43.95
N ARG D 20 -17.12 -3.51 -44.00
CA ARG D 20 -17.51 -4.89 -43.75
C ARG D 20 -16.82 -5.84 -44.72
N ASP D 21 -16.87 -5.53 -46.02
CA ASP D 21 -16.30 -6.43 -47.02
C ASP D 21 -14.81 -6.64 -46.79
N GLU D 22 -14.07 -5.55 -46.61
CA GLU D 22 -12.63 -5.64 -46.42
C GLU D 22 -12.29 -6.39 -45.15
N LEU D 23 -13.01 -6.13 -44.05
CA LEU D 23 -12.79 -6.87 -42.82
C LEU D 23 -12.98 -8.36 -43.04
N MET D 24 -14.10 -8.75 -43.67
CA MET D 24 -14.35 -10.16 -43.92
C MET D 24 -13.30 -10.77 -44.85
N ARG D 25 -12.87 -10.03 -45.88
CA ARG D 25 -11.86 -10.57 -46.79
C ARG D 25 -10.54 -10.82 -46.07
N ARG D 26 -10.15 -9.90 -45.17
CA ARG D 26 -8.91 -10.08 -44.41
C ARG D 26 -8.98 -11.35 -43.55
N ILE D 27 -10.13 -11.60 -42.94
CA ILE D 27 -10.27 -12.79 -42.11
C ILE D 27 -10.27 -14.05 -42.96
N ILE D 28 -10.94 -14.03 -44.12
CA ILE D 28 -10.89 -15.18 -45.03
C ILE D 28 -9.44 -15.49 -45.40
N ASP D 29 -8.69 -14.44 -45.78
CA ASP D 29 -7.30 -14.62 -46.19
C ASP D 29 -6.44 -15.17 -45.06
N ARG D 30 -6.57 -14.57 -43.87
CA ARG D 30 -5.83 -15.05 -42.70
C ARG D 30 -6.17 -16.50 -42.38
N LEU D 31 -7.47 -16.84 -42.39
CA LEU D 31 -7.87 -18.21 -42.11
C LEU D 31 -7.32 -19.17 -43.14
N THR D 32 -7.35 -18.79 -44.43
CA THR D 32 -6.81 -19.66 -45.45
C THR D 32 -5.34 -19.94 -45.20
N GLY D 33 -4.56 -18.89 -44.95
CA GLY D 33 -3.14 -19.08 -44.68
C GLY D 33 -2.88 -19.92 -43.45
N GLY D 34 -3.63 -19.67 -42.37
CA GLY D 34 -3.42 -20.43 -41.14
C GLY D 34 -3.80 -21.90 -41.29
N LEU D 35 -4.96 -22.17 -41.90
CA LEU D 35 -5.34 -23.54 -42.18
C LEU D 35 -4.29 -24.25 -43.03
N ALA D 36 -3.74 -23.55 -44.03
CA ALA D 36 -2.69 -24.16 -44.84
C ALA D 36 -1.47 -24.51 -44.00
N GLU D 37 -1.11 -23.63 -43.06
CA GLU D 37 0.01 -23.92 -42.17
C GLU D 37 -0.27 -25.16 -41.33
N ILE D 38 -1.51 -25.30 -40.85
CA ILE D 38 -1.87 -26.53 -40.13
C ILE D 38 -1.76 -27.73 -41.05
N GLY D 39 -2.22 -27.60 -42.29
CA GLY D 39 -2.19 -28.72 -43.22
C GLY D 39 -0.77 -29.15 -43.58
N ARG D 40 0.18 -28.22 -43.53
CA ARG D 40 1.60 -28.53 -43.71
C ARG D 40 2.27 -28.98 -42.43
N GLY D 41 1.53 -29.09 -41.33
CA GLY D 41 2.13 -29.48 -40.07
C GLY D 41 3.00 -28.42 -39.43
N GLU D 42 2.87 -27.16 -39.88
CA GLU D 42 3.63 -26.07 -39.26
C GLU D 42 2.94 -25.52 -38.02
N ARG D 43 1.66 -25.83 -37.86
CA ARG D 43 0.87 -25.45 -36.71
C ARG D 43 -0.05 -26.61 -36.37
N HIS D 44 -0.68 -26.53 -35.21
CA HIS D 44 -1.53 -27.62 -34.76
C HIS D 44 -2.94 -27.11 -34.50
N LEU D 45 -3.91 -28.00 -34.71
CA LEU D 45 -5.28 -27.70 -34.30
C LEU D 45 -5.31 -27.40 -32.81
N SER D 46 -6.28 -26.58 -32.43
CA SER D 46 -6.48 -26.23 -31.03
C SER D 46 -6.91 -27.45 -30.23
N PRO D 47 -6.66 -27.46 -28.92
CA PRO D 47 -7.24 -28.51 -28.05
C PRO D 47 -8.76 -28.54 -28.17
N LEU D 48 -9.34 -29.68 -27.81
CA LEU D 48 -10.80 -29.75 -27.66
C LEU D 48 -11.28 -28.68 -26.70
N ARG D 49 -12.37 -28.01 -27.06
CA ARG D 49 -12.96 -27.07 -26.13
C ARG D 49 -13.70 -27.83 -25.03
N GLY D 50 -14.04 -27.10 -23.96
CA GLY D 50 -14.87 -27.64 -22.90
C GLY D 50 -16.00 -26.69 -22.60
N GLY D 51 -16.97 -27.18 -21.82
CA GLY D 51 -18.09 -26.32 -21.48
C GLY D 51 -18.92 -26.85 -20.34
N LEU D 52 -19.87 -26.02 -19.94
CA LEU D 52 -20.82 -26.30 -18.86
C LEU D 52 -22.22 -26.20 -19.44
N GLU D 53 -22.91 -27.34 -19.50
CA GLU D 53 -24.29 -27.36 -19.99
C GLU D 53 -25.21 -26.66 -19.00
N ARG D 54 -26.21 -25.94 -19.54
CA ARG D 54 -27.24 -25.29 -18.74
C ARG D 54 -28.59 -25.69 -19.33
N SER D 55 -29.61 -25.89 -18.48
CA SER D 55 -30.87 -26.42 -18.99
C SER D 55 -32.00 -25.41 -19.09
N GLU D 56 -31.91 -24.29 -18.37
CA GLU D 56 -32.97 -23.27 -18.37
C GLU D 56 -32.47 -21.97 -18.99
N PRO D 57 -33.33 -21.22 -19.70
CA PRO D 57 -34.75 -21.53 -19.95
C PRO D 57 -34.93 -22.60 -21.03
N VAL D 58 -33.89 -22.80 -21.83
CA VAL D 58 -33.80 -23.91 -22.79
C VAL D 58 -32.37 -24.42 -22.77
N PRO D 59 -32.13 -25.64 -23.24
CA PRO D 59 -30.77 -26.20 -23.11
C PRO D 59 -29.75 -25.41 -23.91
N GLY D 60 -28.67 -25.03 -23.24
CA GLY D 60 -27.58 -24.31 -23.85
C GLY D 60 -26.26 -24.74 -23.25
N ILE D 61 -25.18 -24.04 -23.58
CA ILE D 61 -23.87 -24.42 -23.04
C ILE D 61 -22.98 -23.19 -23.03
N TRP D 62 -22.14 -23.10 -22.00
CA TRP D 62 -21.16 -22.03 -21.91
C TRP D 62 -19.78 -22.68 -22.01
N GLU D 63 -18.98 -22.23 -22.96
CA GLU D 63 -17.77 -22.94 -23.36
C GLU D 63 -16.53 -22.05 -23.23
N TRP D 64 -15.39 -22.72 -23.04
CA TRP D 64 -14.08 -22.11 -23.07
C TRP D 64 -13.29 -22.74 -24.19
N MET D 65 -12.54 -21.92 -24.93
CA MET D 65 -11.86 -22.35 -26.15
C MET D 65 -10.47 -21.75 -26.17
N PRO D 66 -9.46 -22.49 -25.68
CA PRO D 66 -8.09 -21.98 -25.70
C PRO D 66 -7.33 -22.36 -26.95
N HIS D 67 -6.38 -21.51 -27.30
CA HIS D 67 -5.40 -21.81 -28.34
C HIS D 67 -4.09 -21.17 -27.97
N ARG D 68 -3.01 -21.94 -28.08
CA ARG D 68 -1.68 -21.47 -27.70
C ARG D 68 -0.79 -21.37 -28.93
N GLU D 69 -0.12 -20.23 -29.06
CA GLU D 69 0.99 -20.09 -29.99
C GLU D 69 2.28 -20.06 -29.18
N PRO D 70 2.99 -21.18 -29.08
CA PRO D 70 4.09 -21.28 -28.11
C PRO D 70 5.09 -20.14 -28.24
N GLY D 71 5.45 -19.56 -27.09
CA GLY D 71 6.37 -18.45 -27.05
C GLY D 71 5.78 -17.12 -27.41
N ASP D 72 4.54 -17.09 -27.92
CA ASP D 72 3.91 -15.85 -28.34
C ASP D 72 2.76 -15.47 -27.41
N HIS D 73 1.59 -16.09 -27.59
CA HIS D 73 0.47 -15.74 -26.76
C HIS D 73 -0.52 -16.91 -26.71
N ILE D 74 -1.41 -16.84 -25.71
CA ILE D 74 -2.51 -17.77 -25.56
C ILE D 74 -3.79 -17.00 -25.82
N THR D 75 -4.65 -17.54 -26.67
CA THR D 75 -5.98 -16.98 -26.90
C THR D 75 -7.00 -17.84 -26.16
N LEU D 76 -7.97 -17.18 -25.53
CA LEU D 76 -9.07 -17.86 -24.87
C LEU D 76 -10.36 -17.15 -25.24
N LYS D 77 -11.27 -17.85 -25.90
CA LYS D 77 -12.62 -17.34 -26.09
C LYS D 77 -13.54 -18.01 -25.08
N THR D 78 -14.31 -17.19 -24.37
CA THR D 78 -15.36 -17.67 -23.49
C THR D 78 -16.67 -17.25 -24.12
N VAL D 79 -17.55 -18.21 -24.40
CA VAL D 79 -18.72 -17.91 -25.23
C VAL D 79 -19.87 -18.81 -24.81
N GLY D 80 -21.03 -18.19 -24.59
CA GLY D 80 -22.24 -18.92 -24.31
C GLY D 80 -23.06 -19.15 -25.58
N TYR D 81 -23.74 -20.28 -25.59
CA TYR D 81 -24.83 -20.57 -26.53
C TYR D 81 -26.08 -20.66 -25.66
N SER D 82 -26.99 -19.73 -25.85
CA SER D 82 -28.19 -19.61 -25.01
C SER D 82 -29.32 -19.22 -25.94
N PRO D 83 -29.95 -20.20 -26.59
CA PRO D 83 -30.80 -19.91 -27.77
C PRO D 83 -32.12 -19.23 -27.44
N ALA D 84 -32.50 -19.14 -26.17
CA ALA D 84 -33.62 -18.29 -25.78
C ALA D 84 -33.23 -16.82 -25.63
N ASN D 85 -31.94 -16.48 -25.76
CA ASN D 85 -31.53 -15.09 -25.52
C ASN D 85 -32.28 -14.09 -26.41
N PRO D 86 -32.38 -14.29 -27.72
CA PRO D 86 -33.03 -13.25 -28.54
C PRO D 86 -34.48 -13.00 -28.13
N ALA D 87 -35.29 -14.06 -28.01
CA ALA D 87 -36.72 -13.87 -27.75
C ALA D 87 -36.98 -13.43 -26.32
N ARG D 88 -36.22 -13.92 -25.36
CA ARG D 88 -36.52 -13.58 -23.97
C ARG D 88 -35.79 -12.35 -23.47
N PHE D 89 -34.58 -12.07 -23.96
CA PHE D 89 -33.80 -10.98 -23.41
C PHE D 89 -33.32 -9.97 -24.43
N GLY D 90 -33.60 -10.17 -25.72
CA GLY D 90 -33.05 -9.28 -26.73
C GLY D 90 -31.55 -9.33 -26.80
N LEU D 91 -30.95 -10.45 -26.38
CA LEU D 91 -29.51 -10.64 -26.45
C LEU D 91 -29.18 -11.68 -27.52
N PRO D 92 -27.98 -11.64 -28.10
CA PRO D 92 -27.60 -12.69 -29.04
C PRO D 92 -27.51 -14.06 -28.35
N THR D 93 -27.90 -15.09 -29.10
CA THR D 93 -27.71 -16.47 -28.66
C THR D 93 -26.24 -16.74 -28.34
N ILE D 94 -25.35 -16.33 -29.23
CA ILE D 94 -23.91 -16.50 -29.04
C ILE D 94 -23.36 -15.22 -28.42
N LEU D 95 -22.84 -15.33 -27.20
CA LEU D 95 -22.44 -14.16 -26.43
C LEU D 95 -21.10 -14.48 -25.79
N GLY D 96 -20.07 -13.74 -26.16
CA GLY D 96 -18.76 -14.06 -25.63
C GLY D 96 -17.76 -12.94 -25.79
N THR D 97 -16.55 -13.23 -25.33
CA THR D 97 -15.42 -12.32 -25.31
C THR D 97 -14.17 -13.14 -25.63
N VAL D 98 -13.15 -12.47 -26.19
CA VAL D 98 -11.89 -13.12 -26.54
C VAL D 98 -10.76 -12.39 -25.82
N ALA D 99 -9.92 -13.14 -25.14
CA ALA D 99 -8.81 -12.59 -24.37
C ALA D 99 -7.50 -13.14 -24.91
N ARG D 100 -6.45 -12.35 -24.78
CA ARG D 100 -5.12 -12.76 -25.16
C ARG D 100 -4.20 -12.63 -23.97
N TYR D 101 -3.38 -13.66 -23.75
CA TYR D 101 -2.42 -13.73 -22.66
C TYR D 101 -1.03 -13.91 -23.23
N ASP D 102 -0.07 -13.18 -22.69
CA ASP D 102 1.33 -13.39 -23.04
C ASP D 102 1.77 -14.79 -22.64
N ASP D 103 2.29 -15.56 -23.60
CA ASP D 103 2.66 -16.95 -23.32
C ASP D 103 3.84 -17.05 -22.37
N THR D 104 4.75 -16.07 -22.41
CA THR D 104 5.94 -16.12 -21.55
C THR D 104 5.60 -15.87 -20.09
N THR D 105 4.78 -14.86 -19.81
CA THR D 105 4.53 -14.42 -18.44
C THR D 105 3.15 -14.80 -17.92
N GLY D 106 2.20 -15.12 -18.79
CA GLY D 106 0.83 -15.33 -18.40
C GLY D 106 -0.03 -14.09 -18.34
N ALA D 107 0.54 -12.90 -18.56
CA ALA D 107 -0.19 -11.65 -18.34
C ALA D 107 -1.32 -11.48 -19.36
N LEU D 108 -2.45 -10.94 -18.89
CA LEU D 108 -3.58 -10.62 -19.77
C LEU D 108 -3.26 -9.34 -20.54
N THR D 109 -3.03 -9.46 -21.84
CA THR D 109 -2.60 -8.32 -22.64
C THR D 109 -3.73 -7.67 -23.44
N ALA D 110 -4.77 -8.41 -23.83
CA ALA D 110 -5.82 -7.81 -24.62
C ALA D 110 -7.14 -8.52 -24.37
N LEU D 111 -8.24 -7.78 -24.51
CA LEU D 111 -9.57 -8.34 -24.29
C LEU D 111 -10.56 -7.61 -25.18
N MET D 112 -11.43 -8.35 -25.85
CA MET D 112 -12.38 -7.72 -26.77
C MET D 112 -13.65 -8.54 -26.90
N ASP D 113 -14.66 -7.90 -27.47
CA ASP D 113 -15.92 -8.57 -27.81
C ASP D 113 -15.67 -9.82 -28.64
N GLY D 114 -16.47 -10.85 -28.40
CA GLY D 114 -16.41 -12.05 -29.20
C GLY D 114 -17.62 -12.23 -30.11
N VAL D 115 -18.65 -11.41 -29.92
CA VAL D 115 -19.89 -11.59 -30.69
C VAL D 115 -19.64 -11.37 -32.17
N LEU D 116 -19.18 -10.18 -32.55
CA LEU D 116 -18.95 -9.91 -33.97
C LEU D 116 -17.83 -10.79 -34.50
N LEU D 117 -16.71 -10.87 -33.77
CA LEU D 117 -15.58 -11.69 -34.23
C LEU D 117 -16.01 -13.12 -34.52
N THR D 118 -16.84 -13.72 -33.65
CA THR D 118 -17.30 -15.09 -33.89
C THR D 118 -18.06 -15.19 -35.21
N ALA D 119 -19.06 -14.32 -35.41
CA ALA D 119 -19.84 -14.36 -36.64
C ALA D 119 -18.95 -14.20 -37.87
N LEU D 120 -17.96 -13.30 -37.79
CA LEU D 120 -17.05 -13.06 -38.91
C LEU D 120 -16.21 -14.29 -39.24
N ARG D 121 -15.55 -14.89 -38.24
CA ARG D 121 -14.68 -16.00 -38.61
C ARG D 121 -15.48 -17.24 -38.96
N THR D 122 -16.71 -17.34 -38.48
CA THR D 122 -17.53 -18.48 -38.83
C THR D 122 -18.00 -18.39 -40.28
N GLY D 123 -18.42 -17.20 -40.72
CA GLY D 123 -18.67 -17.02 -42.14
C GLY D 123 -17.43 -17.25 -42.97
N ALA D 124 -16.29 -16.74 -42.50
CA ALA D 124 -15.04 -16.87 -43.23
C ALA D 124 -14.66 -18.33 -43.44
N ALA D 125 -14.82 -19.16 -42.42
CA ALA D 125 -14.46 -20.56 -42.55
C ALA D 125 -15.34 -21.24 -43.59
N SER D 126 -16.63 -20.92 -43.62
CA SER D 126 -17.52 -21.46 -44.64
C SER D 126 -17.07 -21.02 -46.03
N ALA D 127 -16.60 -19.78 -46.15
CA ALA D 127 -16.14 -19.28 -47.43
C ALA D 127 -14.88 -20.01 -47.88
N VAL D 128 -13.95 -20.29 -46.95
CA VAL D 128 -12.76 -21.06 -47.28
C VAL D 128 -13.13 -22.44 -47.80
N ALA D 129 -14.01 -23.14 -47.08
CA ALA D 129 -14.43 -24.47 -47.51
C ALA D 129 -15.20 -24.42 -48.82
N SER D 130 -16.12 -23.46 -48.96
CA SER D 130 -16.97 -23.40 -50.15
C SER D 130 -16.19 -22.99 -51.39
N ARG D 131 -15.17 -22.15 -51.23
CA ARG D 131 -14.29 -21.86 -52.36
C ARG D 131 -13.66 -23.15 -52.88
N LEU D 132 -13.32 -24.08 -51.98
CA LEU D 132 -12.72 -25.34 -52.39
C LEU D 132 -13.74 -26.33 -52.95
N LEU D 133 -14.96 -26.35 -52.39
CA LEU D 133 -15.87 -27.45 -52.63
C LEU D 133 -17.16 -27.07 -53.32
N ALA D 134 -17.48 -25.79 -53.45
CA ALA D 134 -18.67 -25.38 -54.19
C ALA D 134 -18.29 -25.06 -55.63
N ARG D 135 -19.24 -25.23 -56.55
CA ARG D 135 -19.02 -24.82 -57.93
C ARG D 135 -18.64 -23.34 -57.97
N PRO D 136 -17.55 -22.98 -58.65
CA PRO D 136 -17.21 -21.55 -58.76
C PRO D 136 -18.32 -20.70 -59.37
N ASP D 137 -19.26 -21.29 -60.10
CA ASP D 137 -20.37 -20.54 -60.69
C ASP D 137 -21.67 -20.68 -59.89
N SER D 138 -21.60 -21.18 -58.65
CA SER D 138 -22.76 -21.20 -57.77
C SER D 138 -23.45 -19.84 -57.71
N HIS D 139 -24.76 -19.84 -57.94
CA HIS D 139 -25.51 -18.59 -57.85
C HIS D 139 -26.66 -18.62 -56.85
N THR D 140 -27.06 -19.79 -56.36
CA THR D 140 -28.16 -19.86 -55.39
C THR D 140 -27.63 -20.45 -54.08
N LEU D 141 -27.64 -19.64 -53.03
CA LEU D 141 -27.29 -20.09 -51.69
C LEU D 141 -28.56 -20.44 -50.91
N GLY D 142 -28.56 -21.58 -50.23
CA GLY D 142 -29.63 -21.93 -49.30
C GLY D 142 -29.19 -21.70 -47.87
N LEU D 143 -30.10 -21.18 -47.04
CA LEU D 143 -29.83 -20.98 -45.62
C LEU D 143 -30.95 -21.59 -44.79
N ILE D 144 -30.61 -22.51 -43.90
CA ILE D 144 -31.54 -23.04 -42.91
C ILE D 144 -31.14 -22.49 -41.56
N GLY D 145 -32.05 -21.77 -40.92
CA GLY D 145 -31.70 -20.95 -39.78
C GLY D 145 -31.30 -19.58 -40.28
N THR D 146 -32.07 -18.56 -39.93
CA THR D 146 -31.76 -17.21 -40.40
C THR D 146 -31.53 -16.30 -39.20
N GLY D 147 -30.72 -16.75 -38.24
CA GLY D 147 -30.37 -15.89 -37.12
C GLY D 147 -29.06 -15.16 -37.38
N ALA D 148 -28.25 -15.04 -36.33
CA ALA D 148 -27.04 -14.23 -36.43
C ALA D 148 -26.02 -14.83 -37.39
N GLN D 149 -25.71 -16.13 -37.26
CA GLN D 149 -24.69 -16.72 -38.13
C GLN D 149 -25.07 -16.65 -39.60
N ALA D 150 -26.37 -16.78 -39.91
CA ALA D 150 -26.82 -16.72 -41.30
C ALA D 150 -26.38 -15.42 -41.98
N VAL D 151 -26.37 -14.31 -41.22
CA VAL D 151 -25.97 -13.02 -41.79
C VAL D 151 -24.56 -13.12 -42.36
N THR D 152 -23.62 -13.67 -41.57
CA THR D 152 -22.25 -13.72 -42.06
C THR D 152 -21.97 -14.92 -42.94
N GLN D 153 -22.78 -15.99 -42.86
CA GLN D 153 -22.70 -17.02 -43.89
C GLN D 153 -22.95 -16.41 -45.27
N LEU D 154 -24.06 -15.69 -45.40
CA LEU D 154 -24.38 -15.07 -46.68
C LEU D 154 -23.31 -14.06 -47.08
N HIS D 155 -22.89 -13.21 -46.14
CA HIS D 155 -21.88 -12.20 -46.47
C HIS D 155 -20.60 -12.84 -47.00
N ALA D 156 -20.01 -13.78 -46.24
CA ALA D 156 -18.74 -14.35 -46.64
C ALA D 156 -18.86 -15.11 -47.96
N LEU D 157 -19.92 -15.90 -48.11
CA LEU D 157 -20.09 -16.68 -49.34
C LEU D 157 -20.33 -15.79 -50.55
N SER D 158 -21.02 -14.65 -50.38
CA SER D 158 -21.20 -13.70 -51.48
C SER D 158 -19.88 -13.06 -51.91
N LEU D 159 -18.87 -13.08 -51.06
CA LEU D 159 -17.57 -12.54 -51.43
C LEU D 159 -16.74 -13.53 -52.25
N VAL D 160 -17.03 -14.83 -52.16
CA VAL D 160 -16.23 -15.82 -52.88
C VAL D 160 -17.02 -16.53 -53.97
N LEU D 161 -18.33 -16.32 -54.05
CA LEU D 161 -19.15 -16.95 -55.07
C LEU D 161 -20.06 -15.89 -55.69
N PRO D 162 -20.40 -16.05 -56.96
CA PRO D 162 -21.26 -15.06 -57.63
C PRO D 162 -22.74 -15.26 -57.30
N LEU D 163 -23.08 -15.16 -56.01
CA LEU D 163 -24.44 -15.41 -55.56
C LEU D 163 -25.38 -14.33 -56.06
N GLN D 164 -26.52 -14.77 -56.61
CA GLN D 164 -27.58 -13.85 -56.98
C GLN D 164 -28.87 -14.08 -56.21
N ARG D 165 -28.97 -15.15 -55.45
CA ARG D 165 -30.21 -15.54 -54.81
C ARG D 165 -29.89 -16.34 -53.54
N ALA D 166 -30.60 -16.03 -52.46
CA ALA D 166 -30.53 -16.77 -51.21
C ALA D 166 -31.93 -17.28 -50.87
N LEU D 167 -32.11 -18.60 -50.89
CA LEU D 167 -33.36 -19.24 -50.46
C LEU D 167 -33.24 -19.59 -48.98
N VAL D 168 -34.14 -19.07 -48.15
CA VAL D 168 -33.92 -19.10 -46.71
C VAL D 168 -35.14 -19.60 -45.94
N TRP D 169 -34.87 -20.32 -44.85
CA TRP D 169 -35.92 -20.83 -43.99
C TRP D 169 -35.51 -20.75 -42.53
N ASP D 170 -36.49 -20.47 -41.68
CA ASP D 170 -36.35 -20.48 -40.22
C ASP D 170 -37.68 -20.96 -39.67
N THR D 171 -37.62 -21.71 -38.56
CA THR D 171 -38.86 -22.14 -37.94
C THR D 171 -39.59 -21.00 -37.25
N ASP D 172 -38.92 -19.92 -36.91
CA ASP D 172 -39.58 -18.77 -36.29
C ASP D 172 -39.99 -17.79 -37.40
N PRO D 173 -41.29 -17.50 -37.57
CA PRO D 173 -41.70 -16.62 -38.68
C PRO D 173 -41.07 -15.25 -38.60
N ALA D 174 -41.01 -14.66 -37.40
CA ALA D 174 -40.40 -13.35 -37.24
C ALA D 174 -38.95 -13.35 -37.72
N HIS D 175 -38.21 -14.44 -37.45
CA HIS D 175 -36.78 -14.47 -37.78
C HIS D 175 -36.57 -14.64 -39.28
N ARG D 176 -37.40 -15.42 -39.95
CA ARG D 176 -37.20 -15.48 -41.40
C ARG D 176 -37.69 -14.21 -42.10
N GLU D 177 -38.71 -13.53 -41.54
CA GLU D 177 -39.20 -12.30 -42.15
C GLU D 177 -38.17 -11.18 -42.08
N SER D 178 -37.39 -11.12 -40.99
CA SER D 178 -36.44 -10.02 -40.82
C SER D 178 -35.11 -10.26 -41.52
N PHE D 179 -34.88 -11.46 -42.06
CA PHE D 179 -33.54 -11.75 -42.59
C PHE D 179 -33.19 -10.84 -43.77
N ALA D 180 -34.13 -10.61 -44.68
CA ALA D 180 -33.81 -9.79 -45.85
C ALA D 180 -33.31 -8.41 -45.44
N ARG D 181 -33.90 -7.82 -44.39
CA ARG D 181 -33.42 -6.54 -43.90
C ARG D 181 -31.97 -6.64 -43.42
N ARG D 182 -31.66 -7.68 -42.64
CA ARG D 182 -30.31 -7.87 -42.15
C ARG D 182 -29.33 -8.24 -43.25
N ALA D 183 -29.82 -8.78 -44.37
CA ALA D 183 -29.00 -9.18 -45.49
C ALA D 183 -28.83 -8.09 -46.55
N ALA D 184 -29.53 -6.96 -46.41
CA ALA D 184 -29.64 -5.99 -47.50
C ALA D 184 -28.29 -5.50 -47.98
N PHE D 185 -27.35 -5.26 -47.05
CA PHE D 185 -26.05 -4.69 -47.42
C PHE D 185 -25.32 -5.56 -48.44
N THR D 186 -25.65 -6.86 -48.51
CA THR D 186 -24.96 -7.74 -49.45
C THR D 186 -25.49 -7.63 -50.88
N GLY D 187 -26.68 -7.08 -51.08
CA GLY D 187 -27.26 -7.01 -52.41
C GLY D 187 -27.78 -8.32 -52.97
N VAL D 188 -27.62 -9.43 -52.25
CA VAL D 188 -28.14 -10.73 -52.71
C VAL D 188 -29.63 -10.78 -52.43
N SER D 189 -30.43 -11.05 -53.47
CA SER D 189 -31.88 -11.15 -53.27
C SER D 189 -32.22 -12.35 -52.38
N VAL D 190 -33.01 -12.09 -51.35
CA VAL D 190 -33.42 -13.09 -50.37
C VAL D 190 -34.86 -13.47 -50.64
N GLU D 191 -35.15 -14.78 -50.65
CA GLU D 191 -36.54 -15.22 -50.66
C GLU D 191 -36.73 -16.37 -49.69
N ILE D 192 -37.85 -16.32 -48.98
CA ILE D 192 -38.21 -17.40 -48.07
C ILE D 192 -38.62 -18.62 -48.87
N ALA D 193 -38.09 -19.78 -48.49
CA ALA D 193 -38.38 -21.03 -49.16
C ALA D 193 -38.36 -22.13 -48.12
N GLU D 194 -39.28 -23.09 -48.23
CA GLU D 194 -39.29 -24.21 -47.32
C GLU D 194 -38.10 -25.13 -47.58
N PRO D 195 -37.70 -25.93 -46.59
CA PRO D 195 -36.44 -26.68 -46.71
C PRO D 195 -36.37 -27.61 -47.91
N ALA D 196 -37.47 -28.23 -48.30
CA ALA D 196 -37.44 -29.13 -49.46
C ALA D 196 -37.11 -28.35 -50.73
N ARG D 197 -37.68 -27.15 -50.88
CA ARG D 197 -37.32 -26.30 -52.02
C ARG D 197 -35.86 -25.90 -51.99
N ILE D 198 -35.35 -25.57 -50.79
CA ILE D 198 -33.94 -25.19 -50.67
C ILE D 198 -33.06 -26.35 -51.10
N ALA D 199 -33.34 -27.55 -50.57
CA ALA D 199 -32.55 -28.73 -50.92
C ALA D 199 -32.55 -28.95 -52.42
N ALA D 200 -33.69 -28.72 -53.09
CA ALA D 200 -33.80 -29.01 -54.51
C ALA D 200 -33.09 -27.98 -55.38
N GLU D 201 -33.04 -26.71 -54.96
CA GLU D 201 -32.63 -25.63 -55.84
C GLU D 201 -31.25 -25.04 -55.54
N ALA D 202 -30.69 -25.26 -54.35
CA ALA D 202 -29.47 -24.54 -53.99
C ALA D 202 -28.23 -25.18 -54.62
N ASP D 203 -27.26 -24.33 -54.98
CA ASP D 203 -25.93 -24.80 -55.33
C ASP D 203 -25.06 -24.98 -54.08
N VAL D 204 -25.31 -24.17 -53.05
CA VAL D 204 -24.59 -24.20 -51.78
C VAL D 204 -25.60 -23.96 -50.67
N ILE D 205 -25.42 -24.62 -49.54
CA ILE D 205 -26.30 -24.45 -48.39
C ILE D 205 -25.43 -24.29 -47.15
N SER D 206 -25.82 -23.38 -46.26
CA SER D 206 -25.32 -23.38 -44.89
C SER D 206 -26.50 -23.63 -43.96
N THR D 207 -26.34 -24.61 -43.07
CA THR D 207 -27.28 -24.80 -41.98
C THR D 207 -26.65 -24.21 -40.72
N ALA D 208 -27.39 -23.32 -40.04
CA ALA D 208 -26.90 -22.66 -38.85
C ALA D 208 -28.10 -22.38 -37.95
N THR D 209 -28.59 -23.44 -37.31
CA THR D 209 -29.80 -23.37 -36.51
C THR D 209 -29.52 -23.60 -35.03
N SER D 210 -30.46 -23.14 -34.21
CA SER D 210 -30.49 -23.52 -32.81
C SER D 210 -31.35 -24.76 -32.57
N VAL D 211 -31.38 -25.70 -33.52
CA VAL D 211 -32.23 -26.87 -33.35
C VAL D 211 -31.79 -27.62 -32.09
N ALA D 212 -32.77 -28.15 -31.36
CA ALA D 212 -32.50 -28.88 -30.13
C ALA D 212 -31.83 -30.23 -30.43
N VAL D 213 -31.17 -30.77 -29.40
CA VAL D 213 -30.61 -32.12 -29.47
C VAL D 213 -31.70 -33.09 -29.88
N GLY D 214 -31.38 -33.93 -30.87
CA GLY D 214 -32.27 -34.99 -31.30
C GLY D 214 -33.41 -34.56 -32.19
N GLN D 215 -33.47 -33.29 -32.59
CA GLN D 215 -34.62 -32.79 -33.33
C GLN D 215 -34.26 -32.48 -34.77
N GLY D 216 -33.07 -32.87 -35.24
CA GLY D 216 -32.76 -32.84 -36.64
C GLY D 216 -33.47 -33.95 -37.37
N PRO D 217 -33.30 -33.99 -38.70
CA PRO D 217 -32.56 -33.00 -39.50
C PRO D 217 -33.38 -31.73 -39.77
N VAL D 218 -32.69 -30.65 -40.14
CA VAL D 218 -33.35 -29.40 -40.50
C VAL D 218 -33.46 -29.24 -42.02
N LEU D 219 -32.84 -30.14 -42.78
CA LEU D 219 -32.90 -30.23 -44.23
C LEU D 219 -33.32 -31.65 -44.57
N PRO D 220 -34.37 -31.84 -45.37
CA PRO D 220 -34.81 -33.22 -45.65
C PRO D 220 -33.93 -33.90 -46.68
N ASP D 221 -33.83 -35.23 -46.55
CA ASP D 221 -33.11 -36.06 -47.50
C ASP D 221 -34.03 -36.32 -48.68
N THR D 222 -34.02 -35.39 -49.63
CA THR D 222 -34.78 -35.55 -50.86
C THR D 222 -33.85 -35.18 -52.00
N GLY D 223 -34.43 -34.75 -53.12
CA GLY D 223 -33.62 -34.43 -54.27
C GLY D 223 -32.69 -33.26 -54.00
N VAL D 224 -31.39 -33.44 -54.27
CA VAL D 224 -30.44 -32.34 -54.24
C VAL D 224 -29.73 -32.31 -55.57
N ARG D 225 -29.20 -31.13 -55.92
CA ARG D 225 -28.41 -31.02 -57.13
C ARG D 225 -27.08 -31.73 -56.96
N GLU D 226 -26.56 -32.26 -58.07
CA GLU D 226 -25.42 -33.17 -58.02
C GLU D 226 -24.20 -32.53 -57.36
N HIS D 227 -23.99 -31.24 -57.60
CA HIS D 227 -22.80 -30.51 -57.16
C HIS D 227 -22.96 -29.87 -55.80
N LEU D 228 -24.08 -30.07 -55.11
CA LEU D 228 -24.38 -29.35 -53.89
C LEU D 228 -23.24 -29.44 -52.90
N HIS D 229 -22.87 -28.30 -52.33
CA HIS D 229 -22.00 -28.22 -51.17
C HIS D 229 -22.77 -27.67 -49.98
N ILE D 230 -22.64 -28.33 -48.83
CA ILE D 230 -23.30 -27.91 -47.58
C ILE D 230 -22.23 -27.53 -46.56
N ASN D 231 -22.38 -26.33 -45.97
CA ASN D 231 -21.68 -25.96 -44.74
C ASN D 231 -22.59 -26.26 -43.57
N ALA D 232 -22.26 -27.29 -42.79
CA ALA D 232 -23.04 -27.62 -41.61
C ALA D 232 -22.40 -26.87 -40.44
N VAL D 233 -23.05 -25.77 -40.03
CA VAL D 233 -22.44 -24.79 -39.14
C VAL D 233 -23.02 -24.90 -37.73
N GLY D 234 -24.28 -25.32 -37.62
CA GLY D 234 -24.87 -25.49 -36.30
C GLY D 234 -24.04 -26.46 -35.47
N ALA D 235 -23.86 -26.11 -34.19
CA ALA D 235 -23.05 -26.89 -33.25
C ALA D 235 -23.13 -26.27 -31.86
N ASP D 236 -23.45 -27.09 -30.87
CA ASP D 236 -23.48 -26.64 -29.49
C ASP D 236 -23.38 -27.83 -28.54
N LEU D 237 -24.46 -28.58 -28.40
CA LEU D 237 -24.56 -29.69 -27.44
C LEU D 237 -24.27 -31.03 -28.11
N VAL D 238 -23.76 -31.97 -27.31
CA VAL D 238 -23.62 -33.34 -27.80
C VAL D 238 -24.99 -33.85 -28.20
N GLY D 239 -25.07 -34.46 -29.39
CA GLY D 239 -26.32 -34.97 -29.90
C GLY D 239 -27.05 -34.03 -30.84
N LYS D 240 -26.56 -32.81 -31.02
CA LYS D 240 -27.19 -31.86 -31.93
C LYS D 240 -26.60 -32.05 -33.32
N THR D 241 -27.47 -32.37 -34.28
CA THR D 241 -27.10 -32.46 -35.68
C THR D 241 -28.20 -31.84 -36.52
N GLU D 242 -27.85 -31.55 -37.78
CA GLU D 242 -28.73 -30.82 -38.68
C GLU D 242 -29.00 -31.53 -39.99
N LEU D 243 -28.12 -32.44 -40.44
CA LEU D 243 -28.28 -33.03 -41.75
C LEU D 243 -28.82 -34.46 -41.63
N PRO D 244 -29.52 -34.93 -42.66
CA PRO D 244 -29.96 -36.33 -42.66
C PRO D 244 -28.79 -37.27 -42.88
N LEU D 245 -28.81 -38.40 -42.16
CA LEU D 245 -27.72 -39.36 -42.27
C LEU D 245 -27.57 -39.87 -43.71
N GLY D 246 -28.69 -40.14 -44.38
CA GLY D 246 -28.62 -40.66 -45.75
C GLY D 246 -27.86 -39.73 -46.69
N LEU D 247 -28.03 -38.42 -46.51
CA LEU D 247 -27.27 -37.47 -47.30
C LEU D 247 -25.80 -37.49 -46.91
N LEU D 248 -25.54 -37.50 -45.60
CA LEU D 248 -24.17 -37.46 -45.10
C LEU D 248 -23.36 -38.66 -45.58
N GLU D 249 -23.98 -39.84 -45.57
CA GLU D 249 -23.28 -41.07 -45.91
C GLU D 249 -22.84 -41.13 -47.37
N ARG D 250 -23.48 -40.36 -48.26
CA ARG D 250 -23.05 -40.33 -49.65
C ARG D 250 -22.33 -39.03 -50.01
N ALA D 251 -21.88 -38.26 -49.02
CA ALA D 251 -21.16 -37.03 -49.27
C ALA D 251 -19.67 -37.22 -49.03
N PHE D 252 -18.88 -36.41 -49.73
CA PHE D 252 -17.51 -36.15 -49.33
C PHE D 252 -17.54 -35.18 -48.14
N VAL D 253 -17.08 -35.62 -46.97
CA VAL D 253 -17.19 -34.83 -45.75
C VAL D 253 -15.80 -34.39 -45.30
N THR D 254 -15.63 -33.09 -45.11
CA THR D 254 -14.41 -32.55 -44.54
C THR D 254 -14.75 -31.78 -43.26
N ALA D 255 -14.05 -32.11 -42.17
CA ALA D 255 -14.25 -31.44 -40.90
C ALA D 255 -13.20 -30.36 -40.70
N ASP D 256 -13.58 -29.27 -40.00
CA ASP D 256 -12.59 -28.26 -39.66
C ASP D 256 -11.64 -28.79 -38.59
N HIS D 257 -12.15 -29.64 -37.71
CA HIS D 257 -11.40 -30.15 -36.55
C HIS D 257 -11.95 -31.53 -36.29
N PRO D 258 -11.33 -32.57 -36.87
CA PRO D 258 -11.98 -33.90 -36.87
C PRO D 258 -12.38 -34.40 -35.50
N GLU D 259 -11.46 -34.36 -34.53
CA GLU D 259 -11.81 -34.84 -33.19
C GLU D 259 -12.98 -34.05 -32.61
N GLN D 260 -12.98 -32.73 -32.78
CA GLN D 260 -14.07 -31.93 -32.24
C GLN D 260 -15.38 -32.20 -32.99
N ALA D 261 -15.31 -32.38 -34.30
CA ALA D 261 -16.50 -32.62 -35.09
C ALA D 261 -17.09 -34.01 -34.81
N LEU D 262 -16.24 -35.00 -34.52
CA LEU D 262 -16.79 -36.30 -34.16
C LEU D 262 -17.57 -36.23 -32.87
N ARG D 263 -17.29 -35.24 -32.01
CA ARG D 263 -18.03 -35.10 -30.76
C ARG D 263 -19.22 -34.15 -30.86
N GLU D 264 -19.09 -33.06 -31.65
CA GLU D 264 -20.10 -32.02 -31.66
C GLU D 264 -20.60 -31.61 -33.05
N GLY D 265 -20.06 -32.19 -34.13
CA GLY D 265 -20.46 -31.85 -35.48
C GLY D 265 -21.36 -32.89 -36.10
N GLU D 266 -21.59 -32.75 -37.41
CA GLU D 266 -22.28 -33.78 -38.15
C GLU D 266 -21.54 -35.10 -38.10
N CYS D 267 -20.22 -35.04 -37.91
CA CYS D 267 -19.44 -36.27 -37.85
C CYS D 267 -19.79 -37.12 -36.64
N GLN D 268 -20.58 -36.60 -35.70
CA GLN D 268 -21.23 -37.45 -34.71
C GLN D 268 -21.92 -38.65 -35.35
N GLN D 269 -22.48 -38.48 -36.54
CA GLN D 269 -23.23 -39.51 -37.22
C GLN D 269 -22.37 -40.47 -38.04
N LEU D 270 -21.07 -40.27 -38.09
CA LEU D 270 -20.19 -41.02 -38.97
C LEU D 270 -19.05 -41.66 -38.20
N SER D 271 -18.33 -42.53 -38.89
CA SER D 271 -17.11 -43.12 -38.36
C SER D 271 -15.92 -42.26 -38.78
N ALA D 272 -14.92 -42.19 -37.90
CA ALA D 272 -13.72 -41.45 -38.22
C ALA D 272 -13.09 -41.89 -39.55
N ASP D 273 -13.33 -43.15 -39.94
CA ASP D 273 -12.74 -43.68 -41.17
C ASP D 273 -13.45 -43.22 -42.43
N ARG D 274 -14.69 -42.74 -42.32
CA ARG D 274 -15.46 -42.35 -43.50
C ARG D 274 -15.19 -40.90 -43.94
N LEU D 275 -14.50 -40.11 -43.11
CA LEU D 275 -14.28 -38.70 -43.42
C LEU D 275 -13.20 -38.54 -44.49
N GLY D 276 -13.39 -37.52 -45.33
CA GLY D 276 -12.33 -37.08 -46.20
C GLY D 276 -11.25 -36.37 -45.41
N PRO D 277 -10.24 -35.87 -46.11
CA PRO D 277 -9.20 -35.08 -45.44
C PRO D 277 -9.80 -33.84 -44.80
N GLN D 278 -9.21 -33.43 -43.69
CA GLN D 278 -9.72 -32.29 -42.95
C GLN D 278 -9.46 -31.00 -43.72
N LEU D 279 -10.16 -29.93 -43.30
CA LEU D 279 -10.12 -28.68 -44.07
C LEU D 279 -8.68 -28.17 -44.22
N ALA D 280 -7.85 -28.31 -43.18
CA ALA D 280 -6.47 -27.85 -43.28
C ALA D 280 -5.70 -28.60 -44.36
N HIS D 281 -5.95 -29.89 -44.52
CA HIS D 281 -5.26 -30.66 -45.55
C HIS D 281 -5.66 -30.20 -46.94
N LEU D 282 -6.94 -29.90 -47.13
CA LEU D 282 -7.41 -29.36 -48.40
C LEU D 282 -6.83 -27.97 -48.66
N CYS D 283 -6.65 -27.16 -47.62
CA CYS D 283 -6.08 -25.83 -47.83
C CYS D 283 -4.60 -25.91 -48.21
N ALA D 284 -3.86 -26.85 -47.59
CA ALA D 284 -2.46 -27.00 -47.96
C ALA D 284 -2.30 -27.64 -49.33
N ASP D 285 -3.27 -28.45 -49.74
CA ASP D 285 -3.18 -29.23 -50.98
C ASP D 285 -4.55 -29.25 -51.63
N PRO D 286 -4.94 -28.16 -52.29
CA PRO D 286 -6.27 -28.10 -52.91
C PRO D 286 -6.51 -29.19 -53.94
N ALA D 287 -5.46 -29.78 -54.50
CA ALA D 287 -5.63 -30.90 -55.42
C ALA D 287 -6.37 -32.06 -54.77
N ALA D 288 -6.24 -32.20 -53.44
CA ALA D 288 -6.98 -33.23 -52.73
C ALA D 288 -8.48 -33.04 -52.84
N ALA D 289 -8.93 -31.85 -53.26
CA ALA D 289 -10.35 -31.57 -53.46
C ALA D 289 -10.75 -31.62 -54.93
N ALA D 290 -9.85 -32.03 -55.82
CA ALA D 290 -10.17 -32.05 -57.25
C ALA D 290 -11.33 -32.99 -57.52
N GLY D 291 -12.27 -32.52 -58.33
CA GLY D 291 -13.46 -33.29 -58.66
C GLY D 291 -14.57 -33.23 -57.65
N ARG D 292 -14.33 -32.68 -56.45
CA ARG D 292 -15.35 -32.68 -55.40
C ARG D 292 -16.35 -31.54 -55.56
N GLN D 293 -16.02 -30.51 -56.34
CA GLN D 293 -16.97 -29.44 -56.57
C GLN D 293 -18.21 -29.96 -57.30
N ASP D 294 -18.05 -30.94 -58.17
CA ASP D 294 -19.14 -31.41 -59.01
C ASP D 294 -19.97 -32.52 -58.38
N THR D 295 -19.61 -33.00 -57.20
CA THR D 295 -20.39 -34.01 -56.49
C THR D 295 -20.76 -33.48 -55.10
N LEU D 296 -21.47 -34.30 -54.34
CA LEU D 296 -21.99 -33.87 -53.04
C LEU D 296 -20.85 -33.74 -52.05
N SER D 297 -20.79 -32.58 -51.37
CA SER D 297 -19.75 -32.35 -50.37
C SER D 297 -20.36 -31.67 -49.15
N VAL D 298 -19.77 -31.94 -47.99
CA VAL D 298 -20.19 -31.36 -46.73
C VAL D 298 -18.96 -30.87 -45.98
N PHE D 299 -18.98 -29.61 -45.56
CA PHE D 299 -18.00 -29.04 -44.64
C PHE D 299 -18.65 -29.09 -43.26
N ASP D 300 -18.08 -29.90 -42.38
CA ASP D 300 -18.58 -30.01 -41.01
C ASP D 300 -17.84 -28.99 -40.17
N SER D 301 -18.55 -27.93 -39.77
CA SER D 301 -17.95 -26.81 -39.05
C SER D 301 -18.39 -26.82 -37.59
N THR D 302 -17.42 -26.86 -36.68
CA THR D 302 -17.68 -26.64 -35.26
C THR D 302 -17.02 -25.37 -34.74
N GLY D 303 -16.04 -24.83 -35.46
CA GLY D 303 -15.28 -23.70 -34.95
C GLY D 303 -14.17 -24.17 -34.02
N PHE D 304 -13.03 -23.49 -34.04
CA PHE D 304 -12.00 -23.78 -33.05
C PHE D 304 -11.19 -22.52 -32.82
N ALA D 305 -10.54 -22.48 -31.66
CA ALA D 305 -10.02 -21.23 -31.12
C ALA D 305 -8.93 -20.61 -31.97
N PHE D 306 -8.20 -21.40 -32.77
CA PHE D 306 -7.24 -20.81 -33.70
C PHE D 306 -7.91 -19.81 -34.63
N GLU D 307 -9.13 -20.13 -35.08
CA GLU D 307 -9.87 -19.18 -35.91
C GLU D 307 -10.11 -17.86 -35.17
N ASP D 308 -10.40 -17.96 -33.86
CA ASP D 308 -10.65 -16.76 -33.08
C ASP D 308 -9.37 -15.95 -32.87
N ALA D 309 -8.25 -16.65 -32.70
CA ALA D 309 -6.97 -15.96 -32.55
C ALA D 309 -6.63 -15.20 -33.83
N LEU D 310 -6.84 -15.82 -34.98
CA LEU D 310 -6.54 -15.17 -36.25
C LEU D 310 -7.43 -13.97 -36.49
N ALA D 311 -8.73 -14.13 -36.22
CA ALA D 311 -9.66 -13.02 -36.36
C ALA D 311 -9.37 -11.93 -35.35
N MET D 312 -8.93 -12.29 -34.14
CA MET D 312 -8.58 -11.26 -33.17
C MET D 312 -7.37 -10.47 -33.64
N GLU D 313 -6.41 -11.14 -34.27
CA GLU D 313 -5.23 -10.44 -34.81
C GLU D 313 -5.64 -9.37 -35.82
N VAL D 314 -6.56 -9.71 -36.72
CA VAL D 314 -7.03 -8.74 -37.71
C VAL D 314 -7.60 -7.51 -37.02
N PHE D 315 -8.43 -7.73 -35.99
CA PHE D 315 -9.01 -6.61 -35.25
C PHE D 315 -7.94 -5.80 -34.54
N LEU D 316 -6.96 -6.47 -33.92
CA LEU D 316 -5.96 -5.75 -33.16
C LEU D 316 -5.08 -4.89 -34.08
N GLU D 317 -4.71 -5.41 -35.25
CA GLU D 317 -3.95 -4.62 -36.21
C GLU D 317 -4.70 -3.36 -36.61
N ALA D 318 -6.00 -3.50 -36.93
CA ALA D 318 -6.77 -2.35 -37.39
C ALA D 318 -7.00 -1.36 -36.25
N ALA D 319 -7.24 -1.86 -35.04
CA ALA D 319 -7.46 -0.99 -33.89
C ALA D 319 -6.19 -0.24 -33.53
N ALA D 320 -5.04 -0.92 -33.63
CA ALA D 320 -3.78 -0.26 -33.32
C ALA D 320 -3.49 0.86 -34.31
N GLU D 321 -3.74 0.59 -35.59
CA GLU D 321 -3.57 1.60 -36.63
C GLU D 321 -4.32 2.89 -36.31
N ARG D 322 -5.47 2.78 -35.66
CA ARG D 322 -6.35 3.92 -35.42
C ARG D 322 -6.39 4.33 -33.96
N ASP D 323 -5.47 3.81 -33.13
CA ASP D 323 -5.36 4.18 -31.72
C ASP D 323 -6.67 3.95 -30.97
N LEU D 324 -7.34 2.84 -31.28
CA LEU D 324 -8.62 2.53 -30.65
C LEU D 324 -8.41 1.71 -29.38
N GLY D 325 -9.42 1.75 -28.52
CA GLY D 325 -9.42 0.95 -27.30
C GLY D 325 -8.93 1.76 -26.11
N ILE D 326 -8.98 1.10 -24.95
CA ILE D 326 -8.52 1.70 -23.70
C ILE D 326 -7.53 0.76 -23.04
N ARG D 327 -6.77 1.32 -22.12
CA ARG D 327 -5.80 0.57 -21.32
C ARG D 327 -6.31 0.52 -19.89
N VAL D 328 -6.43 -0.69 -19.33
CA VAL D 328 -6.96 -0.86 -17.98
C VAL D 328 -6.00 -1.75 -17.21
N GLY D 329 -5.52 -1.26 -16.07
CA GLY D 329 -4.73 -2.09 -15.19
C GLY D 329 -5.63 -2.98 -14.38
N ILE D 330 -5.78 -4.24 -14.81
CA ILE D 330 -6.68 -5.18 -14.15
C ILE D 330 -5.86 -6.04 -13.19
N GLU D 331 -4.85 -6.72 -13.73
CA GLU D 331 -3.98 -7.55 -12.90
C GLU D 331 -3.19 -6.71 -11.93
N HIS D 332 -3.02 -7.24 -10.72
CA HIS D 332 -2.21 -6.62 -9.69
C HIS D 332 -0.77 -7.12 -9.89
N HIS D 333 0.14 -6.21 -10.24
CA HIS D 333 1.57 -6.51 -10.36
C HIS D 333 2.26 -5.89 -9.16
N PRO D 334 2.46 -6.64 -8.07
CA PRO D 334 3.02 -6.04 -6.86
C PRO D 334 4.43 -5.51 -7.12
N GLY D 335 4.77 -4.43 -6.41
CA GLY D 335 6.10 -3.86 -6.55
C GLY D 335 7.19 -4.83 -6.12
N ASP D 336 6.86 -5.75 -5.23
CA ASP D 336 7.70 -6.88 -4.84
C ASP D 336 6.96 -8.12 -5.33
N ALA D 337 7.53 -8.80 -6.34
CA ALA D 337 6.87 -9.95 -6.96
C ALA D 337 6.61 -11.08 -5.98
N LEU D 338 7.36 -11.15 -4.87
CA LEU D 338 7.15 -12.18 -3.85
C LEU D 338 6.22 -11.74 -2.74
N ASP D 339 5.55 -10.59 -2.90
CA ASP D 339 4.72 -10.03 -1.83
C ASP D 339 3.35 -9.68 -2.41
N PRO D 340 2.36 -10.55 -2.24
CA PRO D 340 1.02 -10.25 -2.79
C PRO D 340 0.37 -9.03 -2.16
N TYR D 341 0.81 -8.61 -0.98
CA TYR D 341 0.28 -7.40 -0.34
C TYR D 341 0.97 -6.11 -0.78
N ALA D 342 2.00 -6.18 -1.63
CA ALA D 342 2.71 -4.99 -2.09
C ALA D 342 1.92 -4.34 -3.24
N LEU D 343 0.78 -3.76 -2.88
CA LEU D 343 -0.04 -3.12 -3.89
C LEU D 343 0.65 -1.83 -4.38
N GLN D 344 0.66 -1.66 -5.70
CA GLN D 344 1.50 -0.65 -6.32
C GLN D 344 0.66 0.29 -7.18
NA NA E . -7.93 27.16 12.66
PA NAD F . -1.92 20.87 1.11
O1A NAD F . -0.88 21.76 0.47
O2A NAD F . -1.90 19.37 0.88
O5B NAD F . -3.37 21.37 0.68
C5B NAD F . -3.75 22.74 0.79
C4B NAD F . -4.63 23.01 -0.41
O4B NAD F . -5.29 24.27 -0.24
C3B NAD F . -3.86 23.08 -1.72
O3B NAD F . -4.43 22.15 -2.64
C2B NAD F . -4.07 24.52 -2.19
O2B NAD F . -4.16 24.68 -3.61
C1B NAD F . -5.39 24.86 -1.53
N9A NAD F . -5.66 26.30 -1.36
C8A NAD F . -4.77 27.28 -1.14
N7A NAD F . -5.41 28.47 -1.04
C5A NAD F . -6.73 28.24 -1.21
C6A NAD F . -7.95 29.05 -1.26
N6A NAD F . -7.90 30.39 -1.07
N1A NAD F . -9.11 28.39 -1.47
C2A NAD F . -9.20 27.06 -1.65
N3A NAD F . -8.12 26.26 -1.65
C4A NAD F . -6.89 26.81 -1.43
O3 NAD F . -1.84 21.12 2.71
PN NAD F . -2.59 20.29 3.85
O1N NAD F . -3.96 19.91 3.33
O2N NAD F . -1.65 19.28 4.43
O5D NAD F . -2.77 21.42 5.00
C5D NAD F . -3.77 22.45 4.83
C4D NAD F . -3.82 23.33 6.08
O4D NAD F . -4.14 22.56 7.23
C3D NAD F . -2.48 23.99 6.38
O3D NAD F . -2.73 25.33 6.88
C2D NAD F . -1.91 23.12 7.49
O2D NAD F . -0.89 23.79 8.23
C1D NAD F . -3.19 22.83 8.25
N1N NAD F . -3.12 21.73 9.20
C2N NAD F . -3.87 21.83 10.31
C3N NAD F . -3.86 20.81 11.26
C7N NAD F . -4.70 20.94 12.49
O7N NAD F . -4.53 20.17 13.41
N7N NAD F . -5.70 21.86 12.51
C4N NAD F . -3.07 19.67 11.04
C5N NAD F . -2.33 19.59 9.87
C6N NAD F . -2.38 20.64 8.94
NA NA G . 24.76 29.24 34.18
PA NAD H . 26.63 15.06 36.34
O1A NAD H . 25.49 14.54 37.19
O2A NAD H . 27.46 14.18 35.47
O5B NAD H . 27.64 15.85 37.30
C5B NAD H . 27.13 16.77 38.28
C4B NAD H . 28.03 16.62 39.50
O4B NAD H . 27.77 17.68 40.41
C3B NAD H . 27.77 15.32 40.28
O3B NAD H . 29.00 14.57 40.36
C2B NAD H . 27.31 15.77 41.66
O2B NAD H . 27.81 14.89 42.68
C1B NAD H . 27.93 17.15 41.73
N9A NAD H . 27.32 18.09 42.69
C8A NAD H . 26.03 18.23 43.01
N7A NAD H . 25.88 19.22 43.91
C5A NAD H . 27.10 19.73 44.18
C6A NAD H . 27.64 20.79 45.05
N6A NAD H . 26.86 21.53 45.85
N1A NAD H . 28.98 20.98 45.02
C2A NAD H . 29.80 20.26 44.24
N3A NAD H . 29.37 19.27 43.43
C4A NAD H . 28.05 18.97 43.36
O3 NAD H . 25.94 16.27 35.50
PN NAD H . 26.69 17.06 34.28
O1N NAD H . 28.12 17.28 34.65
O2N NAD H . 26.35 16.39 32.96
O5D NAD H . 25.87 18.44 34.36
C5D NAD H . 26.21 19.43 35.33
C4D NAD H . 25.37 20.68 35.13
O4D NAD H . 25.72 21.33 33.89
C3D NAD H . 23.87 20.38 35.03
O3D NAD H . 23.23 21.48 35.66
C2D NAD H . 23.60 20.45 33.54
O2D NAD H . 22.23 20.73 33.25
C1D NAD H . 24.52 21.59 33.15
N1N NAD H . 24.84 21.66 31.73
C2N NAD H . 25.06 22.87 31.21
C3N NAD H . 25.38 22.98 29.87
C7N NAD H . 25.65 24.33 29.29
O7N NAD H . 25.77 24.46 28.08
N7N NAD H . 25.82 25.35 30.16
C4N NAD H . 25.49 21.85 29.06
C5N NAD H . 25.29 20.59 29.65
C6N NAD H . 24.97 20.54 31.00
NA NA I . -0.76 -30.04 -3.47
PA NAD J . 6.74 -17.99 -5.86
O1A NAD J . 7.58 -18.19 -7.11
O2A NAD J . 6.41 -16.63 -5.34
O5B NAD J . 7.41 -18.79 -4.64
C5B NAD J . 7.91 -20.10 -4.82
C4B NAD J . 9.15 -20.24 -3.96
O4B NAD J . 9.52 -21.62 -3.82
C3B NAD J . 10.33 -19.49 -4.58
O3B NAD J . 10.80 -18.57 -3.59
C2B NAD J . 11.34 -20.59 -4.86
O2B NAD J . 12.71 -20.20 -4.67
C1B NAD J . 10.95 -21.63 -3.82
N9A NAD J . 11.40 -23.00 -4.07
C8A NAD J . 11.54 -23.63 -5.25
N7A NAD J . 11.98 -24.89 -5.05
C5A NAD J . 12.14 -25.07 -3.72
C6A NAD J . 12.59 -26.14 -2.83
N6A NAD J . 12.96 -27.34 -3.36
N1A NAD J . 12.61 -25.92 -1.50
C2A NAD J . 12.25 -24.73 -0.97
N3A NAD J . 11.84 -23.68 -1.72
C4A NAD J . 11.76 -23.81 -3.07
O3 NAD J . 5.41 -18.87 -6.14
PN NAD J . 4.06 -18.88 -5.24
O1N NAD J . 4.42 -18.80 -3.78
O2N NAD J . 3.10 -17.90 -5.87
O5D NAD J . 3.57 -20.37 -5.61
C5D NAD J . 4.10 -21.51 -4.91
C4D NAD J . 3.36 -22.79 -5.32
O4D NAD J . 2.01 -22.78 -4.81
C3D NAD J . 3.27 -22.96 -6.82
O3D NAD J . 3.36 -24.37 -7.08
C2D NAD J . 1.86 -22.47 -7.13
O2D NAD J . 1.34 -22.95 -8.37
C1D NAD J . 1.12 -23.01 -5.92
N1N NAD J . -0.19 -22.41 -5.68
C2N NAD J . -1.13 -23.19 -5.11
C3N NAD J . -2.40 -22.69 -4.87
C7N NAD J . -3.39 -23.59 -4.19
O7N NAD J . -4.56 -23.23 -4.14
N7N NAD J . -2.95 -24.72 -3.62
C4N NAD J . -2.71 -21.37 -5.21
C5N NAD J . -1.71 -20.57 -5.78
C6N NAD J . -0.44 -21.12 -6.00
NA NA K . -21.35 -29.07 -37.20
PA NAD L . -29.47 -17.64 -33.50
O1A NAD L . -30.32 -17.96 -32.30
O2A NAD L . -29.13 -16.18 -33.81
O5B NAD L . -30.08 -18.27 -34.84
C5B NAD L . -30.47 -19.64 -34.86
C4B NAD L . -31.77 -19.72 -35.63
O4B NAD L . -32.13 -21.09 -35.82
C3B NAD L . -32.95 -19.08 -34.89
O3B NAD L . -33.45 -17.99 -35.68
C2B NAD L . -33.95 -20.22 -34.76
O2B NAD L . -35.32 -19.80 -34.85
C1B NAD L . -33.56 -21.12 -35.91
N9A NAD L . -33.94 -22.53 -35.86
C8A NAD L . -34.01 -23.32 -34.77
N7A NAD L . -34.37 -24.59 -35.12
C5A NAD L . -34.54 -24.60 -36.46
C6A NAD L . -34.92 -25.60 -37.47
N6A NAD L . -35.22 -26.86 -37.09
N1A NAD L . -34.98 -25.20 -38.76
C2A NAD L . -34.69 -23.94 -39.15
N3A NAD L . -34.35 -22.97 -38.28
C4A NAD L . -34.26 -23.25 -36.95
O3 NAD L . -28.09 -18.47 -33.32
PN NAD L . -26.74 -18.34 -34.20
O1N NAD L . -27.09 -18.13 -35.65
O2N NAD L . -25.82 -17.38 -33.48
O5D NAD L . -26.14 -19.82 -34.07
C5D NAD L . -26.69 -20.92 -34.81
C4D NAD L . -25.86 -22.17 -34.56
O4D NAD L . -24.51 -22.01 -35.03
C3D NAD L . -25.75 -22.50 -33.08
O3D NAD L . -25.82 -23.93 -32.96
C2D NAD L . -24.37 -22.00 -32.71
O2D NAD L . -23.85 -22.58 -31.48
C1D NAD L . -23.61 -22.36 -33.98
N1N NAD L . -22.32 -21.69 -34.14
C2N NAD L . -21.34 -22.35 -34.79
C3N NAD L . -20.08 -21.79 -34.97
C7N NAD L . -19.03 -22.56 -35.71
O7N NAD L . -17.89 -22.15 -35.75
N7N NAD L . -19.40 -23.65 -36.38
C4N NAD L . -19.84 -20.50 -34.50
C5N NAD L . -20.89 -19.81 -33.88
C6N NAD L . -22.12 -20.43 -33.71
#